data_2O3V
# 
_entry.id   2O3V 
# 
_audit_conform.dict_name       mmcif_pdbx.dic 
_audit_conform.dict_version    5.383 
_audit_conform.dict_location   http://mmcif.pdb.org/dictionaries/ascii/mmcif_pdbx.dic 
# 
loop_
_database_2.database_id 
_database_2.database_code 
_database_2.pdbx_database_accession 
_database_2.pdbx_DOI 
PDB   2O3V         pdb_00002o3v 10.2210/pdb2o3v/pdb 
NDB   DR0037       ?            ?                   
RCSB  RCSB040653   ?            ?                   
WWPDB D_1000040653 ?            ?                   
# 
loop_
_pdbx_audit_revision_history.ordinal 
_pdbx_audit_revision_history.data_content_type 
_pdbx_audit_revision_history.major_revision 
_pdbx_audit_revision_history.minor_revision 
_pdbx_audit_revision_history.revision_date 
1 'Structure model' 1 0 2007-11-06 
2 'Structure model' 1 1 2011-07-13 
3 'Structure model' 1 2 2023-12-27 
# 
_pdbx_audit_revision_details.ordinal             1 
_pdbx_audit_revision_details.revision_ordinal    1 
_pdbx_audit_revision_details.data_content_type   'Structure model' 
_pdbx_audit_revision_details.provider            repository 
_pdbx_audit_revision_details.type                'Initial release' 
_pdbx_audit_revision_details.description         ? 
_pdbx_audit_revision_details.details             ? 
# 
loop_
_pdbx_audit_revision_group.ordinal 
_pdbx_audit_revision_group.revision_ordinal 
_pdbx_audit_revision_group.data_content_type 
_pdbx_audit_revision_group.group 
1 2 'Structure model' 'Version format compliance' 
2 3 'Structure model' 'Data collection'           
3 3 'Structure model' 'Database references'       
4 3 'Structure model' 'Derived calculations'      
# 
loop_
_pdbx_audit_revision_category.ordinal 
_pdbx_audit_revision_category.revision_ordinal 
_pdbx_audit_revision_category.data_content_type 
_pdbx_audit_revision_category.category 
1 3 'Structure model' chem_comp_atom 
2 3 'Structure model' chem_comp_bond 
3 3 'Structure model' database_2     
4 3 'Structure model' struct_ref_seq 
5 3 'Structure model' struct_site    
# 
loop_
_pdbx_audit_revision_item.ordinal 
_pdbx_audit_revision_item.revision_ordinal 
_pdbx_audit_revision_item.data_content_type 
_pdbx_audit_revision_item.item 
1 3 'Structure model' '_database_2.pdbx_DOI'                
2 3 'Structure model' '_database_2.pdbx_database_accession' 
3 3 'Structure model' '_struct_ref_seq.db_align_beg'        
4 3 'Structure model' '_struct_ref_seq.db_align_end'        
5 3 'Structure model' '_struct_site.pdbx_auth_asym_id'      
6 3 'Structure model' '_struct_site.pdbx_auth_comp_id'      
7 3 'Structure model' '_struct_site.pdbx_auth_seq_id'       
# 
_pdbx_database_status.entry_id                        2O3V 
_pdbx_database_status.deposit_site                    RCSB 
_pdbx_database_status.process_site                    RCSB 
_pdbx_database_status.recvd_initial_deposition_date   2006-12-02 
_pdbx_database_status.status_code                     REL 
_pdbx_database_status.status_code_sf                  REL 
_pdbx_database_status.status_code_mr                  ? 
_pdbx_database_status.SG_entry                        ? 
_pdbx_database_status.pdb_format_compatible           Y 
_pdbx_database_status.status_code_cs                  ? 
_pdbx_database_status.status_code_nmr_data            ? 
_pdbx_database_status.methods_development_category    ? 
# 
loop_
_pdbx_database_related.db_name 
_pdbx_database_related.db_id 
_pdbx_database_related.details 
_pdbx_database_related.content_type 
PDB 2G5K 'Homo sapiens cytoplasmic A site complexed with apramycin (Cyto/Apramycin)'                                           
unspecified 
PDB 2FQN 'Homo sapiens cytoplasmic A site without any aminoglycosides (Cyto-Free)'                                             
unspecified 
PDB 2O3W 'Crystal Structure of the Homo sapiens Cytoplasmic Ribosomal Decoding Site in presence of paromomycin'                
unspecified 
PDB 2O3X 'Crystal Structure of the Prokaryotic Ribosomal Decoding Site Complexed with Paromamine Derivative NB30'              
unspecified 
PDB 2O3Y 'Crystal Structure of the Homo sapiens Cytoplasmic Ribosomal Decoding Site in Presence of Paromamine Derivative NB30' 
unspecified 
# 
loop_
_audit_author.name 
_audit_author.pdbx_ordinal 
'Kondo, J.'           1 
'Hainrichson, M.'     2 
'Nudelman, I.'        3 
'Shallom-Shezifi, D.' 4 
'Baasov, T.'          5 
'Westhof, E.'         6 
# 
_citation.id                        primary 
_citation.title                     
'Differential Selectivity of Natural and Synthetic Aminoglycosides towards the Eukaryotic and Prokaryotic Decoding A Sites.' 
_citation.journal_abbrev            Chembiochem 
_citation.journal_volume            8 
_citation.page_first                1700 
_citation.page_last                 1709 
_citation.year                      2007 
_citation.journal_id_ASTM           ? 
_citation.country                   GE 
_citation.journal_id_ISSN           1439-4227 
_citation.journal_id_CSD            ? 
_citation.book_publisher            ? 
_citation.pdbx_database_id_PubMed   17705310 
_citation.pdbx_database_id_DOI      10.1002/cbic.200700271 
# 
loop_
_citation_author.citation_id 
_citation_author.name 
_citation_author.ordinal 
_citation_author.identifier_ORCID 
primary 'Kondo, J.'           1 ? 
primary 'Hainrichson, M.'     2 ? 
primary 'Nudelman, I.'        3 ? 
primary 'Shallom-Shezifi, D.' 4 ? 
primary 'Barbieri, C.M.'      5 ? 
primary 'Pilch, D.S.'         6 ? 
primary 'Westhof, E.'         7 ? 
primary 'Baasov, T.'          8 ? 
# 
loop_
_entity.id 
_entity.type 
_entity.src_method 
_entity.pdbx_description 
_entity.formula_weight 
_entity.pdbx_number_of_molecules 
_entity.pdbx_ec 
_entity.pdbx_mutation 
_entity.pdbx_fragment 
_entity.details 
1 polymer     syn 
;RNA (5'-R(*UP*UP*GP*CP*GP*UP*CP*GP*CP*UP*CP*CP*GP*GP*AP*AP*AP*AP*GP*UP*CP*GP*C)-3')
;
7355.409 2  ? ? ? ? 
2 non-polymer syn 
;(2S,3R,4R,5S,6R)-3-AMINO-4-({[(2S,3R,4R,5S,6R)-3-AMINO-2-{[(1R,2R,3S,4R,6S)-4,6-DIAMINO-2,3-DIHYDROXYCYCLOHEXYL]OXY}-5-HYDROXY-6-(HYDROXYMETHYL)TETRAHYDRO-2H-PYRAN-4-YL]OXY}METHOXY)-6-(HYDROXYMETHYL)TETRAHYDRO-2H-PYRAN-2,5-DIOL
;
514.525  1  ? ? ? ? 
3 water       nat water 18.015   41 ? ? ? ? 
# 
_entity_poly.entity_id                      1 
_entity_poly.type                           polyribonucleotide 
_entity_poly.nstd_linkage                   no 
_entity_poly.nstd_monomer                   no 
_entity_poly.pdbx_seq_one_letter_code       UUGCGUCGCUCCGGAAAAGUCGC 
_entity_poly.pdbx_seq_one_letter_code_can   UUGCGUCGCUCCGGAAAAGUCGC 
_entity_poly.pdbx_strand_id                 A,B 
_entity_poly.pdbx_target_identifier         ? 
# 
loop_
_pdbx_entity_nonpoly.entity_id 
_pdbx_entity_nonpoly.name 
_pdbx_entity_nonpoly.comp_id 
2 
;(2S,3R,4R,5S,6R)-3-AMINO-4-({[(2S,3R,4R,5S,6R)-3-AMINO-2-{[(1R,2R,3S,4R,6S)-4,6-DIAMINO-2,3-DIHYDROXYCYCLOHEXYL]OXY}-5-HYDROXY-6-(HYDROXYMETHYL)TETRAHYDRO-2H-PYRAN-4-YL]OXY}METHOXY)-6-(HYDROXYMETHYL)TETRAHYDRO-2H-PYRAN-2,5-DIOL
;
N33 
3 water HOH 
# 
loop_
_entity_poly_seq.entity_id 
_entity_poly_seq.num 
_entity_poly_seq.mon_id 
_entity_poly_seq.hetero 
1 1  U n 
1 2  U n 
1 3  G n 
1 4  C n 
1 5  G n 
1 6  U n 
1 7  C n 
1 8  G n 
1 9  C n 
1 10 U n 
1 11 C n 
1 12 C n 
1 13 G n 
1 14 G n 
1 15 A n 
1 16 A n 
1 17 A n 
1 18 A n 
1 19 G n 
1 20 U n 
1 21 C n 
1 22 G n 
1 23 C n 
# 
_pdbx_entity_src_syn.entity_id              1 
_pdbx_entity_src_syn.pdbx_src_id            1 
_pdbx_entity_src_syn.pdbx_alt_source_flag   sample 
_pdbx_entity_src_syn.pdbx_beg_seq_num       ? 
_pdbx_entity_src_syn.pdbx_end_seq_num       ? 
_pdbx_entity_src_syn.organism_scientific    ? 
_pdbx_entity_src_syn.organism_common_name   ? 
_pdbx_entity_src_syn.ncbi_taxonomy_id       ? 
_pdbx_entity_src_syn.details                'Chemically synthesized' 
# 
loop_
_chem_comp.id 
_chem_comp.type 
_chem_comp.mon_nstd_flag 
_chem_comp.name 
_chem_comp.pdbx_synonyms 
_chem_comp.formula 
_chem_comp.formula_weight 
A   'RNA linking' y "ADENOSINE-5'-MONOPHOSPHATE" ? 'C10 H14 N5 O7 P' 347.221 
C   'RNA linking' y "CYTIDINE-5'-MONOPHOSPHATE" ? 'C9 H14 N3 O8 P'  323.197 
G   'RNA linking' y "GUANOSINE-5'-MONOPHOSPHATE" ? 'C10 H14 N5 O8 P' 363.221 
HOH non-polymer   . WATER ? 'H2 O'            18.015  
N33 non-polymer   . 
;(2S,3R,4R,5S,6R)-3-AMINO-4-({[(2S,3R,4R,5S,6R)-3-AMINO-2-{[(1R,2R,3S,4R,6S)-4,6-DIAMINO-2,3-DIHYDROXYCYCLOHEXYL]OXY}-5-HYDROXY-6-(HYDROXYMETHYL)TETRAHYDRO-2H-PYRAN-4-YL]OXY}METHOXY)-6-(HYDROXYMETHYL)TETRAHYDRO-2H-PYRAN-2,5-DIOL
;
? 'C19 H38 N4 O12'  514.525 
U   'RNA linking' y "URIDINE-5'-MONOPHOSPHATE" ? 'C9 H13 N2 O9 P'  324.181 
# 
loop_
_pdbx_poly_seq_scheme.asym_id 
_pdbx_poly_seq_scheme.entity_id 
_pdbx_poly_seq_scheme.seq_id 
_pdbx_poly_seq_scheme.mon_id 
_pdbx_poly_seq_scheme.ndb_seq_num 
_pdbx_poly_seq_scheme.pdb_seq_num 
_pdbx_poly_seq_scheme.auth_seq_num 
_pdbx_poly_seq_scheme.pdb_mon_id 
_pdbx_poly_seq_scheme.auth_mon_id 
_pdbx_poly_seq_scheme.pdb_strand_id 
_pdbx_poly_seq_scheme.pdb_ins_code 
_pdbx_poly_seq_scheme.hetero 
A 1 1  U 1  1  ?  ? ? A . n 
A 1 2  U 2  2  2  U U A . n 
A 1 3  G 3  3  3  G G A . n 
A 1 4  C 4  4  4  C C A . n 
A 1 5  G 5  5  5  G G A . n 
A 1 6  U 6  6  6  U U A . n 
A 1 7  C 7  7  7  C C A . n 
A 1 8  G 8  8  8  G G A . n 
A 1 9  C 9  9  9  C C A . n 
A 1 10 U 10 10 10 U U A . n 
A 1 11 C 11 11 11 C C A . n 
A 1 12 C 12 12 12 C C A . n 
A 1 13 G 13 13 13 G G A . n 
A 1 14 G 14 14 14 G G A . n 
A 1 15 A 15 15 15 A A A . n 
A 1 16 A 16 16 16 A A A . n 
A 1 17 A 17 17 17 A A A . n 
A 1 18 A 18 18 18 A A A . n 
A 1 19 G 19 19 19 G G A . n 
A 1 20 U 20 20 20 U U A . n 
A 1 21 C 21 21 21 C C A . n 
A 1 22 G 22 22 22 G G A . n 
A 1 23 C 23 23 23 C C A . n 
B 1 1  U 1  24 ?  ? ? B . n 
B 1 2  U 2  25 ?  ? ? B . n 
B 1 3  G 3  26 26 G G B . n 
B 1 4  C 4  27 27 C C B . n 
B 1 5  G 5  28 28 G G B . n 
B 1 6  U 6  29 29 U U B . n 
B 1 7  C 7  30 30 C C B . n 
B 1 8  G 8  31 31 G G B . n 
B 1 9  C 9  32 32 C C B . n 
B 1 10 U 10 33 33 U U B . n 
B 1 11 C 11 34 34 C C B . n 
B 1 12 C 12 35 35 C C B . n 
B 1 13 G 13 36 36 G G B . n 
B 1 14 G 14 37 37 G G B . n 
B 1 15 A 15 38 38 A A B . n 
B 1 16 A 16 39 39 A A B . n 
B 1 17 A 17 40 40 A A B . n 
B 1 18 A 18 41 41 A A B . n 
B 1 19 G 19 42 42 G G B . n 
B 1 20 U 20 43 43 U U B . n 
B 1 21 C 21 44 44 C C B . n 
B 1 22 G 22 45 45 G G B . n 
B 1 23 C 23 46 46 C C B . n 
# 
loop_
_pdbx_nonpoly_scheme.asym_id 
_pdbx_nonpoly_scheme.entity_id 
_pdbx_nonpoly_scheme.mon_id 
_pdbx_nonpoly_scheme.ndb_seq_num 
_pdbx_nonpoly_scheme.pdb_seq_num 
_pdbx_nonpoly_scheme.auth_seq_num 
_pdbx_nonpoly_scheme.pdb_mon_id 
_pdbx_nonpoly_scheme.auth_mon_id 
_pdbx_nonpoly_scheme.pdb_strand_id 
_pdbx_nonpoly_scheme.pdb_ins_code 
C 2 N33 1  50  50  N33 N33 A . 
D 3 HOH 1  101 101 HOH HOH A . 
D 3 HOH 2  103 103 HOH HOH A . 
D 3 HOH 3  104 104 HOH HOH A . 
D 3 HOH 4  106 106 HOH HOH A . 
D 3 HOH 5  107 107 HOH HOH A . 
D 3 HOH 6  108 108 HOH HOH A . 
D 3 HOH 7  112 112 HOH HOH A . 
D 3 HOH 8  113 113 HOH HOH A . 
D 3 HOH 9  114 114 HOH HOH A . 
D 3 HOH 10 115 115 HOH HOH A . 
D 3 HOH 11 116 116 HOH HOH A . 
D 3 HOH 12 119 119 HOH HOH A . 
D 3 HOH 13 120 120 HOH HOH A . 
D 3 HOH 14 121 121 HOH HOH A . 
D 3 HOH 15 122 122 HOH HOH A . 
D 3 HOH 16 123 123 HOH HOH A . 
D 3 HOH 17 124 124 HOH HOH A . 
D 3 HOH 18 125 125 HOH HOH A . 
D 3 HOH 19 126 126 HOH HOH A . 
D 3 HOH 20 127 127 HOH HOH A . 
D 3 HOH 21 128 128 HOH HOH A . 
D 3 HOH 22 130 130 HOH HOH A . 
D 3 HOH 23 136 136 HOH HOH A . 
D 3 HOH 24 137 137 HOH HOH A . 
D 3 HOH 25 138 138 HOH HOH A . 
D 3 HOH 26 141 141 HOH HOH A . 
E 3 HOH 1  102 102 HOH HOH B . 
E 3 HOH 2  105 105 HOH HOH B . 
E 3 HOH 3  109 109 HOH HOH B . 
E 3 HOH 4  110 110 HOH HOH B . 
E 3 HOH 5  111 111 HOH HOH B . 
E 3 HOH 6  117 117 HOH HOH B . 
E 3 HOH 7  118 118 HOH HOH B . 
E 3 HOH 8  129 129 HOH HOH B . 
E 3 HOH 9  131 131 HOH HOH B . 
E 3 HOH 10 132 132 HOH HOH B . 
E 3 HOH 11 133 133 HOH HOH B . 
E 3 HOH 12 134 134 HOH HOH B . 
E 3 HOH 13 135 135 HOH HOH B . 
E 3 HOH 14 139 139 HOH HOH B . 
E 3 HOH 15 140 140 HOH HOH B . 
# 
loop_
_software.name 
_software.version 
_software.date 
_software.type 
_software.contact_author 
_software.contact_author_email 
_software.classification 
_software.location 
_software.language 
_software.citation_id 
_software.pdbx_ordinal 
d*TREK       9.4SSI 'Apr 27 2005'    package 'Pflugrath, J.W.' jwp@RigakuMSC.com        'data processing' 
http://www.msc.com/protein/dtrek.html ?          ? 1 
CNS          .      ?                package 'Axel T. Brunger' axel.brunger@yale.edu    refinement        
http://cns.csb.yale.edu/v1.1/         Fortran_77 ? 2 
PDB_EXTRACT  2.000  'April. 3, 2006' package PDB               sw-help@rcsb.rutgers.edu 'data extraction' 
http://pdb.rutgers.edu/software/      C++        ? 3 
CrystalClear .      ?                ?       ?                 ?                        'data collection' ? ?          ? 4 
CrystalClear .      ?                ?       ?                 ?                        'data reduction'  ? ?          ? 5 
CrystalClear .      ?                ?       ?                 ?                        'data scaling'    ? ?          ? 6 
AMoRE        .      ?                ?       ?                 ?                        phasing           ? ?          ? 7 
# 
_cell.length_a           28.620 
_cell.length_b           41.220 
_cell.length_c           56.910 
_cell.angle_alpha        90.000 
_cell.angle_beta         104.320 
_cell.angle_gamma        90.000 
_cell.entry_id           2O3V 
_cell.pdbx_unique_axis   ? 
_cell.Z_PDB              4 
_cell.length_a_esd       ? 
_cell.length_b_esd       ? 
_cell.length_c_esd       ? 
_cell.angle_alpha_esd    ? 
_cell.angle_beta_esd     ? 
_cell.angle_gamma_esd    ? 
# 
_symmetry.space_group_name_H-M             'P 1 21 1' 
_symmetry.entry_id                         2O3V 
_symmetry.Int_Tables_number                4 
_symmetry.pdbx_full_space_group_name_H-M   ? 
_symmetry.cell_setting                     ? 
_symmetry.space_group_name_Hall            ? 
# 
_exptl.crystals_number   1 
_exptl.entry_id          2O3V 
_exptl.method            'X-RAY DIFFRACTION' 
# 
_exptl_crystal.id                    1 
_exptl_crystal.density_Matthews      2.21 
_exptl_crystal.density_meas          ? 
_exptl_crystal.density_percent_sol   44.37 
_exptl_crystal.description           ? 
_exptl_crystal.F_000                 ? 
_exptl_crystal.preparation           ? 
# 
_exptl_crystal_grow.crystal_id      1 
_exptl_crystal_grow.method          'VAPOR DIFFUSION' 
_exptl_crystal_grow.pH              6.5 
_exptl_crystal_grow.temp            300 
_exptl_crystal_grow.temp_details    ? 
_exptl_crystal_grow.pdbx_details    
;Sodium Cacodylate, Potassium chloride, 2-methyl-2,4-pentanediol, hexammine cobalt chloride, pH 6.5, VAPOR DIFFUSION, temperature 300K
;
_exptl_crystal_grow.pdbx_pH_range   . 
# 
loop_
_exptl_crystal_grow_comp.crystal_id 
_exptl_crystal_grow_comp.id 
_exptl_crystal_grow_comp.sol_id 
_exptl_crystal_grow_comp.name 
_exptl_crystal_grow_comp.conc 
_exptl_crystal_grow_comp.volume 
_exptl_crystal_grow_comp.details 
1 1 1 'Sodium Cacodylate'         ? ? ? 
1 2 1 'Potassium chloride'        ? ? ? 
1 3 1 2-methyl-2,4-pentanediol    ? ? ? 
1 4 1 'hexammine cobalt chloride' ? ? ? 
1 5 2 'Potassium chloride'        ? ? ? 
1 6 2 2-methyl-2,4-pentanediol    ? ? ? 
1 7 2 'hexammine cobalt chloride' ? ? ? 
# 
_diffrn.id                     1 
_diffrn.ambient_temp           100 
_diffrn.ambient_temp_details   ? 
_diffrn.crystal_id             1 
# 
_diffrn_detector.diffrn_id              1 
_diffrn_detector.detector               CCD 
_diffrn_detector.type                   'ADSC QUANTUM 315' 
_diffrn_detector.pdbx_collection_date   2006-05-22 
_diffrn_detector.details                ? 
# 
_diffrn_radiation.diffrn_id                        1 
_diffrn_radiation.wavelength_id                    1 
_diffrn_radiation.pdbx_diffrn_protocol             'SINGLE WAVELENGTH' 
_diffrn_radiation.monochromator                    'Si(111)' 
_diffrn_radiation.pdbx_monochromatic_or_laue_m_l   M 
_diffrn_radiation.pdbx_scattering_type             x-ray 
# 
_diffrn_radiation_wavelength.id           1 
_diffrn_radiation_wavelength.wavelength   0.9737 
_diffrn_radiation_wavelength.wt           1.0 
# 
_diffrn_source.diffrn_id                   1 
_diffrn_source.source                      SYNCHROTRON 
_diffrn_source.type                        'ESRF BEAMLINE ID29' 
_diffrn_source.pdbx_wavelength             ? 
_diffrn_source.pdbx_wavelength_list        0.9737 
_diffrn_source.pdbx_synchrotron_site       ESRF 
_diffrn_source.pdbx_synchrotron_beamline   ID29 
# 
_reflns.entry_id                     2O3V 
_reflns.d_resolution_high            2.800 
_reflns.d_resolution_low             27.730 
_reflns.number_obs                   3225 
_reflns.pdbx_scaling_rejects         85 
_reflns.pdbx_Rmerge_I_obs            0.06 
_reflns.pdbx_netI_over_sigmaI        11.000 
_reflns.pdbx_chi_squared             0.960 
_reflns.pdbx_redundancy              3.460 
_reflns.percent_possible_obs         99.300 
_reflns.observed_criterion_sigma_F   ? 
_reflns.observed_criterion_sigma_I   ? 
_reflns.number_all                   ? 
_reflns.pdbx_Rsym_value              ? 
_reflns.B_iso_Wilson_estimate        ? 
_reflns.R_free_details               ? 
_reflns.pdbx_diffrn_id               1 
_reflns.pdbx_ordinal                 1 
# 
loop_
_reflns_shell.d_res_high 
_reflns_shell.d_res_low 
_reflns_shell.number_measured_obs 
_reflns_shell.number_measured_all 
_reflns_shell.number_unique_obs 
_reflns_shell.Rmerge_I_obs 
_reflns_shell.meanI_over_sigI_obs 
_reflns_shell.pdbx_Rsym_value 
_reflns_shell.pdbx_chi_squared 
_reflns_shell.pdbx_redundancy 
_reflns_shell.percent_possible_obs 
_reflns_shell.number_unique_all 
_reflns_shell.percent_possible_all 
_reflns_shell.pdbx_diffrn_id 
_reflns_shell.pdbx_ordinal 
2.80 2.90  ? 1144 ? 0.362 2.7  ? 0.900 3.59 ? 318 100.00 ? 1  
2.90 3.02  ? 1101 ? 0.209 4.1  ? 0.950 3.55 ? 310 100.00 ? 2  
3.02 3.15  ? 1186 ? 0.137 6.0  ? 0.860 3.60 ? 328 100.00 ? 3  
3.15 3.32  ? 1135 ? 0.121 6.4  ? 0.890 3.57 ? 318 100.00 ? 4  
3.32 3.53  ? 1191 ? 0.098 8.1  ? 0.920 3.58 ? 331 100.00 ? 5  
3.53 3.80  ? 1117 ? 0.08  10.6 ? 1.040 3.52 ? 316 100.00 ? 6  
3.80 4.18  ? 1164 ? 0.068 13.0 ? 0.850 3.48 ? 334 99.70  ? 7  
4.18 4.78  ? 1124 ? 0.059 15.8 ? 0.940 3.41 ? 326 99.70  ? 8  
4.78 6.01  ? 1090 ? 0.05  20.1 ? 1.140 3.36 ? 320 100.00 ? 9  
6.01 27.73 ? 1000 ? 0.037 26.4 ? 1.100 2.97 ? 324 93.60  ? 10 
# 
_refine.entry_id                                 2O3V 
_refine.ls_d_res_high                            2.800 
_refine.ls_d_res_low                             27.73 
_refine.pdbx_ls_sigma_F                          3 
_refine.ls_percent_reflns_obs                    92.100 
_refine.ls_number_reflns_obs                     2995 
_refine.ls_R_factor_R_work                       0.232 
_refine.ls_R_factor_R_free                       0.29 
_refine.ls_percent_reflns_R_free                 8.800 
_refine.ls_number_reflns_R_free                  286 
_refine.B_iso_mean                               81.814 
_refine.solvent_model_param_bsol                 98.047 
_refine.aniso_B[1][1]                            8.345 
_refine.aniso_B[2][2]                            3.709 
_refine.aniso_B[3][3]                            -12.054 
_refine.aniso_B[1][2]                            0.000 
_refine.aniso_B[1][3]                            3.312 
_refine.aniso_B[2][3]                            0.000 
_refine.overall_FOM_work_R_set                   0.660 
_refine.pdbx_ls_sigma_I                          ? 
_refine.ls_number_reflns_all                     ? 
_refine.ls_R_factor_all                          ? 
_refine.ls_R_factor_obs                          ? 
_refine.ls_redundancy_reflns_obs                 ? 
_refine.pdbx_data_cutoff_high_absF               ? 
_refine.pdbx_data_cutoff_low_absF                ? 
_refine.ls_number_parameters                     ? 
_refine.ls_number_restraints                     ? 
_refine.ls_R_factor_R_free_error                 ? 
_refine.ls_R_factor_R_free_error_details         ? 
_refine.pdbx_method_to_determine_struct          'MOLECULAR REPLACEMENT' 
_refine.pdbx_starting_model                      ? 
_refine.pdbx_ls_cross_valid_method               ? 
_refine.pdbx_R_Free_selection_details            ? 
_refine.pdbx_stereochem_target_val_spec_case     ? 
_refine.pdbx_stereochemistry_target_values       
;G. Parkinson, J. Vojtechovsky, L. Clowney, A.T. Brunger, H.M. Berman, New Parameters for the Refinement of Nucleic Acid Containing Structures, Acta Cryst. D, 52, 57-64 (1996).
;
_refine.solvent_model_details                    ? 
_refine.solvent_model_param_ksol                 ? 
_refine.occupancy_max                            ? 
_refine.occupancy_min                            ? 
_refine.pdbx_isotropic_thermal_model             ? 
_refine.details                                  ? 
_refine.correlation_coeff_Fo_to_Fc               ? 
_refine.correlation_coeff_Fo_to_Fc_free          ? 
_refine.pdbx_solvent_vdw_probe_radii             ? 
_refine.pdbx_solvent_ion_probe_radii             ? 
_refine.pdbx_solvent_shrinkage_radii             ? 
_refine.overall_SU_R_Cruickshank_DPI             ? 
_refine.overall_SU_R_free                        ? 
_refine.overall_SU_ML                            ? 
_refine.overall_SU_B                             ? 
_refine.pdbx_overall_ESU_R_Free                  ? 
_refine.pdbx_data_cutoff_high_rms_absF           ? 
_refine.pdbx_overall_ESU_R                       ? 
_refine.ls_wR_factor_R_free                      ? 
_refine.ls_wR_factor_R_work                      ? 
_refine.overall_FOM_free_R_set                   ? 
_refine.pdbx_refine_id                           'X-RAY DIFFRACTION' 
_refine.pdbx_diffrn_id                           1 
_refine.pdbx_TLS_residual_ADP_flag               ? 
_refine.pdbx_overall_phase_error                 ? 
_refine.pdbx_overall_SU_R_free_Cruickshank_DPI   ? 
_refine.pdbx_overall_SU_R_Blow_DPI               ? 
_refine.pdbx_overall_SU_R_free_Blow_DPI          ? 
# 
_refine_hist.pdbx_refine_id                   'X-RAY DIFFRACTION' 
_refine_hist.cycle_id                         LAST 
_refine_hist.pdbx_number_atoms_protein        0 
_refine_hist.pdbx_number_atoms_nucleic_acid   918 
_refine_hist.pdbx_number_atoms_ligand         35 
_refine_hist.number_atoms_solvent             41 
_refine_hist.number_atoms_total               994 
_refine_hist.d_res_high                       2.800 
_refine_hist.d_res_low                        27.73 
# 
loop_
_refine_ls_restr.type 
_refine_ls_restr.number 
_refine_ls_restr.dev_ideal 
_refine_ls_restr.dev_ideal_target 
_refine_ls_restr.weight 
_refine_ls_restr.pdbx_refine_id 
_refine_ls_restr.pdbx_restraint_function 
c_bond_d           ? 0.006 1.500 ? 'X-RAY DIFFRACTION' ? 
c_angle_d          ? 1.031 2.000 ? 'X-RAY DIFFRACTION' ? 
c_improper_angle_d ? 1.4   ?     ? 'X-RAY DIFFRACTION' ? 
# 
loop_
_refine_ls_shell.d_res_high 
_refine_ls_shell.d_res_low 
_refine_ls_shell.pdbx_total_number_of_bins_used 
_refine_ls_shell.percent_reflns_obs 
_refine_ls_shell.number_reflns_R_work 
_refine_ls_shell.R_factor_all 
_refine_ls_shell.R_factor_R_work 
_refine_ls_shell.R_factor_R_free 
_refine_ls_shell.percent_reflns_R_free 
_refine_ls_shell.number_reflns_R_free 
_refine_ls_shell.R_factor_R_free_error 
_refine_ls_shell.number_reflns_all 
_refine_ls_shell.number_reflns_obs 
_refine_ls_shell.redundancy_reflns_obs 
_refine_ls_shell.pdbx_refine_id 
2.800 2.920  8 . 349 . 0.605 0.586 . 43 . . 392 . 'X-RAY DIFFRACTION' 
2.920 3.070  8 . 329 . 0.448 0.284 . 39 . . 368 . 'X-RAY DIFFRACTION' 
3.070 3.260  8 . 364 . 0.298 0.462 . 38 . . 402 . 'X-RAY DIFFRACTION' 
3.260 3.500  8 . 366 . 0.279 0.392 . 38 . . 404 . 'X-RAY DIFFRACTION' 
3.500 3.840  8 . 353 . 0.249 0.322 . 42 . . 395 . 'X-RAY DIFFRACTION' 
3.840 4.350  8 . 354 . 0.264 0.281 . 39 . . 393 . 'X-RAY DIFFRACTION' 
4.350 5.340  8 . 367 . 0.258 0.356 . 34 . . 401 . 'X-RAY DIFFRACTION' 
5.340 10.000 8 . 376 . 0.318 0.442 . 43 . . 419 . 'X-RAY DIFFRACTION' 
# 
loop_
_pdbx_xplor_file.serial_no 
_pdbx_xplor_file.param_file 
_pdbx_xplor_file.topol_file 
_pdbx_xplor_file.pdbx_refine_id 
1 CNS_TOPPAR:dna-rna_rep.param CNS_TOPPAR:dna-rna.top 'X-RAY DIFFRACTION' 
2 nb22_xplor.param             nb22_xplor.top         'X-RAY DIFFRACTION' 
3 CNS_TOPPAR:ion.param         CNS_TOPPAR:ion.top     'X-RAY DIFFRACTION' 
4 CNS_TOPPAR:water_rep.param   CNS_TOPPAR:water.top   'X-RAY DIFFRACTION' 
# 
_struct.entry_id                  2O3V 
_struct.title                     
'Crystal Structure of the Homo sapiens Cytoplasmic Ribosomal Decoding Site complexed with paromamine derivative NB33' 
_struct.pdbx_model_details        ? 
_struct.pdbx_CASP_flag            ? 
_struct.pdbx_model_type_details   ? 
# 
_struct_keywords.entry_id        2O3V 
_struct_keywords.pdbx_keywords   RNA 
_struct_keywords.text            
;aminoglycoside, antibiotics, ribosome, decoding site, Homo sapiens, Eukaryote, cytoplasmic, Translation inhibition, Stop codon readthrough, RNA
;
# 
loop_
_struct_asym.id 
_struct_asym.pdbx_blank_PDB_chainid_flag 
_struct_asym.pdbx_modified 
_struct_asym.entity_id 
_struct_asym.details 
A N N 1 ? 
B N N 1 ? 
C N N 2 ? 
D N N 3 ? 
E N N 3 ? 
# 
_struct_ref.id                         1 
_struct_ref.db_code                    2O3V 
_struct_ref.db_name                    PDB 
_struct_ref.entity_id                  1 
_struct_ref.pdbx_db_accession          2O3V 
_struct_ref.pdbx_align_begin           1 
_struct_ref.pdbx_seq_one_letter_code   UUGCGUCGCUCCGGAAAAGUCGC 
_struct_ref.pdbx_db_isoform            ? 
# 
loop_
_struct_ref_seq.align_id 
_struct_ref_seq.ref_id 
_struct_ref_seq.pdbx_PDB_id_code 
_struct_ref_seq.pdbx_strand_id 
_struct_ref_seq.seq_align_beg 
_struct_ref_seq.pdbx_seq_align_beg_ins_code 
_struct_ref_seq.seq_align_end 
_struct_ref_seq.pdbx_seq_align_end_ins_code 
_struct_ref_seq.pdbx_db_accession 
_struct_ref_seq.db_align_beg 
_struct_ref_seq.pdbx_db_align_beg_ins_code 
_struct_ref_seq.db_align_end 
_struct_ref_seq.pdbx_db_align_end_ins_code 
_struct_ref_seq.pdbx_auth_seq_align_beg 
_struct_ref_seq.pdbx_auth_seq_align_end 
1 1 2O3V A 1 ? 23 ? 2O3V 1  ? 23 ? 1  23 
2 1 2O3V B 1 ? 23 ? 2O3V 24 ? 46 ? 24 46 
# 
_pdbx_struct_assembly.id                   1 
_pdbx_struct_assembly.details              author_defined_assembly 
_pdbx_struct_assembly.method_details       ? 
_pdbx_struct_assembly.oligomeric_details   dimeric 
_pdbx_struct_assembly.oligomeric_count     2 
# 
_pdbx_struct_assembly_gen.assembly_id       1 
_pdbx_struct_assembly_gen.oper_expression   1 
_pdbx_struct_assembly_gen.asym_id_list      A,B,C,D,E 
# 
_pdbx_struct_oper_list.id                   1 
_pdbx_struct_oper_list.type                 'identity operation' 
_pdbx_struct_oper_list.name                 1_555 
_pdbx_struct_oper_list.symmetry_operation   x,y,z 
_pdbx_struct_oper_list.matrix[1][1]         1.0000000000 
_pdbx_struct_oper_list.matrix[1][2]         0.0000000000 
_pdbx_struct_oper_list.matrix[1][3]         0.0000000000 
_pdbx_struct_oper_list.vector[1]            0.0000000000 
_pdbx_struct_oper_list.matrix[2][1]         0.0000000000 
_pdbx_struct_oper_list.matrix[2][2]         1.0000000000 
_pdbx_struct_oper_list.matrix[2][3]         0.0000000000 
_pdbx_struct_oper_list.vector[2]            0.0000000000 
_pdbx_struct_oper_list.matrix[3][1]         0.0000000000 
_pdbx_struct_oper_list.matrix[3][2]         0.0000000000 
_pdbx_struct_oper_list.matrix[3][3]         1.0000000000 
_pdbx_struct_oper_list.vector[3]            0.0000000000 
# 
_struct_biol.id        1 
_struct_biol.details   ? 
# 
loop_
_struct_conn.id 
_struct_conn.conn_type_id 
_struct_conn.pdbx_leaving_atom_flag 
_struct_conn.pdbx_PDB_id 
_struct_conn.ptnr1_label_asym_id 
_struct_conn.ptnr1_label_comp_id 
_struct_conn.ptnr1_label_seq_id 
_struct_conn.ptnr1_label_atom_id 
_struct_conn.pdbx_ptnr1_label_alt_id 
_struct_conn.pdbx_ptnr1_PDB_ins_code 
_struct_conn.pdbx_ptnr1_standard_comp_id 
_struct_conn.ptnr1_symmetry 
_struct_conn.ptnr2_label_asym_id 
_struct_conn.ptnr2_label_comp_id 
_struct_conn.ptnr2_label_seq_id 
_struct_conn.ptnr2_label_atom_id 
_struct_conn.pdbx_ptnr2_label_alt_id 
_struct_conn.pdbx_ptnr2_PDB_ins_code 
_struct_conn.ptnr1_auth_asym_id 
_struct_conn.ptnr1_auth_comp_id 
_struct_conn.ptnr1_auth_seq_id 
_struct_conn.ptnr2_auth_asym_id 
_struct_conn.ptnr2_auth_comp_id 
_struct_conn.ptnr2_auth_seq_id 
_struct_conn.ptnr2_symmetry 
_struct_conn.pdbx_ptnr3_label_atom_id 
_struct_conn.pdbx_ptnr3_label_seq_id 
_struct_conn.pdbx_ptnr3_label_comp_id 
_struct_conn.pdbx_ptnr3_label_asym_id 
_struct_conn.pdbx_ptnr3_label_alt_id 
_struct_conn.pdbx_ptnr3_PDB_ins_code 
_struct_conn.details 
_struct_conn.pdbx_dist_value 
_struct_conn.pdbx_value_order 
_struct_conn.pdbx_role 
hydrog1  hydrog ? ? A G 3  N1 ? ? ? 1_555 B C 23 N3 ? ? A G 3  B C 46 1_555 ? ? ? ? ? ? WATSON-CRICK  ? ? ? 
hydrog2  hydrog ? ? A G 3  N2 ? ? ? 1_555 B C 23 O2 ? ? A G 3  B C 46 1_555 ? ? ? ? ? ? WATSON-CRICK  ? ? ? 
hydrog3  hydrog ? ? A G 3  O6 ? ? ? 1_555 B C 23 N4 ? ? A G 3  B C 46 1_555 ? ? ? ? ? ? WATSON-CRICK  ? ? ? 
hydrog4  hydrog ? ? A C 4  N3 ? ? ? 1_555 B G 22 N1 ? ? A C 4  B G 45 1_555 ? ? ? ? ? ? WATSON-CRICK  ? ? ? 
hydrog5  hydrog ? ? A C 4  N4 ? ? ? 1_555 B G 22 O6 ? ? A C 4  B G 45 1_555 ? ? ? ? ? ? WATSON-CRICK  ? ? ? 
hydrog6  hydrog ? ? A C 4  O2 ? ? ? 1_555 B G 22 N2 ? ? A C 4  B G 45 1_555 ? ? ? ? ? ? WATSON-CRICK  ? ? ? 
hydrog7  hydrog ? ? A G 5  N1 ? ? ? 1_555 B C 21 N3 ? ? A G 5  B C 44 1_555 ? ? ? ? ? ? WATSON-CRICK  ? ? ? 
hydrog8  hydrog ? ? A G 5  N2 ? ? ? 1_555 B C 21 O2 ? ? A G 5  B C 44 1_555 ? ? ? ? ? ? WATSON-CRICK  ? ? ? 
hydrog9  hydrog ? ? A G 5  O6 ? ? ? 1_555 B C 21 N4 ? ? A G 5  B C 44 1_555 ? ? ? ? ? ? WATSON-CRICK  ? ? ? 
hydrog10 hydrog ? ? A U 6  N3 ? ? ? 1_555 B U 20 O4 ? ? A U 6  B U 43 1_555 ? ? ? ? ? ? TYPE_16_PAIR  ? ? ? 
hydrog11 hydrog ? ? A U 6  O2 ? ? ? 1_555 B U 20 N3 ? ? A U 6  B U 43 1_555 ? ? ? ? ? ? TYPE_16_PAIR  ? ? ? 
hydrog12 hydrog ? ? A C 7  N3 ? ? ? 1_555 B G 19 N1 ? ? A C 7  B G 42 1_555 ? ? ? ? ? ? WATSON-CRICK  ? ? ? 
hydrog13 hydrog ? ? A C 7  N4 ? ? ? 1_555 B G 19 O6 ? ? A C 7  B G 42 1_555 ? ? ? ? ? ? WATSON-CRICK  ? ? ? 
hydrog14 hydrog ? ? A C 7  O2 ? ? ? 1_555 B G 19 N2 ? ? A C 7  B G 42 1_555 ? ? ? ? ? ? WATSON-CRICK  ? ? ? 
hydrog15 hydrog ? ? A C 9  N4 ? ? ? 1_555 B A 16 N1 ? ? A C 9  B A 39 1_555 ? ? ? ? ? ? 'C-A MISPAIR' ? ? ? 
hydrog16 hydrog ? ? A U 10 N3 ? ? ? 1_555 B A 15 N1 ? ? A U 10 B A 38 1_555 ? ? ? ? ? ? WATSON-CRICK  ? ? ? 
hydrog17 hydrog ? ? A U 10 O4 ? ? ? 1_555 B A 15 N6 ? ? A U 10 B A 38 1_555 ? ? ? ? ? ? WATSON-CRICK  ? ? ? 
hydrog18 hydrog ? ? A C 11 N3 ? ? ? 1_555 B G 14 N1 ? ? A C 11 B G 37 1_555 ? ? ? ? ? ? WATSON-CRICK  ? ? ? 
hydrog19 hydrog ? ? A C 11 N4 ? ? ? 1_555 B G 14 O6 ? ? A C 11 B G 37 1_555 ? ? ? ? ? ? WATSON-CRICK  ? ? ? 
hydrog20 hydrog ? ? A C 11 O2 ? ? ? 1_555 B G 14 N2 ? ? A C 11 B G 37 1_555 ? ? ? ? ? ? WATSON-CRICK  ? ? ? 
hydrog21 hydrog ? ? A C 12 N3 ? ? ? 1_555 B G 13 N1 ? ? A C 12 B G 36 1_555 ? ? ? ? ? ? WATSON-CRICK  ? ? ? 
hydrog22 hydrog ? ? A C 12 N4 ? ? ? 1_555 B G 13 O6 ? ? A C 12 B G 36 1_555 ? ? ? ? ? ? WATSON-CRICK  ? ? ? 
hydrog23 hydrog ? ? A C 12 O2 ? ? ? 1_555 B G 13 N2 ? ? A C 12 B G 36 1_555 ? ? ? ? ? ? WATSON-CRICK  ? ? ? 
hydrog24 hydrog ? ? A G 13 N1 ? ? ? 1_555 B C 12 N3 ? ? A G 13 B C 35 1_555 ? ? ? ? ? ? WATSON-CRICK  ? ? ? 
hydrog25 hydrog ? ? A G 13 N2 ? ? ? 1_555 B C 12 O2 ? ? A G 13 B C 35 1_555 ? ? ? ? ? ? WATSON-CRICK  ? ? ? 
hydrog26 hydrog ? ? A G 13 O6 ? ? ? 1_555 B C 12 N4 ? ? A G 13 B C 35 1_555 ? ? ? ? ? ? WATSON-CRICK  ? ? ? 
hydrog27 hydrog ? ? A G 14 N1 ? ? ? 1_555 B C 11 N3 ? ? A G 14 B C 34 1_555 ? ? ? ? ? ? WATSON-CRICK  ? ? ? 
hydrog28 hydrog ? ? A G 14 N2 ? ? ? 1_555 B C 11 O2 ? ? A G 14 B C 34 1_555 ? ? ? ? ? ? WATSON-CRICK  ? ? ? 
hydrog29 hydrog ? ? A G 14 O6 ? ? ? 1_555 B C 11 N4 ? ? A G 14 B C 34 1_555 ? ? ? ? ? ? WATSON-CRICK  ? ? ? 
hydrog30 hydrog ? ? A A 15 N1 ? ? ? 1_555 B U 10 N3 ? ? A A 15 B U 33 1_555 ? ? ? ? ? ? WATSON-CRICK  ? ? ? 
hydrog31 hydrog ? ? A A 15 N6 ? ? ? 1_555 B U 10 O4 ? ? A A 15 B U 33 1_555 ? ? ? ? ? ? WATSON-CRICK  ? ? ? 
hydrog32 hydrog ? ? A A 17 N3 ? ? ? 1_555 B C 9  N4 ? ? A A 17 B C 32 1_555 ? ? ? ? ? ? 'A-C MISPAIR' ? ? ? 
hydrog33 hydrog ? ? A G 19 N1 ? ? ? 1_555 B C 7  N3 ? ? A G 19 B C 30 1_555 ? ? ? ? ? ? WATSON-CRICK  ? ? ? 
hydrog34 hydrog ? ? A G 19 N2 ? ? ? 1_555 B C 7  O2 ? ? A G 19 B C 30 1_555 ? ? ? ? ? ? WATSON-CRICK  ? ? ? 
hydrog35 hydrog ? ? A G 19 O6 ? ? ? 1_555 B C 7  N4 ? ? A G 19 B C 30 1_555 ? ? ? ? ? ? WATSON-CRICK  ? ? ? 
hydrog36 hydrog ? ? A U 20 N3 ? ? ? 1_555 B U 6  O2 ? ? A U 20 B U 29 1_555 ? ? ? ? ? ? TYPE_16_PAIR  ? ? ? 
hydrog37 hydrog ? ? A U 20 O4 ? ? ? 1_555 B U 6  N3 ? ? A U 20 B U 29 1_555 ? ? ? ? ? ? TYPE_16_PAIR  ? ? ? 
hydrog38 hydrog ? ? A C 21 N3 ? ? ? 1_555 B G 5  N1 ? ? A C 21 B G 28 1_555 ? ? ? ? ? ? WATSON-CRICK  ? ? ? 
hydrog39 hydrog ? ? A C 21 N4 ? ? ? 1_555 B G 5  O6 ? ? A C 21 B G 28 1_555 ? ? ? ? ? ? WATSON-CRICK  ? ? ? 
hydrog40 hydrog ? ? A C 21 O2 ? ? ? 1_555 B G 5  N2 ? ? A C 21 B G 28 1_555 ? ? ? ? ? ? WATSON-CRICK  ? ? ? 
hydrog41 hydrog ? ? A G 22 N1 ? ? ? 1_555 B C 4  N3 ? ? A G 22 B C 27 1_555 ? ? ? ? ? ? WATSON-CRICK  ? ? ? 
hydrog42 hydrog ? ? A G 22 N2 ? ? ? 1_555 B C 4  O2 ? ? A G 22 B C 27 1_555 ? ? ? ? ? ? WATSON-CRICK  ? ? ? 
hydrog43 hydrog ? ? A G 22 O6 ? ? ? 1_555 B C 4  N4 ? ? A G 22 B C 27 1_555 ? ? ? ? ? ? WATSON-CRICK  ? ? ? 
hydrog44 hydrog ? ? A C 23 N3 ? ? ? 1_555 B G 3  N1 ? ? A C 23 B G 26 1_555 ? ? ? ? ? ? WATSON-CRICK  ? ? ? 
hydrog45 hydrog ? ? A C 23 N4 ? ? ? 1_555 B G 3  O6 ? ? A C 23 B G 26 1_555 ? ? ? ? ? ? WATSON-CRICK  ? ? ? 
hydrog46 hydrog ? ? A C 23 O2 ? ? ? 1_555 B G 3  N2 ? ? A C 23 B G 26 1_555 ? ? ? ? ? ? WATSON-CRICK  ? ? ? 
# 
_struct_conn_type.id          hydrog 
_struct_conn_type.criteria    ? 
_struct_conn_type.reference   ? 
# 
loop_
_struct_site.id 
_struct_site.pdbx_evidence_code 
_struct_site.pdbx_auth_asym_id 
_struct_site.pdbx_auth_comp_id 
_struct_site.pdbx_auth_seq_id 
_struct_site.pdbx_auth_ins_code 
_struct_site.pdbx_num_residues 
_struct_site.details 
AC1 Software A N33 50 ? 7 'BINDING SITE FOR RESIDUE N33 A 50' 
1   ?        ? ?   ?  ? ? ?                                   
# 
loop_
_struct_site_gen.id 
_struct_site_gen.site_id 
_struct_site_gen.pdbx_num_res 
_struct_site_gen.label_comp_id 
_struct_site_gen.label_asym_id 
_struct_site_gen.label_seq_id 
_struct_site_gen.pdbx_auth_ins_code 
_struct_site_gen.auth_comp_id 
_struct_site_gen.auth_asym_id 
_struct_site_gen.auth_seq_id 
_struct_site_gen.label_atom_id 
_struct_site_gen.label_alt_id 
_struct_site_gen.symmetry 
_struct_site_gen.details 
1 AC1 7 A A 16 ? A A 16 . ? 1_555 ? 
2 AC1 7 A A 17 ? A A 17 . ? 1_555 ? 
3 AC1 7 A A 18 ? A A 18 . ? 1_555 ? 
4 AC1 7 G A 19 ? G A 19 . ? 1_555 ? 
5 AC1 7 G B 5  ? G B 28 . ? 1_555 ? 
6 AC1 7 C B 7  ? C B 30 . ? 1_555 ? 
7 AC1 7 G B 8  ? G B 31 . ? 1_555 ? 
# 
_struct_site_keywords.site_id   1 
_struct_site_keywords.text      'MAJOR GROOVE BINDER' 
# 
loop_
_pdbx_unobs_or_zero_occ_residues.id 
_pdbx_unobs_or_zero_occ_residues.PDB_model_num 
_pdbx_unobs_or_zero_occ_residues.polymer_flag 
_pdbx_unobs_or_zero_occ_residues.occupancy_flag 
_pdbx_unobs_or_zero_occ_residues.auth_asym_id 
_pdbx_unobs_or_zero_occ_residues.auth_comp_id 
_pdbx_unobs_or_zero_occ_residues.auth_seq_id 
_pdbx_unobs_or_zero_occ_residues.PDB_ins_code 
_pdbx_unobs_or_zero_occ_residues.label_asym_id 
_pdbx_unobs_or_zero_occ_residues.label_comp_id 
_pdbx_unobs_or_zero_occ_residues.label_seq_id 
1 1 Y 1 A U 1  ? A U 1 
2 1 Y 1 B U 24 ? B U 1 
3 1 Y 1 B U 25 ? B U 2 
# 
loop_
_chem_comp_atom.comp_id 
_chem_comp_atom.atom_id 
_chem_comp_atom.type_symbol 
_chem_comp_atom.pdbx_aromatic_flag 
_chem_comp_atom.pdbx_stereo_config 
_chem_comp_atom.pdbx_ordinal 
A   OP3    O N N 1   
A   P      P N N 2   
A   OP1    O N N 3   
A   OP2    O N N 4   
A   "O5'"  O N N 5   
A   "C5'"  C N N 6   
A   "C4'"  C N R 7   
A   "O4'"  O N N 8   
A   "C3'"  C N S 9   
A   "O3'"  O N N 10  
A   "C2'"  C N R 11  
A   "O2'"  O N N 12  
A   "C1'"  C N R 13  
A   N9     N Y N 14  
A   C8     C Y N 15  
A   N7     N Y N 16  
A   C5     C Y N 17  
A   C6     C Y N 18  
A   N6     N N N 19  
A   N1     N Y N 20  
A   C2     C Y N 21  
A   N3     N Y N 22  
A   C4     C Y N 23  
A   HOP3   H N N 24  
A   HOP2   H N N 25  
A   "H5'"  H N N 26  
A   "H5''" H N N 27  
A   "H4'"  H N N 28  
A   "H3'"  H N N 29  
A   "HO3'" H N N 30  
A   "H2'"  H N N 31  
A   "HO2'" H N N 32  
A   "H1'"  H N N 33  
A   H8     H N N 34  
A   H61    H N N 35  
A   H62    H N N 36  
A   H2     H N N 37  
C   OP3    O N N 38  
C   P      P N N 39  
C   OP1    O N N 40  
C   OP2    O N N 41  
C   "O5'"  O N N 42  
C   "C5'"  C N N 43  
C   "C4'"  C N R 44  
C   "O4'"  O N N 45  
C   "C3'"  C N S 46  
C   "O3'"  O N N 47  
C   "C2'"  C N R 48  
C   "O2'"  O N N 49  
C   "C1'"  C N R 50  
C   N1     N N N 51  
C   C2     C N N 52  
C   O2     O N N 53  
C   N3     N N N 54  
C   C4     C N N 55  
C   N4     N N N 56  
C   C5     C N N 57  
C   C6     C N N 58  
C   HOP3   H N N 59  
C   HOP2   H N N 60  
C   "H5'"  H N N 61  
C   "H5''" H N N 62  
C   "H4'"  H N N 63  
C   "H3'"  H N N 64  
C   "HO3'" H N N 65  
C   "H2'"  H N N 66  
C   "HO2'" H N N 67  
C   "H1'"  H N N 68  
C   H41    H N N 69  
C   H42    H N N 70  
C   H5     H N N 71  
C   H6     H N N 72  
G   OP3    O N N 73  
G   P      P N N 74  
G   OP1    O N N 75  
G   OP2    O N N 76  
G   "O5'"  O N N 77  
G   "C5'"  C N N 78  
G   "C4'"  C N R 79  
G   "O4'"  O N N 80  
G   "C3'"  C N S 81  
G   "O3'"  O N N 82  
G   "C2'"  C N R 83  
G   "O2'"  O N N 84  
G   "C1'"  C N R 85  
G   N9     N Y N 86  
G   C8     C Y N 87  
G   N7     N Y N 88  
G   C5     C Y N 89  
G   C6     C N N 90  
G   O6     O N N 91  
G   N1     N N N 92  
G   C2     C N N 93  
G   N2     N N N 94  
G   N3     N N N 95  
G   C4     C Y N 96  
G   HOP3   H N N 97  
G   HOP2   H N N 98  
G   "H5'"  H N N 99  
G   "H5''" H N N 100 
G   "H4'"  H N N 101 
G   "H3'"  H N N 102 
G   "HO3'" H N N 103 
G   "H2'"  H N N 104 
G   "HO2'" H N N 105 
G   "H1'"  H N N 106 
G   H8     H N N 107 
G   H1     H N N 108 
G   H21    H N N 109 
G   H22    H N N 110 
HOH O      O N N 111 
HOH H1     H N N 112 
HOH H2     H N N 113 
N33 C11    C N S 114 
N33 O11    O N N 115 
N33 C21    C N R 116 
N33 N21    N N N 117 
N33 C31    C N R 118 
N33 O31    O N N 119 
N33 C41    C N S 120 
N33 O41    O N N 121 
N33 C51    C N R 122 
N33 O51    O N N 123 
N33 C61    C N N 124 
N33 O61    O N N 125 
N33 C12    C N R 126 
N33 N12    N N N 127 
N33 C22    C N N 128 
N33 C32    C N S 129 
N33 N32    N N N 130 
N33 C42    C N R 131 
N33 C52    C N R 132 
N33 O52    O N N 133 
N33 C62    C N S 134 
N33 O62    O N N 135 
N33 C13    C N S 136 
N33 O13    O N N 137 
N33 C23    C N R 138 
N33 N23    N N N 139 
N33 C33    C N R 140 
N33 O33    O N N 141 
N33 C43    C N S 142 
N33 O43    O N N 143 
N33 C53    C N R 144 
N33 O53    O N N 145 
N33 C63    C N N 146 
N33 O63    O N N 147 
N33 C77    C N N 148 
N33 H11    H N N 149 
N33 H21    H N N 150 
N33 H211   H N N 151 
N33 H212   H N N 152 
N33 H31    H N N 153 
N33 H41    H N N 154 
N33 HO41   H N N 155 
N33 H51    H N N 156 
N33 H611   H N N 157 
N33 H612   H N N 158 
N33 HO61   H N N 159 
N33 H12    H N N 160 
N33 H121   H N N 161 
N33 H122   H N N 162 
N33 H221   H N N 163 
N33 H222   H N N 164 
N33 H32    H N N 165 
N33 H321   H N N 166 
N33 H322   H N N 167 
N33 H42    H N N 168 
N33 H52    H N N 169 
N33 HO52   H N N 170 
N33 H62    H N N 171 
N33 HO62   H N N 172 
N33 H13    H N N 173 
N33 HO13   H N N 174 
N33 H23    H N N 175 
N33 H231   H N N 176 
N33 H232   H N N 177 
N33 H33    H N N 178 
N33 H43    H N N 179 
N33 HO43   H N N 180 
N33 H53    H N N 181 
N33 H631   H N N 182 
N33 H632   H N N 183 
N33 HO63   H N N 184 
N33 H771   H N N 185 
N33 H772   H N N 186 
U   OP3    O N N 187 
U   P      P N N 188 
U   OP1    O N N 189 
U   OP2    O N N 190 
U   "O5'"  O N N 191 
U   "C5'"  C N N 192 
U   "C4'"  C N R 193 
U   "O4'"  O N N 194 
U   "C3'"  C N S 195 
U   "O3'"  O N N 196 
U   "C2'"  C N R 197 
U   "O2'"  O N N 198 
U   "C1'"  C N R 199 
U   N1     N N N 200 
U   C2     C N N 201 
U   O2     O N N 202 
U   N3     N N N 203 
U   C4     C N N 204 
U   O4     O N N 205 
U   C5     C N N 206 
U   C6     C N N 207 
U   HOP3   H N N 208 
U   HOP2   H N N 209 
U   "H5'"  H N N 210 
U   "H5''" H N N 211 
U   "H4'"  H N N 212 
U   "H3'"  H N N 213 
U   "HO3'" H N N 214 
U   "H2'"  H N N 215 
U   "HO2'" H N N 216 
U   "H1'"  H N N 217 
U   H3     H N N 218 
U   H5     H N N 219 
U   H6     H N N 220 
# 
loop_
_chem_comp_bond.comp_id 
_chem_comp_bond.atom_id_1 
_chem_comp_bond.atom_id_2 
_chem_comp_bond.value_order 
_chem_comp_bond.pdbx_aromatic_flag 
_chem_comp_bond.pdbx_stereo_config 
_chem_comp_bond.pdbx_ordinal 
A   OP3   P      sing N N 1   
A   OP3   HOP3   sing N N 2   
A   P     OP1    doub N N 3   
A   P     OP2    sing N N 4   
A   P     "O5'"  sing N N 5   
A   OP2   HOP2   sing N N 6   
A   "O5'" "C5'"  sing N N 7   
A   "C5'" "C4'"  sing N N 8   
A   "C5'" "H5'"  sing N N 9   
A   "C5'" "H5''" sing N N 10  
A   "C4'" "O4'"  sing N N 11  
A   "C4'" "C3'"  sing N N 12  
A   "C4'" "H4'"  sing N N 13  
A   "O4'" "C1'"  sing N N 14  
A   "C3'" "O3'"  sing N N 15  
A   "C3'" "C2'"  sing N N 16  
A   "C3'" "H3'"  sing N N 17  
A   "O3'" "HO3'" sing N N 18  
A   "C2'" "O2'"  sing N N 19  
A   "C2'" "C1'"  sing N N 20  
A   "C2'" "H2'"  sing N N 21  
A   "O2'" "HO2'" sing N N 22  
A   "C1'" N9     sing N N 23  
A   "C1'" "H1'"  sing N N 24  
A   N9    C8     sing Y N 25  
A   N9    C4     sing Y N 26  
A   C8    N7     doub Y N 27  
A   C8    H8     sing N N 28  
A   N7    C5     sing Y N 29  
A   C5    C6     sing Y N 30  
A   C5    C4     doub Y N 31  
A   C6    N6     sing N N 32  
A   C6    N1     doub Y N 33  
A   N6    H61    sing N N 34  
A   N6    H62    sing N N 35  
A   N1    C2     sing Y N 36  
A   C2    N3     doub Y N 37  
A   C2    H2     sing N N 38  
A   N3    C4     sing Y N 39  
C   OP3   P      sing N N 40  
C   OP3   HOP3   sing N N 41  
C   P     OP1    doub N N 42  
C   P     OP2    sing N N 43  
C   P     "O5'"  sing N N 44  
C   OP2   HOP2   sing N N 45  
C   "O5'" "C5'"  sing N N 46  
C   "C5'" "C4'"  sing N N 47  
C   "C5'" "H5'"  sing N N 48  
C   "C5'" "H5''" sing N N 49  
C   "C4'" "O4'"  sing N N 50  
C   "C4'" "C3'"  sing N N 51  
C   "C4'" "H4'"  sing N N 52  
C   "O4'" "C1'"  sing N N 53  
C   "C3'" "O3'"  sing N N 54  
C   "C3'" "C2'"  sing N N 55  
C   "C3'" "H3'"  sing N N 56  
C   "O3'" "HO3'" sing N N 57  
C   "C2'" "O2'"  sing N N 58  
C   "C2'" "C1'"  sing N N 59  
C   "C2'" "H2'"  sing N N 60  
C   "O2'" "HO2'" sing N N 61  
C   "C1'" N1     sing N N 62  
C   "C1'" "H1'"  sing N N 63  
C   N1    C2     sing N N 64  
C   N1    C6     sing N N 65  
C   C2    O2     doub N N 66  
C   C2    N3     sing N N 67  
C   N3    C4     doub N N 68  
C   C4    N4     sing N N 69  
C   C4    C5     sing N N 70  
C   N4    H41    sing N N 71  
C   N4    H42    sing N N 72  
C   C5    C6     doub N N 73  
C   C5    H5     sing N N 74  
C   C6    H6     sing N N 75  
G   OP3   P      sing N N 76  
G   OP3   HOP3   sing N N 77  
G   P     OP1    doub N N 78  
G   P     OP2    sing N N 79  
G   P     "O5'"  sing N N 80  
G   OP2   HOP2   sing N N 81  
G   "O5'" "C5'"  sing N N 82  
G   "C5'" "C4'"  sing N N 83  
G   "C5'" "H5'"  sing N N 84  
G   "C5'" "H5''" sing N N 85  
G   "C4'" "O4'"  sing N N 86  
G   "C4'" "C3'"  sing N N 87  
G   "C4'" "H4'"  sing N N 88  
G   "O4'" "C1'"  sing N N 89  
G   "C3'" "O3'"  sing N N 90  
G   "C3'" "C2'"  sing N N 91  
G   "C3'" "H3'"  sing N N 92  
G   "O3'" "HO3'" sing N N 93  
G   "C2'" "O2'"  sing N N 94  
G   "C2'" "C1'"  sing N N 95  
G   "C2'" "H2'"  sing N N 96  
G   "O2'" "HO2'" sing N N 97  
G   "C1'" N9     sing N N 98  
G   "C1'" "H1'"  sing N N 99  
G   N9    C8     sing Y N 100 
G   N9    C4     sing Y N 101 
G   C8    N7     doub Y N 102 
G   C8    H8     sing N N 103 
G   N7    C5     sing Y N 104 
G   C5    C6     sing N N 105 
G   C5    C4     doub Y N 106 
G   C6    O6     doub N N 107 
G   C6    N1     sing N N 108 
G   N1    C2     sing N N 109 
G   N1    H1     sing N N 110 
G   C2    N2     sing N N 111 
G   C2    N3     doub N N 112 
G   N2    H21    sing N N 113 
G   N2    H22    sing N N 114 
G   N3    C4     sing N N 115 
HOH O     H1     sing N N 116 
HOH O     H2     sing N N 117 
N33 C11   O11    sing N N 118 
N33 C11   C21    sing N N 119 
N33 C11   O51    sing N N 120 
N33 C11   H11    sing N N 121 
N33 O11   C42    sing N N 122 
N33 C21   N21    sing N N 123 
N33 C21   C31    sing N N 124 
N33 C21   H21    sing N N 125 
N33 N21   H211   sing N N 126 
N33 N21   H212   sing N N 127 
N33 C31   O31    sing N N 128 
N33 C31   C41    sing N N 129 
N33 C31   H31    sing N N 130 
N33 O31   C77    sing N N 131 
N33 C41   C51    sing N N 132 
N33 C41   O41    sing N N 133 
N33 C41   H41    sing N N 134 
N33 O41   HO41   sing N N 135 
N33 C51   O51    sing N N 136 
N33 C51   C61    sing N N 137 
N33 C51   H51    sing N N 138 
N33 C61   O61    sing N N 139 
N33 C61   H611   sing N N 140 
N33 C61   H612   sing N N 141 
N33 O61   HO61   sing N N 142 
N33 C12   N12    sing N N 143 
N33 C12   C62    sing N N 144 
N33 C12   C22    sing N N 145 
N33 C12   H12    sing N N 146 
N33 N12   H121   sing N N 147 
N33 N12   H122   sing N N 148 
N33 C22   C32    sing N N 149 
N33 C22   H221   sing N N 150 
N33 C22   H222   sing N N 151 
N33 C32   C42    sing N N 152 
N33 C32   N32    sing N N 153 
N33 C32   H32    sing N N 154 
N33 N32   H321   sing N N 155 
N33 N32   H322   sing N N 156 
N33 C42   C52    sing N N 157 
N33 C42   H42    sing N N 158 
N33 C52   C62    sing N N 159 
N33 C52   O52    sing N N 160 
N33 C52   H52    sing N N 161 
N33 O52   HO52   sing N N 162 
N33 C62   O62    sing N N 163 
N33 C62   H62    sing N N 164 
N33 O62   HO62   sing N N 165 
N33 C13   C23    sing N N 166 
N33 C13   O53    sing N N 167 
N33 C13   O13    sing N N 168 
N33 C13   H13    sing N N 169 
N33 O13   HO13   sing N N 170 
N33 C23   C33    sing N N 171 
N33 C23   N23    sing N N 172 
N33 C23   H23    sing N N 173 
N33 N23   H231   sing N N 174 
N33 N23   H232   sing N N 175 
N33 C33   O33    sing N N 176 
N33 C33   C43    sing N N 177 
N33 C33   H33    sing N N 178 
N33 O33   C77    sing N N 179 
N33 C43   O43    sing N N 180 
N33 C43   C53    sing N N 181 
N33 C43   H43    sing N N 182 
N33 O43   HO43   sing N N 183 
N33 C53   C63    sing N N 184 
N33 C53   O53    sing N N 185 
N33 C53   H53    sing N N 186 
N33 C63   O63    sing N N 187 
N33 C63   H631   sing N N 188 
N33 C63   H632   sing N N 189 
N33 O63   HO63   sing N N 190 
N33 C77   H771   sing N N 191 
N33 C77   H772   sing N N 192 
U   OP3   P      sing N N 193 
U   OP3   HOP3   sing N N 194 
U   P     OP1    doub N N 195 
U   P     OP2    sing N N 196 
U   P     "O5'"  sing N N 197 
U   OP2   HOP2   sing N N 198 
U   "O5'" "C5'"  sing N N 199 
U   "C5'" "C4'"  sing N N 200 
U   "C5'" "H5'"  sing N N 201 
U   "C5'" "H5''" sing N N 202 
U   "C4'" "O4'"  sing N N 203 
U   "C4'" "C3'"  sing N N 204 
U   "C4'" "H4'"  sing N N 205 
U   "O4'" "C1'"  sing N N 206 
U   "C3'" "O3'"  sing N N 207 
U   "C3'" "C2'"  sing N N 208 
U   "C3'" "H3'"  sing N N 209 
U   "O3'" "HO3'" sing N N 210 
U   "C2'" "O2'"  sing N N 211 
U   "C2'" "C1'"  sing N N 212 
U   "C2'" "H2'"  sing N N 213 
U   "O2'" "HO2'" sing N N 214 
U   "C1'" N1     sing N N 215 
U   "C1'" "H1'"  sing N N 216 
U   N1    C2     sing N N 217 
U   N1    C6     sing N N 218 
U   C2    O2     doub N N 219 
U   C2    N3     sing N N 220 
U   N3    C4     sing N N 221 
U   N3    H3     sing N N 222 
U   C4    O4     doub N N 223 
U   C4    C5     sing N N 224 
U   C5    C6     doub N N 225 
U   C5    H5     sing N N 226 
U   C6    H6     sing N N 227 
# 
loop_
_ndb_struct_conf_na.entry_id 
_ndb_struct_conf_na.feature 
2O3V 'double helix'         
2O3V 'a-form double helix'  
2O3V 'mismatched base pair' 
2O3V 'internal loop'        
# 
loop_
_ndb_struct_na_base_pair.model_number 
_ndb_struct_na_base_pair.i_label_asym_id 
_ndb_struct_na_base_pair.i_label_comp_id 
_ndb_struct_na_base_pair.i_label_seq_id 
_ndb_struct_na_base_pair.i_symmetry 
_ndb_struct_na_base_pair.j_label_asym_id 
_ndb_struct_na_base_pair.j_label_comp_id 
_ndb_struct_na_base_pair.j_label_seq_id 
_ndb_struct_na_base_pair.j_symmetry 
_ndb_struct_na_base_pair.shear 
_ndb_struct_na_base_pair.stretch 
_ndb_struct_na_base_pair.stagger 
_ndb_struct_na_base_pair.buckle 
_ndb_struct_na_base_pair.propeller 
_ndb_struct_na_base_pair.opening 
_ndb_struct_na_base_pair.pair_number 
_ndb_struct_na_base_pair.pair_name 
_ndb_struct_na_base_pair.i_auth_asym_id 
_ndb_struct_na_base_pair.i_auth_seq_id 
_ndb_struct_na_base_pair.i_PDB_ins_code 
_ndb_struct_na_base_pair.j_auth_asym_id 
_ndb_struct_na_base_pair.j_auth_seq_id 
_ndb_struct_na_base_pair.j_PDB_ins_code 
_ndb_struct_na_base_pair.hbond_type_28 
_ndb_struct_na_base_pair.hbond_type_12 
1 A G 3  1_555 B C 23 1_555 0.141  -0.049 -0.044 -1.007 -24.090 5.566  1  A_G3:C46_B  A 3  ? B 46 ? 19 1 
1 A C 4  1_555 B G 22 1_555 0.309  -0.073 -0.477 10.176 -23.770 9.431  2  A_C4:G45_B  A 4  ? B 45 ? 19 1 
1 A G 5  1_555 B C 21 1_555 -0.366 -0.086 -0.522 0.194  -12.395 9.521  3  A_G5:C44_B  A 5  ? B 44 ? 19 1 
1 A U 6  1_555 B U 20 1_555 2.148  -1.741 0.255  6.026  -7.392  6.285  4  A_U6:U43_B  A 6  ? B 43 ? 16 1 
1 A C 7  1_555 B G 19 1_555 0.126  -0.197 -0.268 6.384  -3.918  1.291  5  A_C7:G42_B  A 7  ? B 42 ? 19 1 
1 A C 9  1_555 B A 16 1_555 -2.558 0.522  0.427  4.438  -5.975  20.837 6  A_C9:A39_B  A 9  ? B 39 ? ?  ? 
1 A U 10 1_555 B A 15 1_555 0.211  -0.280 0.802  1.661  -6.932  4.426  7  A_U10:A38_B A 10 ? B 38 ? 20 1 
1 A C 11 1_555 B G 14 1_555 0.273  -0.369 0.116  4.679  -6.366  -2.525 8  A_C11:G37_B A 11 ? B 37 ? 19 1 
1 A C 12 1_555 B G 13 1_555 0.277  0.032  -0.291 3.763  -4.822  3.359  9  A_C12:G36_B A 12 ? B 36 ? 19 1 
1 A G 13 1_555 B C 12 1_555 -0.157 -0.251 -0.375 -4.464 -11.053 1.145  10 A_G13:C35_B A 13 ? B 35 ? 19 1 
1 A G 14 1_555 B C 11 1_555 -0.398 -0.190 -0.054 -6.403 -6.105  1.539  11 A_G14:C34_B A 14 ? B 34 ? 19 1 
1 A A 15 1_555 B U 10 1_555 -0.192 -0.208 0.194  1.293  -10.944 0.558  12 A_A15:U33_B A 15 ? B 33 ? 20 1 
1 A A 17 1_555 B C 9  1_555 5.330  -0.892 0.999  -9.395 -14.033 65.641 13 A_A17:C32_B A 17 ? B 32 ? ?  5 
1 A G 19 1_555 B C 7  1_555 -0.018 -0.189 0.372  6.167  -5.264  -4.208 14 A_G19:C30_B A 19 ? B 30 ? 19 1 
1 A U 20 1_555 B U 6  1_555 -1.899 -1.726 -0.035 18.357 -13.414 3.713  15 A_U20:U29_B A 20 ? B 29 ? 16 1 
1 A C 21 1_555 B G 5  1_555 0.112  -0.265 -0.261 6.107  -13.580 -1.178 16 A_C21:G28_B A 21 ? B 28 ? 19 1 
1 A G 22 1_555 B C 4  1_555 -0.221 -0.046 0.057  -1.569 -8.322  4.203  17 A_G22:C27_B A 22 ? B 27 ? 19 1 
1 A C 23 1_555 B G 3  1_555 -0.496 -0.318 0.357  6.600  -1.980  -0.201 18 A_C23:G26_B A 23 ? B 26 ? 19 1 
# 
loop_
_ndb_struct_na_base_pair_step.model_number 
_ndb_struct_na_base_pair_step.i_label_asym_id_1 
_ndb_struct_na_base_pair_step.i_label_comp_id_1 
_ndb_struct_na_base_pair_step.i_label_seq_id_1 
_ndb_struct_na_base_pair_step.i_symmetry_1 
_ndb_struct_na_base_pair_step.j_label_asym_id_1 
_ndb_struct_na_base_pair_step.j_label_comp_id_1 
_ndb_struct_na_base_pair_step.j_label_seq_id_1 
_ndb_struct_na_base_pair_step.j_symmetry_1 
_ndb_struct_na_base_pair_step.i_label_asym_id_2 
_ndb_struct_na_base_pair_step.i_label_comp_id_2 
_ndb_struct_na_base_pair_step.i_label_seq_id_2 
_ndb_struct_na_base_pair_step.i_symmetry_2 
_ndb_struct_na_base_pair_step.j_label_asym_id_2 
_ndb_struct_na_base_pair_step.j_label_comp_id_2 
_ndb_struct_na_base_pair_step.j_label_seq_id_2 
_ndb_struct_na_base_pair_step.j_symmetry_2 
_ndb_struct_na_base_pair_step.shift 
_ndb_struct_na_base_pair_step.slide 
_ndb_struct_na_base_pair_step.rise 
_ndb_struct_na_base_pair_step.tilt 
_ndb_struct_na_base_pair_step.roll 
_ndb_struct_na_base_pair_step.twist 
_ndb_struct_na_base_pair_step.x_displacement 
_ndb_struct_na_base_pair_step.y_displacement 
_ndb_struct_na_base_pair_step.helical_rise 
_ndb_struct_na_base_pair_step.inclination 
_ndb_struct_na_base_pair_step.tip 
_ndb_struct_na_base_pair_step.helical_twist 
_ndb_struct_na_base_pair_step.step_number 
_ndb_struct_na_base_pair_step.step_name 
_ndb_struct_na_base_pair_step.i_auth_asym_id_1 
_ndb_struct_na_base_pair_step.i_auth_seq_id_1 
_ndb_struct_na_base_pair_step.i_PDB_ins_code_1 
_ndb_struct_na_base_pair_step.j_auth_asym_id_1 
_ndb_struct_na_base_pair_step.j_auth_seq_id_1 
_ndb_struct_na_base_pair_step.j_PDB_ins_code_1 
_ndb_struct_na_base_pair_step.i_auth_asym_id_2 
_ndb_struct_na_base_pair_step.i_auth_seq_id_2 
_ndb_struct_na_base_pair_step.i_PDB_ins_code_2 
_ndb_struct_na_base_pair_step.j_auth_asym_id_2 
_ndb_struct_na_base_pair_step.j_auth_seq_id_2 
_ndb_struct_na_base_pair_step.j_PDB_ins_code_2 
1 A G 3  1_555 B C 23 1_555 A C 4  1_555 B G 22 1_555 0.459  0.120  2.882 2.193  11.634 25.751 -2.172 -0.482 2.710 24.521 -4.622  
28.300 1  AA_G3C4:G45C46_BB   A 3  ? B 46 ? A 4  ? B 45 ? 
1 A C 4  1_555 B G 22 1_555 A G 5  1_555 B C 21 1_555 0.430  -1.690 3.364 -6.372 22.931 23.585 -6.062 -1.616 1.168 44.203 12.284  
33.386 2  AA_C4G5:C44G45_BB   A 4  ? B 45 ? A 5  ? B 44 ? 
1 A G 5  1_555 B C 21 1_555 A U 6  1_555 B U 20 1_555 -0.303 -0.878 3.081 -8.590 5.484  44.976 -1.563 -0.305 2.967 7.062  11.062  
46.058 3  AA_G5U6:U43C44_BB   A 5  ? B 44 ? A 6  ? B 43 ? 
1 A U 6  1_555 B U 20 1_555 A C 7  1_555 B G 19 1_555 -0.229 -2.530 3.118 6.771  5.011  24.568 -6.837 2.134  2.414 11.359 -15.346 
25.951 4  AA_U6C7:G42U43_BB   A 6  ? B 43 ? A 7  ? B 42 ? 
1 A C 9  1_555 B A 16 1_555 A U 10 1_555 B A 15 1_555 -0.793 -0.705 3.237 -6.934 6.048  44.389 -1.451 0.417  3.202 7.904  9.062   
45.285 5  AA_C9U10:A38A39_BB  A 9  ? B 39 ? A 10 ? B 38 ? 
1 A U 10 1_555 B A 15 1_555 A C 11 1_555 B G 14 1_555 -0.522 -1.439 3.044 3.569  -0.268 34.168 -2.398 1.399  2.987 -0.455 -6.054  
34.349 6  AA_U10C11:G37A38_BB A 10 ? B 38 ? A 11 ? B 37 ? 
1 A C 11 1_555 B G 14 1_555 A C 12 1_555 B G 13 1_555 0.214  -2.056 3.157 2.121  5.084  29.782 -4.877 -0.017 2.784 9.786  -4.083  
30.276 7  AA_C11C12:G36G37_BB A 11 ? B 37 ? A 12 ? B 36 ? 
1 A C 12 1_555 B G 13 1_555 A G 13 1_555 B C 12 1_555 -0.125 -1.714 3.490 1.250  10.911 26.892 -5.750 0.517  2.602 22.315 -2.557  
29.010 8  AA_C12G13:C35G36_BB A 12 ? B 36 ? A 13 ? B 35 ? 
1 A G 13 1_555 B C 12 1_555 A G 14 1_555 B C 11 1_555 0.083  -1.955 3.124 -2.457 10.371 28.091 -5.593 -0.591 2.260 20.459 4.848   
30.007 9  AA_G13G14:C34C35_BB A 13 ? B 35 ? A 14 ? B 34 ? 
1 A G 14 1_555 B C 11 1_555 A A 15 1_555 B U 10 1_555 -0.191 -1.480 3.076 -2.994 4.631  34.662 -3.090 -0.093 2.866 7.713  4.986   
35.085 10 AA_G14A15:U33C34_BB A 14 ? B 34 ? A 15 ? B 33 ? 
1 A A 15 1_555 B U 10 1_555 A A 17 1_555 B C 9  1_555 0.777  0.506  3.458 0.829  4.704  76.892 0.262  -0.599 3.486 3.779  -0.666  
77.017 11 AA_A15A17:C32U33_BB A 15 ? B 33 ? A 17 ? B 32 ? 
1 A A 17 1_555 B C 9  1_555 A G 19 1_555 B C 7  1_555 -4.227 -2.170 5.606 9.548  12.170 31.993 -6.114 8.943  3.241 20.641 -16.195 
35.448 12 AA_A17G19:C30C32_BB A 17 ? B 32 ? A 19 ? B 30 ? 
1 A G 19 1_555 B C 7  1_555 A U 20 1_555 B U 6  1_555 0.257  -2.079 2.738 1.591  4.535  28.248 -5.011 -0.235 2.392 9.208  -3.231  
28.646 13 AA_G19U20:U29C30_BB A 19 ? B 30 ? A 20 ? B 29 ? 
1 A U 20 1_555 B U 6  1_555 A C 21 1_555 B G 5  1_555 0.436  -1.353 3.617 2.844  9.053  47.233 -2.422 -0.295 3.338 11.167 -3.509  
48.123 14 AA_U20C21:G28U29_BB A 20 ? B 29 ? A 21 ? B 28 ? 
1 A C 21 1_555 B G 5  1_555 A G 22 1_555 B C 4  1_555 -0.443 -1.947 3.418 -1.808 11.074 18.849 -8.961 0.538  2.006 30.555 4.989   
21.910 15 AA_C21G22:C27G28_BB A 21 ? B 28 ? A 22 ? B 27 ? 
1 A G 22 1_555 B C 4  1_555 A C 23 1_555 B G 3  1_555 -0.320 -1.274 3.237 -2.046 -0.504 30.810 -2.295 0.206  3.270 -0.948 3.845   
30.880 16 AA_G22C23:G26C27_BB A 22 ? B 27 ? A 23 ? B 26 ? 
# 
_atom_sites.entry_id                    2O3V 
_atom_sites.fract_transf_matrix[1][1]   0.01501335 
_atom_sites.fract_transf_matrix[1][2]   0.00319602 
_atom_sites.fract_transf_matrix[1][3]   -0.03263138 
_atom_sites.fract_transf_matrix[2][1]   0.02144163 
_atom_sites.fract_transf_matrix[2][2]   -0.00662285 
_atom_sites.fract_transf_matrix[2][3]   0.00921640 
_atom_sites.fract_transf_matrix[3][1]   -0.00188170 
_atom_sites.fract_transf_matrix[3][2]   -0.01643472 
_atom_sites.fract_transf_matrix[3][3]   -0.00743218 
_atom_sites.fract_transf_vector[1]      0.313999 
_atom_sites.fract_transf_vector[2]      -0.068096 
_atom_sites.fract_transf_vector[3]      0.535708 
# 
loop_
_atom_type.symbol 
C 
N 
O 
P 
# 
loop_
_atom_site.group_PDB 
_atom_site.id 
_atom_site.type_symbol 
_atom_site.label_atom_id 
_atom_site.label_alt_id 
_atom_site.label_comp_id 
_atom_site.label_asym_id 
_atom_site.label_entity_id 
_atom_site.label_seq_id 
_atom_site.pdbx_PDB_ins_code 
_atom_site.Cartn_x 
_atom_site.Cartn_y 
_atom_site.Cartn_z 
_atom_site.occupancy 
_atom_site.B_iso_or_equiv 
_atom_site.pdbx_formal_charge 
_atom_site.auth_seq_id 
_atom_site.auth_comp_id 
_atom_site.auth_asym_id 
_atom_site.auth_atom_id 
_atom_site.pdbx_PDB_model_num 
ATOM   1   P P     . U   A 1 2  ? -0.731  13.365  22.459  1.00 135.76 ? 2   U   A P     1 
ATOM   2   O OP1   . U   A 1 2  ? -0.381  13.003  21.023  1.00 135.69 ? 2   U   A OP1   1 
ATOM   3   O OP2   . U   A 1 2  ? 0.323   14.240  23.122  1.00 135.84 ? 2   U   A OP2   1 
ATOM   4   O "O5'" . U   A 1 2  ? -2.061  14.299  22.364  1.00 135.52 ? 2   U   A "O5'" 1 
ATOM   5   C "C5'" . U   A 1 2  ? -1.958  15.714  22.129  1.00 134.78 ? 2   U   A "C5'" 1 
ATOM   6   C "C4'" . U   A 1 2  ? -3.303  16.269  21.737  1.00 134.02 ? 2   U   A "C4'" 1 
ATOM   7   O "O4'" . U   A 1 2  ? -3.207  17.706  21.572  1.00 133.17 ? 2   U   A "O4'" 1 
ATOM   8   C "C3'" . U   A 1 2  ? -3.836  15.770  20.404  1.00 134.21 ? 2   U   A "C3'" 1 
ATOM   9   O "O3'" . U   A 1 2  ? -4.498  14.516  20.576  1.00 135.81 ? 2   U   A "O3'" 1 
ATOM   10  C "C2'" . U   A 1 2  ? -4.800  16.883  20.009  1.00 133.29 ? 2   U   A "C2'" 1 
ATOM   11  O "O2'" . U   A 1 2  ? -6.052  16.770  20.656  1.00 133.55 ? 2   U   A "O2'" 1 
ATOM   12  C "C1'" . U   A 1 2  ? -4.070  18.123  20.529  1.00 131.85 ? 2   U   A "C1'" 1 
ATOM   13  N N1    . U   A 1 2  ? -3.268  18.835  19.524  1.00 129.60 ? 2   U   A N1    1 
ATOM   14  C C2    . U   A 1 2  ? -3.931  19.672  18.647  1.00 128.52 ? 2   U   A C2    1 
ATOM   15  O O2    . U   A 1 2  ? -5.141  19.817  18.658  1.00 127.37 ? 2   U   A O2    1 
ATOM   16  N N3    . U   A 1 2  ? -3.124  20.334  17.755  1.00 128.25 ? 2   U   A N3    1 
ATOM   17  C C4    . U   A 1 2  ? -1.750  20.242  17.650  1.00 128.70 ? 2   U   A C4    1 
ATOM   18  O O4    . U   A 1 2  ? -1.157  20.943  16.828  1.00 128.91 ? 2   U   A O4    1 
ATOM   19  C C5    . U   A 1 2  ? -1.141  19.341  18.581  1.00 128.51 ? 2   U   A C5    1 
ATOM   20  C C6    . U   A 1 2  ? -1.902  18.685  19.463  1.00 128.94 ? 2   U   A C6    1 
ATOM   21  P P     . G   A 1 3  ? -4.620  13.493  19.338  0.87 136.62 ? 3   G   A P     1 
ATOM   22  O OP1   . G   A 1 3  ? -5.296  12.256  19.811  0.87 136.36 ? 3   G   A OP1   1 
ATOM   23  O OP2   . G   A 1 3  ? -3.290  13.397  18.680  0.87 136.41 ? 3   G   A OP2   1 
ATOM   24  O "O5'" . G   A 1 3  ? -5.612  14.234  18.342  0.87 136.15 ? 3   G   A "O5'" 1 
ATOM   25  C "C5'" . G   A 1 3  ? -6.893  14.661  18.778  0.87 136.31 ? 3   G   A "C5'" 1 
ATOM   26  C "C4'" . G   A 1 3  ? -7.486  15.587  17.757  0.87 136.54 ? 3   G   A "C4'" 1 
ATOM   27  O "O4'" . G   A 1 3  ? -6.767  16.848  17.749  0.87 136.83 ? 3   G   A "O4'" 1 
ATOM   28  C "C3'" . G   A 1 3  ? -7.297  15.085  16.342  0.87 136.94 ? 3   G   A "C3'" 1 
ATOM   29  O "O3'" . G   A 1 3  ? -8.240  14.079  16.020  0.87 137.05 ? 3   G   A "O3'" 1 
ATOM   30  C "C2'" . G   A 1 3  ? -7.451  16.357  15.522  0.87 137.17 ? 3   G   A "C2'" 1 
ATOM   31  O "O2'" . G   A 1 3  ? -8.798  16.707  15.288  0.87 137.58 ? 3   G   A "O2'" 1 
ATOM   32  C "C1'" . G   A 1 3  ? -6.787  17.391  16.437  0.87 137.45 ? 3   G   A "C1'" 1 
ATOM   33  N N9    . G   A 1 3  ? -5.424  17.734  16.035  0.87 138.32 ? 3   G   A N9    1 
ATOM   34  C C8    . G   A 1 3  ? -4.277  16.996  16.215  0.87 138.68 ? 3   G   A C8    1 
ATOM   35  N N7    . G   A 1 3  ? -3.212  17.572  15.722  0.87 138.90 ? 3   G   A N7    1 
ATOM   36  C C5    . G   A 1 3  ? -3.683  18.764  15.189  0.87 139.07 ? 3   G   A C5    1 
ATOM   37  C C6    . G   A 1 3  ? -2.995  19.812  14.518  0.87 139.14 ? 3   G   A C6    1 
ATOM   38  O O6    . G   A 1 3  ? -1.789  19.906  14.248  0.87 138.88 ? 3   G   A O6    1 
ATOM   39  N N1    . G   A 1 3  ? -3.863  20.831  14.146  0.87 139.52 ? 3   G   A N1    1 
ATOM   40  C C2    . G   A 1 3  ? -5.218  20.848  14.386  0.87 139.90 ? 3   G   A C2    1 
ATOM   41  N N2    . G   A 1 3  ? -5.894  21.925  13.958  0.87 140.80 ? 3   G   A N2    1 
ATOM   42  N N3    . G   A 1 3  ? -5.868  19.880  15.004  0.87 139.63 ? 3   G   A N3    1 
ATOM   43  C C4    . G   A 1 3  ? -5.047  18.878  15.376  0.87 138.94 ? 3   G   A C4    1 
ATOM   44  P P     . C   A 1 4  ? -7.803  12.875  15.055  0.85 137.15 ? 4   C   A P     1 
ATOM   45  O OP1   . C   A 1 4  ? -8.763  11.763  15.264  0.85 136.97 ? 4   C   A OP1   1 
ATOM   46  O OP2   . C   A 1 4  ? -6.349  12.635  15.232  0.85 137.10 ? 4   C   A OP2   1 
ATOM   47  O "O5'" . C   A 1 4  ? -8.041  13.479  13.605  0.85 136.97 ? 4   C   A "O5'" 1 
ATOM   48  C "C5'" . C   A 1 4  ? -9.293  14.059  13.278  0.85 137.61 ? 4   C   A "C5'" 1 
ATOM   49  C "C4'" . C   A 1 4  ? -9.102  15.219  12.342  0.85 138.44 ? 4   C   A "C4'" 1 
ATOM   50  O "O4'" . C   A 1 4  ? -8.273  16.225  12.975  0.85 138.87 ? 4   C   A "O4'" 1 
ATOM   51  C "C3'" . C   A 1 4  ? -8.336  14.921  11.070  0.85 138.94 ? 4   C   A "C3'" 1 
ATOM   52  O "O3'" . C   A 1 4  ? -9.159  14.289  10.107  0.85 138.80 ? 4   C   A "O3'" 1 
ATOM   53  C "C2'" . C   A 1 4  ? -7.918  16.315  10.631  0.85 139.32 ? 4   C   A "C2'" 1 
ATOM   54  O "O2'" . C   A 1 4  ? -8.964  17.037  10.013  0.85 139.53 ? 4   C   A "O2'" 1 
ATOM   55  C "C1'" . C   A 1 4  ? -7.582  16.957  11.977  0.85 139.80 ? 4   C   A "C1'" 1 
ATOM   56  N N1    . C   A 1 4  ? -6.139  16.912  12.253  0.85 140.85 ? 4   C   A N1    1 
ATOM   57  C C2    . C   A 1 4  ? -5.385  18.037  11.941  0.85 141.24 ? 4   C   A C2    1 
ATOM   58  O O2    . C   A 1 4  ? -5.969  19.031  11.485  0.85 141.92 ? 4   C   A O2    1 
ATOM   59  N N3    . C   A 1 4  ? -4.049  18.020  12.143  0.85 141.27 ? 4   C   A N3    1 
ATOM   60  C C4    . C   A 1 4  ? -3.462  16.933  12.639  0.85 141.11 ? 4   C   A C4    1 
ATOM   61  N N4    . C   A 1 4  ? -2.134  16.967  12.802  0.85 141.25 ? 4   C   A N4    1 
ATOM   62  C C5    . C   A 1 4  ? -4.209  15.768  12.984  0.85 141.38 ? 4   C   A C5    1 
ATOM   63  C C6    . C   A 1 4  ? -5.538  15.802  12.778  0.85 141.22 ? 4   C   A C6    1 
ATOM   64  P P     . G   A 1 5  ? -8.511  13.224  9.100   0.92 138.44 ? 5   G   A P     1 
ATOM   65  O OP1   . G   A 1 5  ? -9.627  12.652  8.300   0.92 138.98 ? 5   G   A OP1   1 
ATOM   66  O OP2   . G   A 1 5  ? -7.621  12.324  9.880   0.92 139.23 ? 5   G   A OP2   1 
ATOM   67  O "O5'" . G   A 1 5  ? -7.606  14.119  8.146   0.82 135.85 ? 5   G   A "O5'" 1 
ATOM   68  C "C5'" . G   A 1 5  ? -8.210  15.063  7.281   0.82 131.80 ? 5   G   A "C5'" 1 
ATOM   69  C "C4'" . G   A 1 5  ? -7.176  15.987  6.699   0.82 129.21 ? 5   G   A "C4'" 1 
ATOM   70  O "O4'" . G   A 1 5  ? -6.535  16.752  7.749   0.82 128.30 ? 5   G   A "O4'" 1 
ATOM   71  C "C3'" . G   A 1 5  ? -5.984  15.353  6.012   0.82 128.00 ? 5   G   A "C3'" 1 
ATOM   72  O "O3'" . G   A 1 5  ? -6.318  14.855  4.724   0.82 127.90 ? 5   G   A "O3'" 1 
ATOM   73  C "C2'" . G   A 1 5  ? -5.036  16.543  5.923   0.82 127.26 ? 5   G   A "C2'" 1 
ATOM   74  O "O2'" . G   A 1 5  ? -5.383  17.428  4.879   0.82 126.76 ? 5   G   A "O2'" 1 
ATOM   75  C "C1'" . G   A 1 5  ? -5.300  17.240  7.258   0.82 127.03 ? 5   G   A "C1'" 1 
ATOM   76  N N9    . G   A 1 5  ? -4.245  16.983  8.229   0.82 126.07 ? 5   G   A N9    1 
ATOM   77  C C8    . G   A 1 5  ? -4.244  16.104  9.284   0.82 125.77 ? 5   G   A C8    1 
ATOM   78  N N7    . G   A 1 5  ? -3.115  16.102  9.943   0.82 125.92 ? 5   G   A N7    1 
ATOM   79  C C5    . G   A 1 5  ? -2.331  17.041  9.286   0.82 125.69 ? 5   G   A C5    1 
ATOM   80  C C6    . G   A 1 5  ? -0.992  17.477  9.531   0.82 125.25 ? 5   G   A C6    1 
ATOM   81  O O6    . G   A 1 5  ? -0.194  17.100  10.413  0.82 124.63 ? 5   G   A O6    1 
ATOM   82  N N1    . G   A 1 5  ? -0.603  18.454  8.614   0.82 124.68 ? 5   G   A N1    1 
ATOM   83  C C2    . G   A 1 5  ? -1.389  18.942  7.594   0.82 124.62 ? 5   G   A C2    1 
ATOM   84  N N2    . G   A 1 5  ? -0.858  19.890  6.819   0.82 124.89 ? 5   G   A N2    1 
ATOM   85  N N3    . G   A 1 5  ? -2.616  18.535  7.353   0.82 125.16 ? 5   G   A N3    1 
ATOM   86  C C4    . G   A 1 5  ? -3.020  17.595  8.230   0.82 125.80 ? 5   G   A C4    1 
ATOM   87  P P     . U   A 1 6  ? -5.368  13.759  4.028   1.00 127.25 ? 6   U   A P     1 
ATOM   88  O OP1   . U   A 1 6  ? -6.004  13.340  2.752   1.00 126.34 ? 6   U   A OP1   1 
ATOM   89  O OP2   . U   A 1 6  ? -5.017  12.737  5.046   1.00 127.40 ? 6   U   A OP2   1 
ATOM   90  O "O5'" . U   A 1 6  ? -4.047  14.583  3.688   1.00 126.04 ? 6   U   A "O5'" 1 
ATOM   91  C "C5'" . U   A 1 6  ? -4.115  15.769  2.900   1.00 123.28 ? 6   U   A "C5'" 1 
ATOM   92  C "C4'" . U   A 1 6  ? -2.740  16.356  2.735   1.00 119.92 ? 6   U   A "C4'" 1 
ATOM   93  O "O4'" . U   A 1 6  ? -2.303  17.007  3.956   1.00 119.55 ? 6   U   A "O4'" 1 
ATOM   94  C "C3'" . U   A 1 6  ? -1.684  15.310  2.484   1.00 118.23 ? 6   U   A "C3'" 1 
ATOM   95  O "O3'" . U   A 1 6  ? -1.697  14.911  1.133   1.00 114.41 ? 6   U   A "O3'" 1 
ATOM   96  C "C2'" . U   A 1 6  ? -0.415  16.031  2.906   1.00 119.23 ? 6   U   A "C2'" 1 
ATOM   97  O "O2'" . U   A 1 6  ? 0.025   16.947  1.927   1.00 119.93 ? 6   U   A "O2'" 1 
ATOM   98  C "C1'" . U   A 1 6  ? -0.911  16.794  4.136   1.00 119.56 ? 6   U   A "C1'" 1 
ATOM   99  N N1    . U   A 1 6  ? -0.731  16.057  5.395   1.00 120.03 ? 6   U   A N1    1 
ATOM   100 C C2    . U   A 1 6  ? 0.499   16.130  6.029   1.00 119.82 ? 6   U   A C2    1 
ATOM   101 O O2    . U   A 1 6  ? 1.447   16.740  5.570   1.00 120.12 ? 6   U   A O2    1 
ATOM   102 N N3    . U   A 1 6  ? 0.580   15.455  7.222   1.00 119.59 ? 6   U   A N3    1 
ATOM   103 C C4    . U   A 1 6  ? -0.411  14.722  7.835   1.00 120.45 ? 6   U   A C4    1 
ATOM   104 O O4    . U   A 1 6  ? -0.211  14.253  8.963   1.00 120.35 ? 6   U   A O4    1 
ATOM   105 C C5    . U   A 1 6  ? -1.646  14.667  7.105   1.00 120.99 ? 6   U   A C5    1 
ATOM   106 C C6    . U   A 1 6  ? -1.761  15.323  5.939   1.00 120.67 ? 6   U   A C6    1 
ATOM   107 P P     . C   A 1 7  ? -1.202  13.439  0.758   1.00 113.65 ? 7   C   A P     1 
ATOM   108 O OP1   . C   A 1 7  ? -1.512  13.188  -0.671  1.00 113.55 ? 7   C   A OP1   1 
ATOM   109 O OP2   . C   A 1 7  ? -1.708  12.501  1.797   1.00 113.36 ? 7   C   A OP2   1 
ATOM   110 O "O5'" . C   A 1 7  ? 0.375   13.578  0.895   1.00 109.25 ? 7   C   A "O5'" 1 
ATOM   111 C "C5'" . C   A 1 7  ? 1.075   14.483  0.057   1.00 101.54 ? 7   C   A "C5'" 1 
ATOM   112 C "C4'" . C   A 1 7  ? 2.526   14.528  0.434   1.00 95.49  ? 7   C   A "C4'" 1 
ATOM   113 O "O4'" . C   A 1 7  ? 2.677   15.185  1.714   1.00 92.63  ? 7   C   A "O4'" 1 
ATOM   114 C "C3'" . C   A 1 7  ? 3.194   13.184  0.646   1.00 92.94  ? 7   C   A "C3'" 1 
ATOM   115 O "O3'" . C   A 1 7  ? 3.555   12.594  -0.590  1.00 91.59  ? 7   C   A "O3'" 1 
ATOM   116 C "C2'" . C   A 1 7  ? 4.413   13.584  1.464   1.00 91.51  ? 7   C   A "C2'" 1 
ATOM   117 O "O2'" . C   A 1 7  ? 5.435   14.143  0.664   1.00 91.57  ? 7   C   A "O2'" 1 
ATOM   118 C "C1'" . C   A 1 7  ? 3.813   14.657  2.377   1.00 89.66  ? 7   C   A "C1'" 1 
ATOM   119 N N1    . C   A 1 7  ? 3.376   14.099  3.659   1.00 85.78  ? 7   C   A N1    1 
ATOM   120 C C2    . C   A 1 7  ? 4.275   14.087  4.712   1.00 83.11  ? 7   C   A C2    1 
ATOM   121 O O2    . C   A 1 7  ? 5.393   14.581  4.533   1.00 82.41  ? 7   C   A O2    1 
ATOM   122 N N3    . C   A 1 7  ? 3.908   13.545  5.894   1.00 80.78  ? 7   C   A N3    1 
ATOM   123 C C4    . C   A 1 7  ? 2.687   13.032  6.038   1.00 81.81  ? 7   C   A C4    1 
ATOM   124 N N4    . C   A 1 7  ? 2.370   12.491  7.218   1.00 81.06  ? 7   C   A N4    1 
ATOM   125 C C5    . C   A 1 7  ? 1.735   13.048  4.981   1.00 83.23  ? 7   C   A C5    1 
ATOM   126 C C6    . C   A 1 7  ? 2.118   13.588  3.817   1.00 84.82  ? 7   C   A C6    1 
ATOM   127 P P     . G   A 1 8  ? 3.677   10.996  -0.698  1.00 91.56  ? 8   G   A P     1 
ATOM   128 O OP1   . G   A 1 8  ? 4.134   10.709  -2.088  1.00 92.38  ? 8   G   A OP1   1 
ATOM   129 O OP2   . G   A 1 8  ? 2.444   10.344  -0.172  1.00 89.86  ? 8   G   A OP2   1 
ATOM   130 O "O5'" . G   A 1 8  ? 4.893   10.654  0.266   1.00 86.44  ? 8   G   A "O5'" 1 
ATOM   131 C "C5'" . G   A 1 8  ? 6.211   10.963  -0.137  1.00 80.39  ? 8   G   A "C5'" 1 
ATOM   132 C "C4'" . G   A 1 8  ? 7.166   10.761  1.001   1.00 76.42  ? 8   G   A "C4'" 1 
ATOM   133 O "O4'" . G   A 1 8  ? 6.818   11.665  2.081   1.00 74.71  ? 8   G   A "O4'" 1 
ATOM   134 C "C3'" . G   A 1 8  ? 7.138   9.401   1.668   1.00 73.52  ? 8   G   A "C3'" 1 
ATOM   135 O "O3'" . G   A 1 8  ? 7.878   8.460   0.916   1.00 72.04  ? 8   G   A "O3'" 1 
ATOM   136 C "C2'" . G   A 1 8  ? 7.816   9.727   2.985   1.00 72.94  ? 8   G   A "C2'" 1 
ATOM   137 O "O2'" . G   A 1 8  ? 9.211   9.919   2.835   1.00 73.14  ? 8   G   A "O2'" 1 
ATOM   138 C "C1'" . G   A 1 8  ? 7.153   11.064  3.321   1.00 70.93  ? 8   G   A "C1'" 1 
ATOM   139 N N9    . G   A 1 8  ? 5.923   10.829  4.062   1.00 66.74  ? 8   G   A N9    1 
ATOM   140 C C8    . G   A 1 8  ? 4.631   10.892  3.595   1.00 65.27  ? 8   G   A C8    1 
ATOM   141 N N7    . G   A 1 8  ? 3.748   10.522  4.484   1.00 64.53  ? 8   G   A N7    1 
ATOM   142 C C5    . G   A 1 8  ? 4.507   10.215  5.609   1.00 64.33  ? 8   G   A C5    1 
ATOM   143 C C6    . G   A 1 8  ? 4.114   9.734   6.885   1.00 63.14  ? 8   G   A C6    1 
ATOM   144 O O6    . G   A 1 8  ? 2.974   9.454   7.290   1.00 65.25  ? 8   G   A O6    1 
ATOM   145 N N1    . G   A 1 8  ? 5.209   9.574   7.728   1.00 61.12  ? 8   G   A N1    1 
ATOM   146 C C2    . G   A 1 8  ? 6.511   9.840   7.388   1.00 62.88  ? 8   G   A C2    1 
ATOM   147 N N2    . G   A 1 8  ? 7.429   9.630   8.332   1.00 64.76  ? 8   G   A N2    1 
ATOM   148 N N3    . G   A 1 8  ? 6.890   10.280  6.205   1.00 63.68  ? 8   G   A N3    1 
ATOM   149 C C4    . G   A 1 8  ? 5.845   10.437  5.369   1.00 65.09  ? 8   G   A C4    1 
ATOM   150 P P     . C   A 1 9  ? 7.421   6.930   0.902   1.00 71.68  ? 9   C   A P     1 
ATOM   151 O OP1   . C   A 1 9  ? 8.178   6.285   -0.187  1.00 72.98  ? 9   C   A OP1   1 
ATOM   152 O OP2   . C   A 1 9  ? 5.942   6.851   0.909   1.00 72.74  ? 9   C   A OP2   1 
ATOM   153 O "O5'" . C   A 1 9  ? 7.970   6.381   2.286   1.00 69.05  ? 9   C   A "O5'" 1 
ATOM   154 C "C5'" . C   A 1 9  ? 9.317   6.624   2.652   1.00 66.78  ? 9   C   A "C5'" 1 
ATOM   155 C "C4'" . C   A 1 9  ? 9.608   6.010   3.993   1.00 64.85  ? 9   C   A "C4'" 1 
ATOM   156 O "O4'" . C   A 1 9  ? 9.030   6.806   5.057   1.00 64.77  ? 9   C   A "O4'" 1 
ATOM   157 C "C3'" . C   A 1 9  ? 9.009   4.637   4.177   1.00 63.70  ? 9   C   A "C3'" 1 
ATOM   158 O "O3'" . C   A 1 9  ? 9.874   3.685   3.595   1.00 64.44  ? 9   C   A "O3'" 1 
ATOM   159 C "C2'" . C   A 1 9  ? 8.951   4.519   5.692   1.00 62.67  ? 9   C   A "C2'" 1 
ATOM   160 O "O2'" . C   A 1 9  ? 10.208  4.193   6.239   1.00 62.46  ? 9   C   A "O2'" 1 
ATOM   161 C "C1'" . C   A 1 9  ? 8.574   5.948   6.091   1.00 62.43  ? 9   C   A "C1'" 1 
ATOM   162 N N1    . C   A 1 9  ? 7.123   6.139   6.237   1.00 58.98  ? 9   C   A N1    1 
ATOM   163 C C2    . C   A 1 9  ? 6.480   5.614   7.366   1.00 58.84  ? 9   C   A C2    1 
ATOM   164 O O2    . C   A 1 9  ? 7.169   5.032   8.237   1.00 60.33  ? 9   C   A O2    1 
ATOM   165 N N3    . C   A 1 9  ? 5.133   5.756   7.479   1.00 52.86  ? 9   C   A N3    1 
ATOM   166 C C4    . C   A 1 9  ? 4.453   6.394   6.530   1.00 51.21  ? 9   C   A C4    1 
ATOM   167 N N4    . C   A 1 9  ? 3.141   6.507   6.670   1.00 52.42  ? 9   C   A N4    1 
ATOM   168 C C5    . C   A 1 9  ? 5.088   6.950   5.391   1.00 52.74  ? 9   C   A C5    1 
ATOM   169 C C6    . C   A 1 9  ? 6.409   6.803   5.284   1.00 55.25  ? 9   C   A C6    1 
ATOM   170 P P     . U   A 1 10 ? 9.270   2.345   2.975   1.00 63.00  ? 10  U   A P     1 
ATOM   171 O OP1   . U   A 1 10 ? 10.384  1.669   2.286   1.00 65.51  ? 10  U   A OP1   1 
ATOM   172 O OP2   . U   A 1 10 ? 8.047   2.696   2.227   1.00 64.56  ? 10  U   A OP2   1 
ATOM   173 O "O5'" . U   A 1 10 ? 8.880   1.496   4.259   1.00 63.84  ? 10  U   A "O5'" 1 
ATOM   174 C "C5'" . U   A 1 10 ? 9.862   1.216   5.251   1.00 64.99  ? 10  U   A "C5'" 1 
ATOM   175 C "C4'" . U   A 1 10 ? 9.212   0.626   6.480   1.00 64.86  ? 10  U   A "C4'" 1 
ATOM   176 O "O4'" . U   A 1 10 ? 8.480   1.650   7.195   1.00 65.82  ? 10  U   A "O4'" 1 
ATOM   177 C "C3'" . U   A 1 10 ? 8.170   -0.433  6.191   1.00 65.67  ? 10  U   A "C3'" 1 
ATOM   178 O "O3'" . U   A 1 10 ? 8.804   -1.672  5.956   1.00 67.03  ? 10  U   A "O3'" 1 
ATOM   179 C "C2'" . U   A 1 10 ? 7.333   -0.409  7.462   1.00 65.80  ? 10  U   A "C2'" 1 
ATOM   180 O "O2'" . U   A 1 10 ? 7.912   -1.112  8.548   1.00 67.15  ? 10  U   A "O2'" 1 
ATOM   181 C "C1'" . U   A 1 10 ? 7.308   1.092   7.761   1.00 64.27  ? 10  U   A "C1'" 1 
ATOM   182 N N1    . U   A 1 10 ? 6.159   1.771   7.154   1.00 61.30  ? 10  U   A N1    1 
ATOM   183 C C2    . U   A 1 10 ? 4.911   1.546   7.707   1.00 62.29  ? 10  U   A C2    1 
ATOM   184 O O2    . U   A 1 10 ? 4.725   0.800   8.663   1.00 63.36  ? 10  U   A O2    1 
ATOM   185 N N3    . U   A 1 10 ? 3.885   2.218   7.096   1.00 61.61  ? 10  U   A N3    1 
ATOM   186 C C4    . U   A 1 10 ? 3.982   3.071   6.015   1.00 61.19  ? 10  U   A C4    1 
ATOM   187 O O4    . U   A 1 10 ? 2.977   3.685   5.643   1.00 63.30  ? 10  U   A O4    1 
ATOM   188 C C5    . U   A 1 10 ? 5.305   3.234   5.496   1.00 58.85  ? 10  U   A C5    1 
ATOM   189 C C6    . U   A 1 10 ? 6.322   2.597   6.072   1.00 58.41  ? 10  U   A C6    1 
ATOM   190 P P     . C   A 1 11 ? 8.104   -2.754  5.011   1.00 66.14  ? 11  C   A P     1 
ATOM   191 O OP1   . C   A 1 11 ? 9.134   -3.795  4.838   1.00 67.12  ? 11  C   A OP1   1 
ATOM   192 O OP2   . C   A 1 11 ? 7.480   -2.129  3.818   1.00 67.28  ? 11  C   A OP2   1 
ATOM   193 O "O5'" . C   A 1 11 ? 6.961   -3.338  5.939   1.00 64.24  ? 11  C   A "O5'" 1 
ATOM   194 C "C5'" . C   A 1 11 ? 7.315   -4.070  7.093   1.00 61.23  ? 11  C   A "C5'" 1 
ATOM   195 C "C4'" . C   A 1 11 ? 6.106   -4.305  7.932   1.00 59.21  ? 11  C   A "C4'" 1 
ATOM   196 O "O4'" . C   A 1 11 ? 5.581   -3.024  8.346   1.00 58.97  ? 11  C   A "O4'" 1 
ATOM   197 C "C3'" . C   A 1 11 ? 4.946   -4.936  7.196   1.00 59.72  ? 11  C   A "C3'" 1 
ATOM   198 O "O3'" . C   A 1 11 ? 5.102   -6.341  7.106   1.00 61.21  ? 11  C   A "O3'" 1 
ATOM   199 C "C2'" . C   A 1 11 ? 3.773   -4.530  8.071   1.00 59.11  ? 11  C   A "C2'" 1 
ATOM   200 O "O2'" . C   A 1 11 ? 3.700   -5.285  9.263   1.00 62.42  ? 11  C   A "O2'" 1 
ATOM   201 C "C1'" . C   A 1 11 ? 4.169   -3.096  8.421   1.00 57.70  ? 11  C   A "C1'" 1 
ATOM   202 N N1    . C   A 1 11 ? 3.624   -2.137  7.465   1.00 54.09  ? 11  C   A N1    1 
ATOM   203 C C2    . C   A 1 11 ? 2.293   -1.776  7.580   1.00 53.43  ? 11  C   A C2    1 
ATOM   204 O O2    . C   A 1 11 ? 1.620   -2.294  8.492   1.00 51.36  ? 11  C   A O2    1 
ATOM   205 N N3    . C   A 1 11 ? 1.773   -0.882  6.703   1.00 52.19  ? 11  C   A N3    1 
ATOM   206 C C4    . C   A 1 11 ? 2.551   -0.361  5.745   1.00 52.04  ? 11  C   A C4    1 
ATOM   207 N N4    . C   A 1 11 ? 2.016   0.535   4.900   1.00 52.83  ? 11  C   A N4    1 
ATOM   208 C C5    . C   A 1 11 ? 3.915   -0.727  5.609   1.00 49.78  ? 11  C   A C5    1 
ATOM   209 C C6    . C   A 1 11 ? 4.405   -1.608  6.479   1.00 50.95  ? 11  C   A C6    1 
ATOM   210 P P     . C   A 1 12 ? 4.306   -7.137  5.977   1.00 62.30  ? 12  C   A P     1 
ATOM   211 O OP1   . C   A 1 12 ? 4.605   -8.573  6.084   1.00 64.27  ? 12  C   A OP1   1 
ATOM   212 O OP2   . C   A 1 12 ? 4.541   -6.439  4.684   1.00 63.25  ? 12  C   A OP2   1 
ATOM   213 O "O5'" . C   A 1 12 ? 2.793   -6.911  6.404   1.00 59.99  ? 12  C   A "O5'" 1 
ATOM   214 C "C5'" . C   A 1 12 ? 2.263   -7.520  7.563   1.00 56.55  ? 12  C   A "C5'" 1 
ATOM   215 C "C4'" . C   A 1 12 ? 0.786   -7.225  7.655   1.00 56.58  ? 12  C   A "C4'" 1 
ATOM   216 O "O4'" . C   A 1 12 ? 0.601   -5.802  7.824   1.00 54.06  ? 12  C   A "O4'" 1 
ATOM   217 C "C3'" . C   A 1 12 ? -0.016  -7.546  6.407   1.00 57.06  ? 12  C   A "C3'" 1 
ATOM   218 O "O3'" . C   A 1 12 ? -0.387  -8.916  6.398   1.00 61.99  ? 12  C   A "O3'" 1 
ATOM   219 C "C2'" . C   A 1 12 ? -1.230  -6.648  6.575   1.00 56.51  ? 12  C   A "C2'" 1 
ATOM   220 O "O2'" . C   A 1 12 ? -2.184  -7.196  7.459   1.00 59.85  ? 12  C   A "O2'" 1 
ATOM   221 C "C1'" . C   A 1 12 ? -0.601  -5.400  7.198   1.00 53.91  ? 12  C   A "C1'" 1 
ATOM   222 N N1    . C   A 1 12 ? -0.288  -4.357  6.204   1.00 50.51  ? 12  C   A N1    1 
ATOM   223 C C2    . C   A 1 12 ? -1.313  -3.506  5.791   1.00 48.98  ? 12  C   A C2    1 
ATOM   224 O O2    . C   A 1 12 ? -2.431  -3.630  6.305   1.00 47.98  ? 12  C   A O2    1 
ATOM   225 N N3    . C   A 1 12 ? -1.063  -2.577  4.842   1.00 48.97  ? 12  C   A N3    1 
ATOM   226 C C4    . C   A 1 12 ? 0.161   -2.488  4.304   1.00 50.51  ? 12  C   A C4    1 
ATOM   227 N N4    . C   A 1 12 ? 0.350   -1.603  3.317   1.00 50.24  ? 12  C   A N4    1 
ATOM   228 C C5    . C   A 1 12 ? 1.239   -3.315  4.738   1.00 48.19  ? 12  C   A C5    1 
ATOM   229 C C6    . C   A 1 12 ? 0.970   -4.231  5.681   1.00 49.85  ? 12  C   A C6    1 
ATOM   230 P P     . G   A 1 13 ? -0.598  -9.683  5.002   1.00 66.21  ? 13  G   A P     1 
ATOM   231 O OP1   . G   A 1 13 ? -0.811  -11.116 5.326   1.00 66.44  ? 13  G   A OP1   1 
ATOM   232 O OP2   . G   A 1 13 ? 0.482   -9.298  4.048   1.00 64.13  ? 13  G   A OP2   1 
ATOM   233 O "O5'" . G   A 1 13 ? -1.994  -9.109  4.493   1.00 66.48  ? 13  G   A "O5'" 1 
ATOM   234 C "C5'" . G   A 1 13 ? -3.169  -9.336  5.257   1.00 65.50  ? 13  G   A "C5'" 1 
ATOM   235 C "C4'" . G   A 1 13 ? -4.321  -8.495  4.748   1.00 65.44  ? 13  G   A "C4'" 1 
ATOM   236 O "O4'" . G   A 1 13 ? -4.089  -7.084  4.990   1.00 63.15  ? 13  G   A "O4'" 1 
ATOM   237 C "C3'" . G   A 1 13 ? -4.645  -8.535  3.267   1.00 63.56  ? 13  G   A "C3'" 1 
ATOM   238 O "O3'" . G   A 1 13 ? -5.305  -9.754  2.940   1.00 65.05  ? 13  G   A "O3'" 1 
ATOM   239 C "C2'" . G   A 1 13 ? -5.562  -7.322  3.156   1.00 62.53  ? 13  G   A "C2'" 1 
ATOM   240 O "O2'" . G   A 1 13 ? -6.829  -7.533  3.740   1.00 60.74  ? 13  G   A "O2'" 1 
ATOM   241 C "C1'" . G   A 1 13 ? -4.836  -6.324  4.053   1.00 61.45  ? 13  G   A "C1'" 1 
ATOM   242 N N9    . G   A 1 13 ? -3.913  -5.510  3.278   1.00 60.88  ? 13  G   A N9    1 
ATOM   243 C C8    . G   A 1 13 ? -2.546  -5.646  3.191   1.00 62.12  ? 13  G   A C8    1 
ATOM   244 N N7    . G   A 1 13 ? -1.996  -4.777  2.386   1.00 60.06  ? 13  G   A N7    1 
ATOM   245 C C5    . G   A 1 13 ? -3.066  -4.023  1.918   1.00 58.37  ? 13  G   A C5    1 
ATOM   246 C C6    . G   A 1 13 ? -3.094  -2.943  1.008   1.00 58.06  ? 13  G   A C6    1 
ATOM   247 O O6    . G   A 1 13 ? -2.139  -2.428  0.395   1.00 61.33  ? 13  G   A O6    1 
ATOM   248 N N1    . G   A 1 13 ? -4.389  -2.461  0.823   1.00 53.47  ? 13  G   A N1    1 
ATOM   249 C C2    . G   A 1 13 ? -5.512  -2.967  1.428   1.00 54.33  ? 13  G   A C2    1 
ATOM   250 N N2    . G   A 1 13 ? -6.673  -2.371  1.123   1.00 53.17  ? 13  G   A N2    1 
ATOM   251 N N3    . G   A 1 13 ? -5.500  -3.987  2.272   1.00 55.61  ? 13  G   A N3    1 
ATOM   252 C C4    . G   A 1 13 ? -4.254  -4.459  2.470   1.00 58.58  ? 13  G   A C4    1 
ATOM   253 P P     . G   A 1 14 ? -5.108  -10.409 1.479   1.00 65.77  ? 14  G   A P     1 
ATOM   254 O OP1   . G   A 1 14 ? -5.805  -11.725 1.480   1.00 65.66  ? 14  G   A OP1   1 
ATOM   255 O OP2   . G   A 1 14 ? -3.677  -10.342 1.070   1.00 62.07  ? 14  G   A OP2   1 
ATOM   256 O "O5'" . G   A 1 14 ? -5.964  -9.445  0.549   1.00 61.48  ? 14  G   A "O5'" 1 
ATOM   257 C "C5'" . G   A 1 14 ? -7.361  -9.359  0.724   1.00 56.34  ? 14  G   A "C5'" 1 
ATOM   258 C "C4'" . G   A 1 14 ? -7.928  -8.252  -0.117  1.00 55.27  ? 14  G   A "C4'" 1 
ATOM   259 O "O4'" . G   A 1 14 ? -7.335  -6.990  0.277   1.00 54.70  ? 14  G   A "O4'" 1 
ATOM   260 C "C3'" . G   A 1 14 ? -7.648  -8.285  -1.605  1.00 53.94  ? 14  G   A "C3'" 1 
ATOM   261 O "O3'" . G   A 1 14 ? -8.514  -9.216  -2.242  1.00 56.92  ? 14  G   A "O3'" 1 
ATOM   262 C "C2'" . G   A 1 14 ? -8.015  -6.857  -1.974  1.00 51.96  ? 14  G   A "C2'" 1 
ATOM   263 O "O2'" . G   A 1 14 ? -9.417  -6.709  -1.903  1.00 50.92  ? 14  G   A "O2'" 1 
ATOM   264 C "C1'" . G   A 1 14 ? -7.413  -6.076  -0.802  1.00 48.91  ? 14  G   A "C1'" 1 
ATOM   265 N N9    . G   A 1 14 ? -6.077  -5.548  -1.045  1.00 43.14  ? 14  G   A N9    1 
ATOM   266 C C8    . G   A 1 14 ? -4.905  -6.003  -0.499  1.00 42.48  ? 14  G   A C8    1 
ATOM   267 N N7    . G   A 1 14 ? -3.854  -5.360  -0.933  1.00 39.64  ? 14  G   A N7    1 
ATOM   268 C C5    . G   A 1 14 ? -4.367  -4.422  -1.814  1.00 39.46  ? 14  G   A C5    1 
ATOM   269 C C6    . G   A 1 14 ? -3.708  -3.444  -2.601  1.00 40.64  ? 14  G   A C6    1 
ATOM   270 O O6    . G   A 1 14 ? -2.488  -3.209  -2.695  1.00 43.00  ? 14  G   A O6    1 
ATOM   271 N N1    . G   A 1 14 ? -4.607  -2.694  -3.334  1.00 39.60  ? 14  G   A N1    1 
ATOM   272 C C2    . G   A 1 14 ? -5.959  -2.855  -3.319  1.00 41.98  ? 14  G   A C2    1 
ATOM   273 N N2    . G   A 1 14 ? -6.651  -2.005  -4.085  1.00 43.26  ? 14  G   A N2    1 
ATOM   274 N N3    . G   A 1 14 ? -6.591  -3.773  -2.601  1.00 42.16  ? 14  G   A N3    1 
ATOM   275 C C4    . G   A 1 14 ? -5.738  -4.513  -1.878  1.00 41.21  ? 14  G   A C4    1 
ATOM   276 P P     . A   A 1 15 ? -8.097  -9.851  -3.653  1.00 58.44  ? 15  A   A P     1 
ATOM   277 O OP1   . A   A 1 15 ? -9.087  -10.893 -4.035  1.00 58.03  ? 15  A   A OP1   1 
ATOM   278 O OP2   . A   A 1 15 ? -6.666  -10.215 -3.577  1.00 57.33  ? 15  A   A OP2   1 
ATOM   279 O "O5'" . A   A 1 15 ? -8.285  -8.624  -4.650  1.00 55.85  ? 15  A   A "O5'" 1 
ATOM   280 C "C5'" . A   A 1 15 ? -9.581  -8.148  -4.950  1.00 55.77  ? 15  A   A "C5'" 1 
ATOM   281 C "C4'" . A   A 1 15 ? -9.506  -6.974  -5.892  1.00 58.39  ? 15  A   A "C4'" 1 
ATOM   282 O "O4'" . A   A 1 15 ? -8.783  -5.889  -5.263  1.00 58.78  ? 15  A   A "O4'" 1 
ATOM   283 C "C3'" . A   A 1 15 ? -8.746  -7.202  -7.180  1.00 60.05  ? 15  A   A "C3'" 1 
ATOM   284 O "O3'" . A   A 1 15 ? -9.582  -7.830  -8.134  1.00 65.12  ? 15  A   A "O3'" 1 
ATOM   285 C "C2'" . A   A 1 15 ? -8.416  -5.780  -7.594  1.00 58.95  ? 15  A   A "C2'" 1 
ATOM   286 O "O2'" . A   A 1 15 ? -9.548  -5.135  -8.127  1.00 58.55  ? 15  A   A "O2'" 1 
ATOM   287 C "C1'" . A   A 1 15 ? -8.070  -5.152  -6.244  1.00 57.97  ? 15  A   A "C1'" 1 
ATOM   288 N N9    . A   A 1 15 ? -6.646  -5.224  -5.911  1.00 54.89  ? 15  A   A N9    1 
ATOM   289 C C8    . A   A 1 15 ? -6.053  -6.125  -5.072  1.00 55.20  ? 15  A   A C8    1 
ATOM   290 N N7    . A   A 1 15 ? -4.756  -5.980  -4.968  1.00 54.71  ? 15  A   A N7    1 
ATOM   291 C C5    . A   A 1 15 ? -4.474  -4.906  -5.794  1.00 53.66  ? 15  A   A C5    1 
ATOM   292 C C6    . A   A 1 15 ? -3.266  -4.255  -6.114  1.00 54.03  ? 15  A   A C6    1 
ATOM   293 N N6    . A   A 1 15 ? -2.078  -4.626  -5.627  1.00 51.66  ? 15  A   A N6    1 
ATOM   294 N N1    . A   A 1 15 ? -3.324  -3.202  -6.961  1.00 53.40  ? 15  A   A N1    1 
ATOM   295 C C2    . A   A 1 15 ? -4.524  -2.843  -7.448  1.00 54.17  ? 15  A   A C2    1 
ATOM   296 N N3    . A   A 1 15 ? -5.730  -3.382  -7.222  1.00 52.65  ? 15  A   A N3    1 
ATOM   297 C C4    . A   A 1 15 ? -5.631  -4.422  -6.375  1.00 53.68  ? 15  A   A C4    1 
ATOM   298 P P     . A   A 1 16 ? -8.934  -8.815  -9.215  1.00 67.25  ? 16  A   A P     1 
ATOM   299 O OP1   . A   A 1 16 ? -9.590  -10.135 -9.089  1.00 66.94  ? 16  A   A OP1   1 
ATOM   300 O OP2   . A   A 1 16 ? -7.472  -8.705  -9.002  1.00 68.27  ? 16  A   A OP2   1 
ATOM   301 O "O5'" . A   A 1 16 ? -9.342  -8.134  -10.598 1.00 67.93  ? 16  A   A "O5'" 1 
ATOM   302 C "C5'" . A   A 1 16 ? -8.587  -8.327  -11.799 1.00 69.65  ? 16  A   A "C5'" 1 
ATOM   303 C "C4'" . A   A 1 16 ? -8.715  -7.105  -12.672 1.00 70.14  ? 16  A   A "C4'" 1 
ATOM   304 O "O4'" . A   A 1 16 ? -10.118 -6.787  -12.762 1.00 72.58  ? 16  A   A "O4'" 1 
ATOM   305 C "C3'" . A   A 1 16 ? -8.095  -5.871  -12.038 1.00 72.77  ? 16  A   A "C3'" 1 
ATOM   306 O "O3'" . A   A 1 16 ? -6.766  -5.629  -12.507 1.00 71.46  ? 16  A   A "O3'" 1 
ATOM   307 C "C2'" . A   A 1 16 ? -8.971  -4.708  -12.504 1.00 74.95  ? 16  A   A "C2'" 1 
ATOM   308 O "O2'" . A   A 1 16 ? -8.423  -3.979  -13.584 1.00 77.90  ? 16  A   A "O2'" 1 
ATOM   309 C "C1'" . A   A 1 16 ? -10.264 -5.401  -12.935 1.00 77.08  ? 16  A   A "C1'" 1 
ATOM   310 N N9    . A   A 1 16 ? -11.462 -4.941  -12.248 1.00 81.92  ? 16  A   A N9    1 
ATOM   311 C C8    . A   A 1 16 ? -11.786 -5.015  -10.922 1.00 85.38  ? 16  A   A C8    1 
ATOM   312 N N7    . A   A 1 16 ? -12.927 -4.435  -10.624 1.00 88.19  ? 16  A   A N7    1 
ATOM   313 C C5    . A   A 1 16 ? -13.381 -3.952  -11.843 1.00 88.83  ? 16  A   A C5    1 
ATOM   314 C C6    . A   A 1 16 ? -14.525 -3.212  -12.206 1.00 90.80  ? 16  A   A C6    1 
ATOM   315 N N6    . A   A 1 16 ? -15.441 -2.776  -11.327 1.00 92.98  ? 16  A   A N6    1 
ATOM   316 N N1    . A   A 1 16 ? -14.691 -2.916  -13.517 1.00 90.18  ? 16  A   A N1    1 
ATOM   317 C C2    . A   A 1 16 ? -13.757 -3.323  -14.386 1.00 89.32  ? 16  A   A C2    1 
ATOM   318 N N3    . A   A 1 16 ? -12.633 -3.999  -14.162 1.00 88.41  ? 16  A   A N3    1 
ATOM   319 C C4    . A   A 1 16 ? -12.503 -4.284  -12.856 1.00 86.49  ? 16  A   A C4    1 
ATOM   320 P P     . A   A 1 17 ? -6.217  -6.329  -13.865 1.00 69.32  ? 17  A   A P     1 
ATOM   321 O OP1   . A   A 1 17 ? -6.967  -5.806  -15.029 1.00 65.91  ? 17  A   A OP1   1 
ATOM   322 O OP2   . A   A 1 17 ? -6.079  -7.796  -13.672 1.00 66.24  ? 17  A   A OP2   1 
ATOM   323 O "O5'" . A   A 1 17 ? -4.764  -5.699  -13.985 1.00 66.14  ? 17  A   A "O5'" 1 
ATOM   324 C "C5'" . A   A 1 17 ? -4.604  -4.299  -14.195 1.00 63.37  ? 17  A   A "C5'" 1 
ATOM   325 C "C4'" . A   A 1 17 ? -3.583  -3.738  -13.232 1.00 62.31  ? 17  A   A "C4'" 1 
ATOM   326 O "O4'" . A   A 1 17 ? -4.185  -3.476  -11.945 1.00 61.37  ? 17  A   A "O4'" 1 
ATOM   327 C "C3'" . A   A 1 17 ? -2.387  -4.630  -12.951 1.00 62.42  ? 17  A   A "C3'" 1 
ATOM   328 O "O3'" . A   A 1 17 ? -1.392  -4.402  -13.944 1.00 64.31  ? 17  A   A "O3'" 1 
ATOM   329 C "C2'" . A   A 1 17 ? -1.953  -4.176  -11.554 1.00 60.38  ? 17  A   A "C2'" 1 
ATOM   330 O "O2'" . A   A 1 17 ? -1.171  -2.996  -11.556 1.00 56.36  ? 17  A   A "O2'" 1 
ATOM   331 C "C1'" . A   A 1 17 ? -3.304  -3.873  -10.907 1.00 59.79  ? 17  A   A "C1'" 1 
ATOM   332 N N9    . A   A 1 17 ? -3.949  -4.984  -10.210 1.00 57.61  ? 17  A   A N9    1 
ATOM   333 C C8    . A   A 1 17 ? -5.273  -5.296  -10.333 1.00 59.03  ? 17  A   A C8    1 
ATOM   334 N N7    . A   A 1 17 ? -5.651  -6.313  -9.606  1.00 60.08  ? 17  A   A N7    1 
ATOM   335 C C5    . A   A 1 17 ? -4.497  -6.699  -8.956  1.00 57.18  ? 17  A   A C5    1 
ATOM   336 C C6    . A   A 1 17 ? -4.245  -7.722  -8.034  1.00 57.04  ? 17  A   A C6    1 
ATOM   337 N N6    . A   A 1 17 ? -5.191  -8.550  -7.563  1.00 54.03  ? 17  A   A N6    1 
ATOM   338 N N1    . A   A 1 17 ? -2.978  -7.865  -7.595  1.00 57.79  ? 17  A   A N1    1 
ATOM   339 C C2    . A   A 1 17 ? -2.049  -7.011  -8.045  1.00 58.36  ? 17  A   A C2    1 
ATOM   340 N N3    . A   A 1 17 ? -2.175  -5.991  -8.900  1.00 57.66  ? 17  A   A N3    1 
ATOM   341 C C4    . A   A 1 17 ? -3.435  -5.894  -9.326  1.00 55.88  ? 17  A   A C4    1 
ATOM   342 P P     . A   A 1 18 ? -0.183  -5.442  -14.124 1.00 67.30  ? 18  A   A P     1 
ATOM   343 O OP1   . A   A 1 18 ? -0.319  -6.584  -13.179 1.00 64.13  ? 18  A   A OP1   1 
ATOM   344 O OP2   . A   A 1 18 ? 1.069   -4.633  -14.121 1.00 63.99  ? 18  A   A OP2   1 
ATOM   345 O "O5'" . A   A 1 18 ? -0.397  -5.964  -15.606 1.00 67.37  ? 18  A   A "O5'" 1 
ATOM   346 C "C5'" . A   A 1 18 ? -1.350  -6.965  -15.912 1.00 68.71  ? 18  A   A "C5'" 1 
ATOM   347 C "C4'" . A   A 1 18 ? -1.812  -6.793  -17.337 1.00 71.09  ? 18  A   A "C4'" 1 
ATOM   348 O "O4'" . A   A 1 18 ? -2.877  -5.814  -17.391 1.00 71.15  ? 18  A   A "O4'" 1 
ATOM   349 C "C3'" . A   A 1 18 ? -0.754  -6.237  -18.269 1.00 71.55  ? 18  A   A "C3'" 1 
ATOM   350 O "O3'" . A   A 1 18 ? 0.185   -7.209  -18.715 1.00 75.11  ? 18  A   A "O3'" 1 
ATOM   351 C "C2'" . A   A 1 18 ? -1.556  -5.546  -19.346 1.00 70.93  ? 18  A   A "C2'" 1 
ATOM   352 O "O2'" . A   A 1 18 ? -2.039  -6.457  -20.303 1.00 76.52  ? 18  A   A "O2'" 1 
ATOM   353 C "C1'" . A   A 1 18 ? -2.719  -4.993  -18.533 1.00 69.05  ? 18  A   A "C1'" 1 
ATOM   354 N N9    . A   A 1 18 ? -2.583  -3.617  -18.070 1.00 65.31  ? 18  A   A N9    1 
ATOM   355 C C8    . A   A 1 18 ? -1.964  -3.177  -16.933 1.00 63.93  ? 18  A   A C8    1 
ATOM   356 N N7    . A   A 1 18 ? -2.092  -1.888  -16.733 1.00 63.71  ? 18  A   A N7    1 
ATOM   357 C C5    . A   A 1 18 ? -2.826  -1.451  -17.824 1.00 60.97  ? 18  A   A C5    1 
ATOM   358 C C6    . A   A 1 18 ? -3.310  -0.197  -18.188 1.00 59.90  ? 18  A   A C6    1 
ATOM   359 N N6    . A   A 1 18 ? -3.125  0.898   -17.467 1.00 62.29  ? 18  A   A N6    1 
ATOM   360 N N1    . A   A 1 18 ? -4.007  -0.099  -19.334 1.00 60.74  ? 18  A   A N1    1 
ATOM   361 C C2    . A   A 1 18 ? -4.196  -1.198  -20.057 1.00 59.88  ? 18  A   A C2    1 
ATOM   362 N N3    . A   A 1 18 ? -3.795  -2.436  -19.818 1.00 61.70  ? 18  A   A N3    1 
ATOM   363 C C4    . A   A 1 18 ? -3.110  -2.498  -18.669 1.00 62.28  ? 18  A   A C4    1 
ATOM   364 P P     . G   A 1 19 ? -0.278  -8.617  -19.375 1.00 74.24  ? 19  G   A P     1 
ATOM   365 O OP1   . G   A 1 19 ? -0.943  -8.421  -20.686 1.00 72.30  ? 19  G   A OP1   1 
ATOM   366 O OP2   . G   A 1 19 ? -0.911  -9.510  -18.368 1.00 72.87  ? 19  G   A OP2   1 
ATOM   367 O "O5'" . G   A 1 19 ? 1.173   -9.189  -19.673 1.00 75.51  ? 19  G   A "O5'" 1 
ATOM   368 C "C5'" . G   A 1 19 ? 2.123   -8.350  -20.333 1.00 75.92  ? 19  G   A "C5'" 1 
ATOM   369 C "C4'" . G   A 1 19 ? 3.253   -7.939  -19.403 1.00 76.50  ? 19  G   A "C4'" 1 
ATOM   370 O "O4'" . G   A 1 19 ? 2.779   -7.162  -18.269 1.00 74.15  ? 19  G   A "O4'" 1 
ATOM   371 C "C3'" . G   A 1 19 ? 4.059   -9.039  -18.750 1.00 77.42  ? 19  G   A "C3'" 1 
ATOM   372 O "O3'" . G   A 1 19 ? 4.968   -9.615  -19.655 1.00 81.45  ? 19  G   A "O3'" 1 
ATOM   373 C "C2'" . G   A 1 19 ? 4.778   -8.269  -17.654 1.00 75.74  ? 19  G   A "C2'" 1 
ATOM   374 O "O2'" . G   A 1 19 ? 5.839   -7.471  -18.155 1.00 74.75  ? 19  G   A "O2'" 1 
ATOM   375 C "C1'" . G   A 1 19 ? 3.642   -7.380  -17.159 1.00 73.24  ? 19  G   A "C1'" 1 
ATOM   376 N N9    . G   A 1 19 ? 2.877   -8.065  -16.127 1.00 71.47  ? 19  G   A N9    1 
ATOM   377 C C8    . G   A 1 19 ? 1.536   -8.364  -16.155 1.00 69.51  ? 19  G   A C8    1 
ATOM   378 N N7    . G   A 1 19 ? 1.123   -8.964  -15.071 1.00 69.48  ? 19  G   A N7    1 
ATOM   379 C C5    . G   A 1 19 ? 2.261   -9.074  -14.281 1.00 70.09  ? 19  G   A C5    1 
ATOM   380 C C6    . G   A 1 19 ? 2.430   -9.624  -12.981 1.00 69.66  ? 19  G   A C6    1 
ATOM   381 O O6    . G   A 1 19 ? 1.582   -10.145 -12.250 1.00 70.13  ? 19  G   A O6    1 
ATOM   382 N N1    . G   A 1 19 ? 3.750   -9.526  -12.551 1.00 68.60  ? 19  G   A N1    1 
ATOM   383 C C2    . G   A 1 19 ? 4.779   -8.981  -13.279 1.00 69.52  ? 19  G   A C2    1 
ATOM   384 N N2    . G   A 1 19 ? 5.996   -9.012  -12.699 1.00 69.28  ? 19  G   A N2    1 
ATOM   385 N N3    . G   A 1 19 ? 4.633   -8.453  -14.489 1.00 69.73  ? 19  G   A N3    1 
ATOM   386 C C4    . G   A 1 19 ? 3.356   -8.532  -14.923 1.00 70.65  ? 19  G   A C4    1 
ATOM   387 P P     . U   A 1 20 ? 5.331   -11.157 -19.498 1.00 85.21  ? 20  U   A P     1 
ATOM   388 O OP1   . U   A 1 20 ? 6.249   -11.494 -20.611 1.00 86.61  ? 20  U   A OP1   1 
ATOM   389 O OP2   . U   A 1 20 ? 4.049   -11.898 -19.349 1.00 83.88  ? 20  U   A OP2   1 
ATOM   390 O "O5'" . U   A 1 20 ? 6.142   -11.210 -18.125 1.00 84.88  ? 20  U   A "O5'" 1 
ATOM   391 C "C5'" . U   A 1 20 ? 7.438   -10.636 -18.032 1.00 87.21  ? 20  U   A "C5'" 1 
ATOM   392 C "C4'" . U   A 1 20 ? 8.196   -11.226 -16.870 1.00 88.74  ? 20  U   A "C4'" 1 
ATOM   393 O "O4'" . U   A 1 20 ? 7.616   -10.766 -15.625 1.00 89.86  ? 20  U   A "O4'" 1 
ATOM   394 C "C3'" . U   A 1 20 ? 8.155   -12.736 -16.746 1.00 90.43  ? 20  U   A "C3'" 1 
ATOM   395 O "O3'" . U   A 1 20 ? 9.103   -13.361 -17.599 1.00 92.02  ? 20  U   A "O3'" 1 
ATOM   396 C "C2'" . U   A 1 20 ? 8.508   -12.937 -15.278 1.00 90.91  ? 20  U   A "C2'" 1 
ATOM   397 O "O2'" . U   A 1 20 ? 9.896   -12.816 -15.033 1.00 91.87  ? 20  U   A "O2'" 1 
ATOM   398 C "C1'" . U   A 1 20 ? 7.769   -11.766 -14.629 1.00 90.43  ? 20  U   A "C1'" 1 
ATOM   399 N N1    . U   A 1 20 ? 6.438   -12.127 -14.118 1.00 89.65  ? 20  U   A N1    1 
ATOM   400 C C2    . U   A 1 20 ? 6.339   -12.498 -12.785 1.00 89.80  ? 20  U   A C2    1 
ATOM   401 O O2    . U   A 1 20 ? 7.305   -12.554 -12.036 1.00 90.60  ? 20  U   A O2    1 
ATOM   402 N N3    . U   A 1 20 ? 5.068   -12.805 -12.363 1.00 89.25  ? 20  U   A N3    1 
ATOM   403 C C4    . U   A 1 20 ? 3.912   -12.784 -13.122 1.00 89.12  ? 20  U   A C4    1 
ATOM   404 O O4    . U   A 1 20 ? 2.835   -13.056 -12.592 1.00 87.48  ? 20  U   A O4    1 
ATOM   405 C C5    . U   A 1 20 ? 4.103   -12.405 -14.491 1.00 89.00  ? 20  U   A C5    1 
ATOM   406 C C6    . U   A 1 20 ? 5.329   -12.096 -14.929 1.00 89.14  ? 20  U   A C6    1 
ATOM   407 P P     . C   A 1 21 ? 8.911   -14.903 -18.009 1.00 93.70  ? 21  C   A P     1 
ATOM   408 O OP1   . C   A 1 21 ? 10.147  -15.303 -18.720 1.00 95.47  ? 21  C   A OP1   1 
ATOM   409 O OP2   . C   A 1 21 ? 7.597   -15.069 -18.681 1.00 94.11  ? 21  C   A OP2   1 
ATOM   410 O "O5'" . C   A 1 21 ? 8.865   -15.686 -16.621 1.00 93.45  ? 21  C   A "O5'" 1 
ATOM   411 C "C5'" . C   A 1 21 ? 10.048  -15.852 -15.846 1.00 95.54  ? 21  C   A "C5'" 1 
ATOM   412 C "C4'" . C   A 1 21 ? 9.753   -16.631 -14.585 1.00 97.27  ? 21  C   A "C4'" 1 
ATOM   413 O "O4'" . C   A 1 21 ? 8.891   -15.855 -13.706 1.00 97.31  ? 21  C   A "O4'" 1 
ATOM   414 C "C3'" . C   A 1 21 ? 8.998   -17.935 -14.774 1.00 98.08  ? 21  C   A "C3'" 1 
ATOM   415 O "O3'" . C   A 1 21 ? 9.862   -18.986 -15.189 1.00 98.85  ? 21  C   A "O3'" 1 
ATOM   416 C "C2'" . C   A 1 21 ? 8.420   -18.158 -13.380 1.00 97.86  ? 21  C   A "C2'" 1 
ATOM   417 O "O2'" . C   A 1 21 ? 9.360   -18.656 -12.448 1.00 98.59  ? 21  C   A "O2'" 1 
ATOM   418 C "C1'" . C   A 1 21 ? 8.028   -16.731 -12.992 1.00 96.83  ? 21  C   A "C1'" 1 
ATOM   419 N N1    . C   A 1 21 ? 6.640   -16.439 -13.381 1.00 95.17  ? 21  C   A N1    1 
ATOM   420 C C2    . C   A 1 21 ? 5.619   -16.681 -12.456 1.00 93.63  ? 21  C   A C2    1 
ATOM   421 O O2    . C   A 1 21 ? 5.921   -17.097 -11.328 1.00 93.89  ? 21  C   A O2    1 
ATOM   422 N N3    . C   A 1 21 ? 4.339   -16.451 -12.811 1.00 90.96  ? 21  C   A N3    1 
ATOM   423 C C4    . C   A 1 21 ? 4.059   -15.995 -14.028 1.00 92.07  ? 21  C   A C4    1 
ATOM   424 N N4    . C   A 1 21 ? 2.784   -15.793 -14.339 1.00 92.20  ? 21  C   A N4    1 
ATOM   425 C C5    . C   A 1 21 ? 5.079   -15.725 -14.986 1.00 93.24  ? 21  C   A C5    1 
ATOM   426 C C6    . C   A 1 21 ? 6.344   -15.958 -14.624 1.00 94.12  ? 21  C   A C6    1 
ATOM   427 P P     . G   A 1 22 ? 9.253   -20.263 -15.954 1.00 99.16  ? 22  G   A P     1 
ATOM   428 O OP1   . G   A 1 22 ? 10.406  -21.072 -16.426 1.00 101.59 ? 22  G   A OP1   1 
ATOM   429 O OP2   . G   A 1 22 ? 8.231   -19.815 -16.929 1.00 99.52  ? 22  G   A OP2   1 
ATOM   430 O "O5'" . G   A 1 22 ? 8.518   -21.069 -14.799 1.00 97.60  ? 22  G   A "O5'" 1 
ATOM   431 C "C5'" . G   A 1 22 ? 9.196   -21.366 -13.592 1.00 96.17  ? 22  G   A "C5'" 1 
ATOM   432 C "C4'" . G   A 1 22 ? 8.231   -21.921 -12.586 1.00 97.02  ? 22  G   A "C4'" 1 
ATOM   433 O "O4'" . G   A 1 22 ? 7.312   -20.885 -12.154 1.00 94.91  ? 22  G   A "O4'" 1 
ATOM   434 C "C3'" . G   A 1 22 ? 7.314   -23.007 -13.114 1.00 98.24  ? 22  G   A "C3'" 1 
ATOM   435 O "O3'" . G   A 1 22 ? 7.968   -24.264 -13.139 1.00 104.00 ? 22  G   A "O3'" 1 
ATOM   436 C "C2'" . G   A 1 22 ? 6.183   -22.981 -12.096 1.00 96.09  ? 22  G   A "C2'" 1 
ATOM   437 O "O2'" . G   A 1 22 ? 6.510   -23.694 -10.915 1.00 93.90  ? 22  G   A "O2'" 1 
ATOM   438 C "C1'" . G   A 1 22 ? 6.066   -21.476 -11.817 1.00 93.08  ? 22  G   A "C1'" 1 
ATOM   439 N N9    . G   A 1 22 ? 5.008   -20.816 -12.582 1.00 88.95  ? 22  G   A N9    1 
ATOM   440 C C8    . G   A 1 22 ? 5.134   -20.058 -13.725 1.00 87.34  ? 22  G   A C8    1 
ATOM   441 N N7    . G   A 1 22 ? 3.991   -19.601 -14.165 1.00 85.60  ? 22  G   A N7    1 
ATOM   442 C C5    . G   A 1 22 ? 3.055   -20.082 -13.257 1.00 84.33  ? 22  G   A C5    1 
ATOM   443 C C6    . G   A 1 22 ? 1.644   -19.909 -13.203 1.00 83.06  ? 22  G   A C6    1 
ATOM   444 O O6    . G   A 1 22 ? 0.911   -19.268 -13.972 1.00 81.94  ? 22  G   A O6    1 
ATOM   445 N N1    . G   A 1 22 ? 1.091   -20.576 -12.114 1.00 82.75  ? 22  G   A N1    1 
ATOM   446 C C2    . G   A 1 22 ? 1.800   -21.311 -11.195 1.00 83.79  ? 22  G   A C2    1 
ATOM   447 N N2    . G   A 1 22 ? 1.096   -21.892 -10.219 1.00 83.37  ? 22  G   A N2    1 
ATOM   448 N N3    . G   A 1 22 ? 3.108   -21.470 -11.230 1.00 83.80  ? 22  G   A N3    1 
ATOM   449 C C4    . G   A 1 22 ? 3.668   -20.835 -12.278 1.00 85.44  ? 22  G   A C4    1 
ATOM   450 P P     . C   A 1 23 ? 7.449   -25.398 -14.144 1.00 107.86 ? 23  C   A P     1 
ATOM   451 O OP1   . C   A 1 23 ? 8.475   -26.476 -14.180 1.00 107.89 ? 23  C   A OP1   1 
ATOM   452 O OP2   . C   A 1 23 ? 7.045   -24.720 -15.404 1.00 107.24 ? 23  C   A OP2   1 
ATOM   453 O "O5'" . C   A 1 23 ? 6.151   -25.963 -13.418 1.00 108.59 ? 23  C   A "O5'" 1 
ATOM   454 C "C5'" . C   A 1 23 ? 6.257   -26.610 -12.157 1.00 111.41 ? 23  C   A "C5'" 1 
ATOM   455 C "C4'" . C   A 1 23 ? 4.885   -26.952 -11.628 1.00 114.00 ? 23  C   A "C4'" 1 
ATOM   456 O "O4'" . C   A 1 23 ? 4.156   -25.730 -11.339 1.00 114.33 ? 23  C   A "O4'" 1 
ATOM   457 C "C3'" . C   A 1 23 ? 3.965   -27.694 -12.587 1.00 114.64 ? 23  C   A "C3'" 1 
ATOM   458 O "O3'" . C   A 1 23 ? 4.270   -29.077 -12.824 1.00 115.54 ? 23  C   A "O3'" 1 
ATOM   459 C "C2'" . C   A 1 23 ? 2.593   -27.408 -11.988 1.00 114.52 ? 23  C   A "C2'" 1 
ATOM   460 O "O2'" . C   A 1 23 ? 2.277   -28.229 -10.878 1.00 113.47 ? 23  C   A "O2'" 1 
ATOM   461 C "C1'" . C   A 1 23 ? 2.767   -25.949 -11.548 1.00 113.59 ? 23  C   A "C1'" 1 
ATOM   462 N N1    . C   A 1 23 ? 2.296   -25.011 -12.579 1.00 111.40 ? 23  C   A N1    1 
ATOM   463 C C2    . C   A 1 23 ? 0.944   -24.683 -12.605 1.00 110.31 ? 23  C   A C2    1 
ATOM   464 O O2    . C   A 1 23 ? 0.195   -25.175 -11.743 1.00 108.85 ? 23  C   A O2    1 
ATOM   465 N N3    . C   A 1 23 ? 0.486   -23.845 -13.561 1.00 109.38 ? 23  C   A N3    1 
ATOM   466 C C4    . C   A 1 23 ? 1.326   -23.342 -14.467 1.00 108.63 ? 23  C   A C4    1 
ATOM   467 N N4    . C   A 1 23 ? 0.821   -22.531 -15.401 1.00 107.72 ? 23  C   A N4    1 
ATOM   468 C C5    . C   A 1 23 ? 2.716   -23.650 -14.456 1.00 108.91 ? 23  C   A C5    1 
ATOM   469 C C6    . C   A 1 23 ? 3.154   -24.481 -13.503 1.00 110.07 ? 23  C   A C6    1 
ATOM   470 P P     . G   B 1 3  ? -9.387  -18.872 -15.912 1.00 114.05 ? 26  G   B P     1 
ATOM   471 O OP1   . G   B 1 3  ? -10.863 -18.744 -16.246 1.00 114.06 ? 26  G   B OP1   1 
ATOM   472 O OP2   . G   B 1 3  ? -8.987  -18.111 -14.661 1.00 113.67 ? 26  G   B OP2   1 
ATOM   473 O "O5'" . G   B 1 3  ? -9.152  -20.437 -15.536 1.00 112.86 ? 26  G   B "O5'" 1 
ATOM   474 C "C5'" . G   B 1 3  ? -10.004 -21.091 -14.586 1.00 111.48 ? 26  G   B "C5'" 1 
ATOM   475 C "C4'" . G   B 1 3  ? -9.176  -21.860 -13.591 1.00 110.01 ? 26  G   B "C4'" 1 
ATOM   476 O "O4'" . G   B 1 3  ? -8.158  -22.608 -14.304 1.00 109.39 ? 26  G   B "O4'" 1 
ATOM   477 C "C3'" . G   B 1 3  ? -8.378  -21.026 -12.602 1.00 109.65 ? 26  G   B "C3'" 1 
ATOM   478 O "O3'" . G   B 1 3  ? -9.178  -20.649 -11.489 1.00 109.39 ? 26  G   B "O3'" 1 
ATOM   479 C "C2'" . G   B 1 3  ? -7.297  -22.006 -12.173 1.00 109.14 ? 26  G   B "C2'" 1 
ATOM   480 O "O2'" . G   B 1 3  ? -7.787  -22.940 -11.231 1.00 109.73 ? 26  G   B "O2'" 1 
ATOM   481 C "C1'" . G   B 1 3  ? -7.002  -22.725 -13.491 1.00 108.29 ? 26  G   B "C1'" 1 
ATOM   482 N N9    . G   B 1 3  ? -5.853  -22.190 -14.220 1.00 106.77 ? 26  G   B N9    1 
ATOM   483 C C8    . G   B 1 3  ? -5.863  -21.337 -15.301 1.00 106.62 ? 26  G   B C8    1 
ATOM   484 N N7    . G   B 1 3  ? -4.666  -21.064 -15.752 1.00 105.03 ? 26  G   B N7    1 
ATOM   485 C C5    . G   B 1 3  ? -3.814  -21.774 -14.915 1.00 103.61 ? 26  G   B C5    1 
ATOM   486 C C6    . G   B 1 3  ? -2.394  -21.882 -14.916 1.00 102.98 ? 26  G   B C6    1 
ATOM   487 O O6    . G   B 1 3  ? -1.574  -21.362 -15.692 1.00 101.49 ? 26  G   B O6    1 
ATOM   488 N N1    . G   B 1 3  ? -1.948  -22.701 -13.881 1.00 102.68 ? 26  G   B N1    1 
ATOM   489 C C2    . G   B 1 3  ? -2.755  -23.337 -12.969 1.00 102.71 ? 26  G   B C2    1 
ATOM   490 N N2    . G   B 1 3  ? -2.136  -24.073 -12.039 1.00 102.38 ? 26  G   B N2    1 
ATOM   491 N N3    . G   B 1 3  ? -4.071  -23.255 -12.965 1.00 103.42 ? 26  G   B N3    1 
ATOM   492 C C4    . G   B 1 3  ? -4.531  -22.464 -13.957 1.00 104.75 ? 26  G   B C4    1 
ATOM   493 P P     . C   B 1 4  ? -8.685  -19.467 -10.514 1.00 109.06 ? 27  C   B P     1 
ATOM   494 O OP1   . C   B 1 4  ? -9.783  -19.256 -9.534  1.00 109.37 ? 27  C   B OP1   1 
ATOM   495 O OP2   . C   B 1 4  ? -8.208  -18.327 -11.345 1.00 108.87 ? 27  C   B OP2   1 
ATOM   496 O "O5'" . C   B 1 4  ? -7.445  -20.091 -9.731  1.00 106.20 ? 27  C   B "O5'" 1 
ATOM   497 C "C5'" . C   B 1 4  ? -7.636  -21.171 -8.816  1.00 102.22 ? 27  C   B "C5'" 1 
ATOM   498 C "C4'" . C   B 1 4  ? -6.306  -21.722 -8.358  1.00 97.79  ? 27  C   B "C4'" 1 
ATOM   499 O "O4'" . C   B 1 4  ? -5.555  -22.170 -9.514  1.00 96.13  ? 27  C   B "O4'" 1 
ATOM   500 C "C3'" . C   B 1 4  ? -5.377  -20.727 -7.690  1.00 95.65  ? 27  C   B "C3'" 1 
ATOM   501 O "O3'" . C   B 1 4  ? -5.683  -20.590 -6.310  1.00 94.77  ? 27  C   B "O3'" 1 
ATOM   502 C "C2'" . C   B 1 4  ? -4.014  -21.369 -7.898  1.00 93.42  ? 27  C   B "C2'" 1 
ATOM   503 O "O2'" . C   B 1 4  ? -3.766  -22.409 -6.979  1.00 92.60  ? 27  C   B "O2'" 1 
ATOM   504 C "C1'" . C   B 1 4  ? -4.172  -21.965 -9.296  1.00 91.81  ? 27  C   B "C1'" 1 
ATOM   505 N N1    . C   B 1 4  ? -3.658  -21.105 -10.370 1.00 87.55  ? 27  C   B N1    1 
ATOM   506 C C2    . C   B 1 4  ? -2.295  -21.162 -10.673 1.00 86.24  ? 27  C   B C2    1 
ATOM   507 O O2    . C   B 1 4  ? -1.574  -21.925 -10.019 1.00 86.20  ? 27  C   B O2    1 
ATOM   508 N N3    . C   B 1 4  ? -1.800  -20.388 -11.666 1.00 83.59  ? 27  C   B N3    1 
ATOM   509 C C4    . C   B 1 4  ? -2.613  -19.578 -12.343 1.00 82.89  ? 27  C   B C4    1 
ATOM   510 N N4    . C   B 1 4  ? -2.079  -18.830 -13.313 1.00 82.21  ? 27  C   B N4    1 
ATOM   511 C C5    . C   B 1 4  ? -4.011  -19.498 -12.054 1.00 83.47  ? 27  C   B C5    1 
ATOM   512 C C6    . C   B 1 4  ? -4.486  -20.272 -11.067 1.00 84.40  ? 27  C   B C6    1 
ATOM   513 P P     . G   B 1 5  ? -5.616  -19.137 -5.635  1.00 93.48  ? 28  G   B P     1 
ATOM   514 O OP1   . G   B 1 5  ? -5.295  -19.283 -4.195  1.00 93.43  ? 28  G   B OP1   1 
ATOM   515 O OP2   . G   B 1 5  ? -6.846  -18.407 -6.044  1.00 93.98  ? 28  G   B OP2   1 
ATOM   516 O "O5'" . G   B 1 5  ? -4.348  -18.489 -6.345  1.00 90.43  ? 28  G   B "O5'" 1 
ATOM   517 C "C5'" . G   B 1 5  ? -3.257  -17.984 -5.583  1.00 86.22  ? 28  G   B "C5'" 1 
ATOM   518 C "C4'" . G   B 1 5  ? -2.019  -18.827 -5.806  1.00 82.02  ? 28  G   B "C4'" 1 
ATOM   519 O "O4'" . G   B 1 5  ? -2.024  -19.391 -7.145  1.00 78.48  ? 28  G   B "O4'" 1 
ATOM   520 C "C3'" . G   B 1 5  ? -0.713  -18.055 -5.721  1.00 79.99  ? 28  G   B "C3'" 1 
ATOM   521 O "O3'" . G   B 1 5  ? -0.255  -17.910 -4.385  1.00 81.14  ? 28  G   B "O3'" 1 
ATOM   522 C "C2'" . G   B 1 5  ? 0.232   -18.910 -6.550  1.00 78.51  ? 28  G   B "C2'" 1 
ATOM   523 O "O2'" . G   B 1 5  ? 0.773   -19.990 -5.823  1.00 81.87  ? 28  G   B "O2'" 1 
ATOM   524 C "C1'" . G   B 1 5  ? -0.701  -19.420 -7.650  1.00 75.48  ? 28  G   B "C1'" 1 
ATOM   525 N N9    . G   B 1 5  ? -0.646  -18.585 -8.843  1.00 70.83  ? 28  G   B N9    1 
ATOM   526 C C8    . G   B 1 5  ? -1.696  -17.968 -9.488  1.00 69.68  ? 28  G   B C8    1 
ATOM   527 N N7    . G   B 1 5  ? -1.322  -17.293 -10.541 1.00 66.41  ? 28  G   B N7    1 
ATOM   528 C C5    . G   B 1 5  ? 0.054   -17.478 -10.593 1.00 65.40  ? 28  G   B C5    1 
ATOM   529 C C6    . G   B 1 5  ? 1.006   -16.996 -11.514 1.00 63.66  ? 28  G   B C6    1 
ATOM   530 O O6    . G   B 1 5  ? 0.817   -16.317 -12.526 1.00 63.27  ? 28  G   B O6    1 
ATOM   531 N N1    . G   B 1 5  ? 2.293   -17.393 -11.174 1.00 61.92  ? 28  G   B N1    1 
ATOM   532 C C2    . G   B 1 5  ? 2.615   -18.175 -10.096 1.00 64.33  ? 28  G   B C2    1 
ATOM   533 N N2    . G   B 1 5  ? 3.913   -18.445 -9.917  1.00 64.97  ? 28  G   B N2    1 
ATOM   534 N N3    . G   B 1 5  ? 1.731   -18.654 -9.246  1.00 65.37  ? 28  G   B N3    1 
ATOM   535 C C4    . G   B 1 5  ? 0.482   -18.266 -9.548  1.00 66.85  ? 28  G   B C4    1 
ATOM   536 P P     . U   B 1 6  ? 0.470   -16.541 -3.946  1.00 84.12  ? 29  U   B P     1 
ATOM   537 O OP1   . U   B 1 6  ? 0.938   -16.663 -2.537  1.00 82.52  ? 29  U   B OP1   1 
ATOM   538 O OP2   . U   B 1 6  ? -0.432  -15.421 -4.326  1.00 82.22  ? 29  U   B OP2   1 
ATOM   539 O "O5'" . U   B 1 6  ? 1.762   -16.497 -4.878  1.00 80.60  ? 29  U   B "O5'" 1 
ATOM   540 C "C5'" . U   B 1 6  ? 2.869   -17.334 -4.599  1.00 77.65  ? 29  U   B "C5'" 1 
ATOM   541 C "C4'" . U   B 1 6  ? 4.083   -16.830 -5.318  1.00 75.68  ? 29  U   B "C4'" 1 
ATOM   542 O "O4'" . U   B 1 6  ? 3.958   -17.105 -6.738  1.00 75.51  ? 29  U   B "O4'" 1 
ATOM   543 C "C3'" . U   B 1 6  ? 4.259   -15.333 -5.255  1.00 74.73  ? 29  U   B "C3'" 1 
ATOM   544 O "O3'" . U   B 1 6  ? 4.863   -14.938 -4.036  1.00 75.38  ? 29  U   B "O3'" 1 
ATOM   545 C "C2'" . U   B 1 6  ? 5.136   -15.075 -6.472  1.00 73.43  ? 29  U   B "C2'" 1 
ATOM   546 O "O2'" . U   B 1 6  ? 6.482   -15.427 -6.243  1.00 74.23  ? 29  U   B "O2'" 1 
ATOM   547 C "C1'" . U   B 1 6  ? 4.521   -16.041 -7.486  1.00 70.91  ? 29  U   B "C1'" 1 
ATOM   548 N N1    . U   B 1 6  ? 3.438   -15.440 -8.272  1.00 68.13  ? 29  U   B N1    1 
ATOM   549 C C2    . U   B 1 6  ? 3.771   -14.679 -9.378  1.00 66.54  ? 29  U   B C2    1 
ATOM   550 O O2    . U   B 1 6  ? 4.918   -14.479 -9.729  1.00 66.73  ? 29  U   B O2    1 
ATOM   551 N N3    . U   B 1 6  ? 2.705   -14.158 -10.063 1.00 64.42  ? 29  U   B N3    1 
ATOM   552 C C4    . U   B 1 6  ? 1.372   -14.318 -9.773  1.00 64.93  ? 29  U   B C4    1 
ATOM   553 O O4    . U   B 1 6  ? 0.529   -13.838 -10.536 1.00 65.14  ? 29  U   B O4    1 
ATOM   554 C C5    . U   B 1 6  ? 1.106   -15.112 -8.610  1.00 64.82  ? 29  U   B C5    1 
ATOM   555 C C6    . U   B 1 6  ? 2.121   -15.632 -7.917  1.00 66.10  ? 29  U   B C6    1 
ATOM   556 P P     . C   B 1 7  ? 4.693   -13.421 -3.530  1.00 77.76  ? 30  C   B P     1 
ATOM   557 O OP1   . C   B 1 7  ? 5.242   -13.351 -2.154  1.00 77.74  ? 30  C   B OP1   1 
ATOM   558 O OP2   . C   B 1 7  ? 3.297   -12.971 -3.781  1.00 77.32  ? 30  C   B OP2   1 
ATOM   559 O "O5'" . C   B 1 7  ? 5.646   -12.594 -4.504  1.00 76.50  ? 30  C   B "O5'" 1 
ATOM   560 C "C5'" . C   B 1 7  ? 7.055   -12.765 -4.469  1.00 74.63  ? 30  C   B "C5'" 1 
ATOM   561 C "C4'" . C   B 1 7  ? 7.702   -11.967 -5.569  1.00 74.56  ? 30  C   B "C4'" 1 
ATOM   562 O "O4'" . C   B 1 7  ? 7.278   -12.486 -6.859  1.00 74.49  ? 30  C   B "O4'" 1 
ATOM   563 C "C3'" . C   B 1 7  ? 7.283   -10.515 -5.647  1.00 75.16  ? 30  C   B "C3'" 1 
ATOM   564 O "O3'" . C   B 1 7  ? 7.929   -9.692  -4.698  1.00 76.79  ? 30  C   B "O3'" 1 
ATOM   565 C "C2'" . C   B 1 7  ? 7.663   -10.163 -7.074  1.00 74.32  ? 30  C   B "C2'" 1 
ATOM   566 O "O2'" . C   B 1 7  ? 9.052   -9.975  -7.244  1.00 73.04  ? 30  C   B "O2'" 1 
ATOM   567 C "C1'" . C   B 1 7  ? 7.212   -11.424 -7.805  1.00 74.17  ? 30  C   B "C1'" 1 
ATOM   568 N N1    . C   B 1 7  ? 5.821   -11.292 -8.270  1.00 73.72  ? 30  C   B N1    1 
ATOM   569 C C2    . C   B 1 7  ? 5.577   -10.640 -9.486  1.00 73.83  ? 30  C   B C2    1 
ATOM   570 O O2    . C   B 1 7  ? 6.540   -10.186 -10.132 1.00 74.09  ? 30  C   B O2    1 
ATOM   571 N N3    . C   B 1 7  ? 4.298   -10.515 -9.921  1.00 73.12  ? 30  C   B N3    1 
ATOM   572 C C4    . C   B 1 7  ? 3.294   -11.004 -9.190  1.00 72.35  ? 30  C   B C4    1 
ATOM   573 N N4    . C   B 1 7  ? 2.054   -10.860 -9.656  1.00 71.68  ? 30  C   B N4    1 
ATOM   574 C C5    . C   B 1 7  ? 3.517   -11.664 -7.948  1.00 71.53  ? 30  C   B C5    1 
ATOM   575 C C6    . C   B 1 7  ? 4.784   -11.788 -7.531  1.00 72.18  ? 30  C   B C6    1 
ATOM   576 P P     . G   B 1 8  ? 7.239   -8.304  -4.272  1.00 77.84  ? 31  G   B P     1 
ATOM   577 O OP1   . G   B 1 8  ? 8.156   -7.659  -3.297  1.00 78.42  ? 31  G   B OP1   1 
ATOM   578 O OP2   . G   B 1 8  ? 5.823   -8.564  -3.895  1.00 76.17  ? 31  G   B OP2   1 
ATOM   579 O "O5'" . G   B 1 8  ? 7.228   -7.441  -5.611  1.00 74.55  ? 31  G   B "O5'" 1 
ATOM   580 C "C5'" . G   B 1 8  ? 8.442   -7.029  -6.207  1.00 71.49  ? 31  G   B "C5'" 1 
ATOM   581 C "C4'" . G   B 1 8  ? 8.174   -6.379  -7.534  1.00 71.26  ? 31  G   B "C4'" 1 
ATOM   582 O "O4'" . G   B 1 8  ? 7.488   -7.316  -8.401  1.00 71.17  ? 31  G   B "O4'" 1 
ATOM   583 C "C3'" . G   B 1 8  ? 7.246   -5.181  -7.517  1.00 71.48  ? 31  G   B "C3'" 1 
ATOM   584 O "O3'" . G   B 1 8  ? 7.964   -4.020  -7.153  1.00 72.38  ? 31  G   B "O3'" 1 
ATOM   585 C "C2'" . G   B 1 8  ? 6.820   -5.118  -8.975  1.00 72.39  ? 31  G   B "C2'" 1 
ATOM   586 O "O2'" . G   B 1 8  ? 7.809   -4.557  -9.821  1.00 73.77  ? 31  G   B "O2'" 1 
ATOM   587 C "C1'" . G   B 1 8  ? 6.657   -6.604  -9.298  1.00 70.09  ? 31  G   B "C1'" 1 
ATOM   588 N N9    . G   B 1 8  ? 5.283   -7.044  -9.100  1.00 68.40  ? 31  G   B N9    1 
ATOM   589 C C8    . G   B 1 8  ? 4.759   -7.698  -8.010  1.00 67.81  ? 31  G   B C8    1 
ATOM   590 N N7    . G   B 1 8  ? 3.482   -7.950  -8.131  1.00 66.76  ? 31  G   B N7    1 
ATOM   591 C C5    . G   B 1 8  ? 3.148   -7.434  -9.375  1.00 65.76  ? 31  G   B C5    1 
ATOM   592 C C6    . G   B 1 8  ? 1.905   -7.410  -10.059 1.00 66.20  ? 31  G   B C6    1 
ATOM   593 O O6    . G   B 1 8  ? 0.810   -7.849  -9.689  1.00 65.31  ? 31  G   B O6    1 
ATOM   594 N N1    . G   B 1 8  ? 2.018   -6.790  -11.299 1.00 67.13  ? 31  G   B N1    1 
ATOM   595 C C2    . G   B 1 8  ? 3.176   -6.254  -11.810 1.00 65.95  ? 31  G   B C2    1 
ATOM   596 N N2    . G   B 1 8  ? 3.078   -5.696  -13.015 1.00 66.34  ? 31  G   B N2    1 
ATOM   597 N N3    . G   B 1 8  ? 4.336   -6.266  -11.184 1.00 63.88  ? 31  G   B N3    1 
ATOM   598 C C4    . G   B 1 8  ? 4.250   -6.869  -9.983  1.00 66.54  ? 31  G   B C4    1 
ATOM   599 P P     . C   B 1 9  ? 7.203   -2.801  -6.449  1.00 73.51  ? 32  C   B P     1 
ATOM   600 O OP1   . C   B 1 9  ? 8.271   -1.867  -6.031  1.00 75.07  ? 32  C   B OP1   1 
ATOM   601 O OP2   . C   B 1 9  ? 6.267   -3.333  -5.435  1.00 72.62  ? 32  C   B OP2   1 
ATOM   602 O "O5'" . C   B 1 9  ? 6.393   -2.119  -7.641  1.00 71.27  ? 32  C   B "O5'" 1 
ATOM   603 C "C5'" . C   B 1 9  ? 7.092   -1.499  -8.719  1.00 68.28  ? 32  C   B "C5'" 1 
ATOM   604 C "C4'" . C   B 1 9  ? 6.142   -1.116  -9.833  1.00 66.21  ? 32  C   B "C4'" 1 
ATOM   605 O "O4'" . C   B 1 9  ? 5.552   -2.309  -10.410 1.00 65.07  ? 32  C   B "O4'" 1 
ATOM   606 C "C3'" . C   B 1 9  ? 4.947   -0.278  -9.430  1.00 66.59  ? 32  C   B "C3'" 1 
ATOM   607 O "O3'" . C   B 1 9  ? 5.284   1.093   -9.313  1.00 68.43  ? 32  C   B "O3'" 1 
ATOM   608 C "C2'" . C   B 1 9  ? 3.967   -0.549  -10.565 1.00 65.42  ? 32  C   B "C2'" 1 
ATOM   609 O "O2'" . C   B 1 9  ? 4.228   0.184   -11.743 1.00 66.34  ? 32  C   B "O2'" 1 
ATOM   610 C "C1'" . C   B 1 9  ? 4.219   -2.035  -10.828 1.00 64.27  ? 32  C   B "C1'" 1 
ATOM   611 N N1    . C   B 1 9  ? 3.294   -2.878  -10.053 1.00 61.07  ? 32  C   B N1    1 
ATOM   612 C C2    . C   B 1 9  ? 1.965   -2.964  -10.462 1.00 61.28  ? 32  C   B C2    1 
ATOM   613 O O2    . C   B 1 9  ? 1.625   -2.405  -11.507 1.00 63.51  ? 32  C   B O2    1 
ATOM   614 N N3    . C   B 1 9  ? 1.083   -3.658  -9.712  1.00 59.61  ? 32  C   B N3    1 
ATOM   615 C C4    . C   B 1 9  ? 1.496   -4.270  -8.607  1.00 57.71  ? 32  C   B C4    1 
ATOM   616 N N4    . C   B 1 9  ? 0.591   -4.917  -7.883  1.00 56.83  ? 32  C   B N4    1 
ATOM   617 C C5    . C   B 1 9  ? 2.858   -4.239  -8.191  1.00 59.01  ? 32  C   B C5    1 
ATOM   618 C C6    . C   B 1 9  ? 3.714   -3.537  -8.935  1.00 59.42  ? 32  C   B C6    1 
ATOM   619 P P     . U   B 1 10 ? 4.562   1.978   -8.190  1.00 72.55  ? 33  U   B P     1 
ATOM   620 O OP1   . U   B 1 10 ? 5.158   3.339   -8.192  1.00 70.72  ? 33  U   B OP1   1 
ATOM   621 O OP2   . U   B 1 10 ? 4.577   1.173   -6.938  1.00 73.16  ? 33  U   B OP2   1 
ATOM   622 O "O5'" . U   B 1 10 ? 3.054   2.062   -8.703  1.00 70.31  ? 33  U   B "O5'" 1 
ATOM   623 C "C5'" . U   B 1 10 ? 2.736   2.705   -9.933  1.00 69.75  ? 33  U   B "C5'" 1 
ATOM   624 C "C4'" . U   B 1 10 ? 1.273   2.518   -10.262 1.00 69.51  ? 33  U   B "C4'" 1 
ATOM   625 O "O4'" . U   B 1 10 ? 1.021   1.110   -10.503 1.00 70.13  ? 33  U   B "O4'" 1 
ATOM   626 C "C3'" . U   B 1 10 ? 0.294   2.892   -9.162  1.00 69.55  ? 33  U   B "C3'" 1 
ATOM   627 O "O3'" . U   B 1 10 ? 0.002   4.290   -9.161  1.00 71.01  ? 33  U   B "O3'" 1 
ATOM   628 C "C2'" . U   B 1 10 ? -0.925  2.043   -9.508  1.00 68.37  ? 33  U   B "C2'" 1 
ATOM   629 O "O2'" . U   B 1 10 ? -1.735  2.587   -10.519 1.00 67.84  ? 33  U   B "O2'" 1 
ATOM   630 C "C1'" . U   B 1 10 ? -0.271  0.765   -10.032 1.00 67.75  ? 33  U   B "C1'" 1 
ATOM   631 N N1    . U   B 1 10 ? -0.109  -0.224  -8.966  1.00 65.38  ? 33  U   B N1    1 
ATOM   632 C C2    . U   B 1 10 ? -1.212  -0.952  -8.594  1.00 64.62  ? 33  U   B C2    1 
ATOM   633 O O2    . U   B 1 10 ? -2.291  -0.845  -9.135  1.00 62.86  ? 33  U   B O2    1 
ATOM   634 N N3    . U   B 1 10 ? -1.004  -1.814  -7.559  1.00 65.12  ? 33  U   B N3    1 
ATOM   635 C C4    . U   B 1 10 ? 0.171   -2.017  -6.884  1.00 66.23  ? 33  U   B C4    1 
ATOM   636 O O4    . U   B 1 10 ? 0.190   -2.792  -5.932  1.00 70.55  ? 33  U   B O4    1 
ATOM   637 C C5    . U   B 1 10 ? 1.272   -1.243  -7.352  1.00 65.52  ? 33  U   B C5    1 
ATOM   638 C C6    . U   B 1 10 ? 1.098   -0.397  -8.354  1.00 64.99  ? 33  U   B C6    1 
ATOM   639 P P     . C   B 1 11 ? -0.468  5.000   -7.796  1.00 72.59  ? 34  C   B P     1 
ATOM   640 O OP1   . C   B 1 11 ? -0.657  6.444   -8.051  1.00 73.25  ? 34  C   B OP1   1 
ATOM   641 O OP2   . C   B 1 11 ? 0.424   4.560   -6.689  1.00 72.40  ? 34  C   B OP2   1 
ATOM   642 O "O5'" . C   B 1 11 ? -1.914  4.395   -7.535  1.00 72.75  ? 34  C   B "O5'" 1 
ATOM   643 C "C5'" . C   B 1 11 ? -3.024  4.823   -8.313  1.00 74.08  ? 34  C   B "C5'" 1 
ATOM   644 C "C4'" . C   B 1 11 ? -4.281  4.146   -7.835  1.00 74.42  ? 34  C   B "C4'" 1 
ATOM   645 O "O4'" . C   B 1 11 ? -4.126  2.715   -8.017  1.00 73.66  ? 34  C   B "O4'" 1 
ATOM   646 C "C3'" . C   B 1 11 ? -4.564  4.282   -6.349  1.00 75.23  ? 34  C   B "C3'" 1 
ATOM   647 O "O3'" . C   B 1 11 ? -5.239  5.486   -6.027  1.00 75.45  ? 34  C   B "O3'" 1 
ATOM   648 C "C2'" . C   B 1 11 ? -5.455  3.082   -6.089  1.00 73.83  ? 34  C   B "C2'" 1 
ATOM   649 O "O2'" . C   B 1 11 ? -6.771  3.316   -6.531  1.00 77.61  ? 34  C   B "O2'" 1 
ATOM   650 C "C1'" . C   B 1 11 ? -4.793  2.030   -6.973  1.00 71.78  ? 34  C   B "C1'" 1 
ATOM   651 N N1    . C   B 1 11 ? -3.804  1.261   -6.222  1.00 67.84  ? 34  C   B N1    1 
ATOM   652 C C2    . C   B 1 11 ? -4.238  0.141   -5.545  1.00 66.39  ? 34  C   B C2    1 
ATOM   653 O O2    . C   B 1 11 ? -5.429  -0.173  -5.644  1.00 64.64  ? 34  C   B O2    1 
ATOM   654 N N3    . C   B 1 11 ? -3.360  -0.570  -4.807  1.00 65.76  ? 34  C   B N3    1 
ATOM   655 C C4    . C   B 1 11 ? -2.084  -0.181  -4.738  1.00 65.89  ? 34  C   B C4    1 
ATOM   656 N N4    . C   B 1 11 ? -1.256  -0.886  -3.968  1.00 66.20  ? 34  C   B N4    1 
ATOM   657 C C5    . C   B 1 11 ? -1.605  0.953   -5.447  1.00 65.04  ? 34  C   B C5    1 
ATOM   658 C C6    . C   B 1 11 ? -2.492  1.639   -6.173  1.00 66.30  ? 34  C   B C6    1 
ATOM   659 P P     . C   B 1 12 ? -5.317  5.939   -4.494  1.00 77.73  ? 35  C   B P     1 
ATOM   660 O OP1   . C   B 1 12 ? -6.087  7.213   -4.445  1.00 78.75  ? 35  C   B OP1   1 
ATOM   661 O OP2   . C   B 1 12 ? -3.935  5.899   -3.942  1.00 76.70  ? 35  C   B OP2   1 
ATOM   662 O "O5'" . C   B 1 12 ? -6.174  4.780   -3.805  1.00 74.49  ? 35  C   B "O5'" 1 
ATOM   663 C "C5'" . C   B 1 12 ? -7.575  4.676   -4.043  1.00 71.67  ? 35  C   B "C5'" 1 
ATOM   664 C "C4'" . C   B 1 12 ? -8.178  3.544   -3.238  1.00 70.89  ? 35  C   B "C4'" 1 
ATOM   665 O "O4'" . C   B 1 12 ? -7.523  2.307   -3.607  1.00 71.01  ? 35  C   B "O4'" 1 
ATOM   666 C "C3'" . C   B 1 12 ? -7.997  3.564   -1.730  1.00 70.49  ? 35  C   B "C3'" 1 
ATOM   667 O "O3'" . C   B 1 12 ? -8.906  4.430   -1.072  1.00 71.47  ? 35  C   B "O3'" 1 
ATOM   668 C "C2'" . C   B 1 12 ? -8.268  2.113   -1.370  1.00 68.71  ? 35  C   B "C2'" 1 
ATOM   669 O "O2'" . C   B 1 12 ? -9.637  1.774   -1.403  1.00 67.05  ? 35  C   B "O2'" 1 
ATOM   670 C "C1'" . C   B 1 12 ? -7.566  1.402   -2.518  1.00 67.86  ? 35  C   B "C1'" 1 
ATOM   671 N N1    . C   B 1 12 ? -6.197  1.037   -2.175  1.00 65.82  ? 35  C   B N1    1 
ATOM   672 C C2    . C   B 1 12 ? -5.989  -0.107  -1.416  1.00 65.34  ? 35  C   B C2    1 
ATOM   673 O O2    . C   B 1 12 ? -6.981  -0.739  -1.016  1.00 64.29  ? 35  C   B O2    1 
ATOM   674 N N3    . C   B 1 12 ? -4.724  -0.487  -1.125  1.00 64.49  ? 35  C   B N3    1 
ATOM   675 C C4    . C   B 1 12 ? -3.695  0.253   -1.543  1.00 66.23  ? 35  C   B C4    1 
ATOM   676 N N4    . C   B 1 12 ? -2.462  -0.150  -1.230  1.00 66.75  ? 35  C   B N4    1 
ATOM   677 C C5    . C   B 1 12 ? -3.884  1.444   -2.300  1.00 65.90  ? 35  C   B C5    1 
ATOM   678 C C6    . C   B 1 12 ? -5.141  1.793   -2.595  1.00 65.91  ? 35  C   B C6    1 
ATOM   679 P P     . G   B 1 13 ? -8.376  5.343   0.134   1.00 73.61  ? 36  G   B P     1 
ATOM   680 O OP1   . G   B 1 13 ? -9.396  6.407   0.309   1.00 75.61  ? 36  G   B OP1   1 
ATOM   681 O OP2   . G   B 1 13 ? -6.949  5.717   -0.090  1.00 71.12  ? 36  G   B OP2   1 
ATOM   682 O "O5'" . G   B 1 13 ? -8.432  4.375   1.391   1.00 71.86  ? 36  G   B "O5'" 1 
ATOM   683 C "C5'" . G   B 1 13 ? -9.674  3.932   1.880   1.00 71.13  ? 36  G   B "C5'" 1 
ATOM   684 C "C4'" . G   B 1 13 ? -9.491  2.701   2.720   1.00 72.89  ? 36  G   B "C4'" 1 
ATOM   685 O "O4'" . G   B 1 13 ? -8.792  1.694   1.940   1.00 72.59  ? 36  G   B "O4'" 1 
ATOM   686 C "C3'" . G   B 1 13 ? -8.594  2.808   3.939   1.00 73.84  ? 36  G   B "C3'" 1 
ATOM   687 O "O3'" . G   B 1 13 ? -9.205  3.472   5.037   1.00 76.97  ? 36  G   B "O3'" 1 
ATOM   688 C "C2'" . G   B 1 13 ? -8.378  1.335   4.230   1.00 72.07  ? 36  G   B "C2'" 1 
ATOM   689 O "O2'" . G   B 1 13 ? -9.570  0.738   4.704   1.00 70.14  ? 36  G   B "O2'" 1 
ATOM   690 C "C1'" . G   B 1 13 ? -8.091  0.824   2.818   1.00 69.63  ? 36  G   B "C1'" 1 
ATOM   691 N N9    . G   B 1 13 ? -6.667  0.890   2.505   1.00 65.67  ? 36  G   B N9    1 
ATOM   692 C C8    . G   B 1 13 ? -6.041  1.739   1.625   1.00 64.34  ? 36  G   B C8    1 
ATOM   693 N N7    . G   B 1 13 ? -4.747  1.546   1.564   1.00 63.05  ? 36  G   B N7    1 
ATOM   694 C C5    . G   B 1 13 ? -4.508  0.507   2.453   1.00 60.22  ? 36  G   B C5    1 
ATOM   695 C C6    . G   B 1 13 ? -3.307  -0.147  2.794   1.00 59.41  ? 36  G   B C6    1 
ATOM   696 O O6    . G   B 1 13 ? -2.169  0.038   2.336   1.00 59.62  ? 36  G   B O6    1 
ATOM   697 N N1    . G   B 1 13 ? -3.515  -1.126  3.760   1.00 58.81  ? 36  G   B N1    1 
ATOM   698 C C2    . G   B 1 13 ? -4.734  -1.457  4.302   1.00 58.94  ? 36  G   B C2    1 
ATOM   699 N N2    . G   B 1 13 ? -4.741  -2.440  5.223   1.00 57.14  ? 36  G   B N2    1 
ATOM   700 N N3    . G   B 1 13 ? -5.866  -0.874  3.966   1.00 59.55  ? 36  G   B N3    1 
ATOM   701 C C4    . G   B 1 13 ? -5.681  0.095   3.048   1.00 62.08  ? 36  G   B C4    1 
ATOM   702 P P     . G   B 1 14 ? -8.291  4.341   6.033   1.00 77.48  ? 37  G   B P     1 
ATOM   703 O OP1   . G   B 1 14 ? -9.194  5.232   6.805   1.00 79.82  ? 37  G   B OP1   1 
ATOM   704 O OP2   . G   B 1 14 ? -7.180  4.932   5.236   1.00 77.61  ? 37  G   B OP2   1 
ATOM   705 O "O5'" . G   B 1 14 ? -7.703  3.252   7.030   1.00 74.69  ? 37  G   B "O5'" 1 
ATOM   706 C "C5'" . G   B 1 14 ? -8.573  2.319   7.643   1.00 73.42  ? 37  G   B "C5'" 1 
ATOM   707 C "C4'" . G   B 1 14 ? -7.790  1.175   8.235   1.00 73.16  ? 37  G   B "C4'" 1 
ATOM   708 O "O4'" . G   B 1 14 ? -7.024  0.517   7.191   1.00 70.00  ? 37  G   B "O4'" 1 
ATOM   709 C "C3'" . G   B 1 14 ? -6.728  1.539   9.253   1.00 72.09  ? 37  G   B "C3'" 1 
ATOM   710 O "O3'" . G   B 1 14 ? -7.292  1.828   10.521  1.00 74.32  ? 37  G   B "O3'" 1 
ATOM   711 C "C2'" . G   B 1 14 ? -5.853  0.291   9.242   1.00 69.42  ? 37  G   B "C2'" 1 
ATOM   712 O "O2'" . G   B 1 14 ? -6.409  -0.803  9.947   1.00 67.96  ? 37  G   B "O2'" 1 
ATOM   713 C "C1'" . G   B 1 14 ? -5.844  -0.033  7.750   1.00 66.34  ? 37  G   B "C1'" 1 
ATOM   714 N N9    . G   B 1 14 ? -4.700  0.531   7.041   1.00 61.54  ? 37  G   B N9    1 
ATOM   715 C C8    . G   B 1 14 ? -4.705  1.508   6.073   1.00 58.88  ? 37  G   B C8    1 
ATOM   716 N N7    . G   B 1 14 ? -3.520  1.746   5.583   1.00 55.57  ? 37  G   B N7    1 
ATOM   717 C C5    . G   B 1 14 ? -2.686  0.887   6.281   1.00 54.67  ? 37  G   B C5    1 
ATOM   718 C C6    . G   B 1 14 ? -1.303  0.677   6.167   1.00 54.98  ? 37  G   B C6    1 
ATOM   719 O O6    . G   B 1 14 ? -0.507  1.228   5.397   1.00 53.58  ? 37  G   B O6    1 
ATOM   720 N N1    . G   B 1 14 ? -0.859  -0.293  7.059   1.00 56.37  ? 37  G   B N1    1 
ATOM   721 C C2    . G   B 1 14 ? -1.660  -0.978  7.952   1.00 59.16  ? 37  G   B C2    1 
ATOM   722 N N2    . G   B 1 14 ? -1.056  -1.897  8.723   1.00 58.25  ? 37  G   B N2    1 
ATOM   723 N N3    . G   B 1 14 ? -2.961  -0.783  8.069   1.00 56.33  ? 37  G   B N3    1 
ATOM   724 C C4    . G   B 1 14 ? -3.402  0.148   7.202   1.00 57.52  ? 37  G   B C4    1 
ATOM   725 P P     . A   B 1 15 ? -6.629  2.977   11.422  1.00 76.48  ? 38  A   B P     1 
ATOM   726 O OP1   . A   B 1 15 ? -7.568  3.272   12.532  1.00 77.16  ? 38  A   B OP1   1 
ATOM   727 O OP2   . A   B 1 15 ? -6.174  4.080   10.533  1.00 75.30  ? 38  A   B OP2   1 
ATOM   728 O "O5'" . A   B 1 15 ? -5.363  2.232   12.026  1.00 72.26  ? 38  A   B "O5'" 1 
ATOM   729 C "C5'" . A   B 1 15 ? -5.511  0.954   12.621  1.00 69.94  ? 38  A   B "C5'" 1 
ATOM   730 C "C4'" . A   B 1 15 ? -4.165  0.306   12.790  1.00 70.16  ? 38  A   B "C4'" 1 
ATOM   731 O "O4'" . A   B 1 15 ? -3.595  0.004   11.486  1.00 69.56  ? 38  A   B "O4'" 1 
ATOM   732 C "C3'" . A   B 1 15 ? -3.114  1.190   13.427  1.00 70.29  ? 38  A   B "C3'" 1 
ATOM   733 O "O3'" . A   B 1 15 ? -3.268  1.237   14.837  1.00 73.13  ? 38  A   B "O3'" 1 
ATOM   734 C "C2'" . A   B 1 15 ? -1.831  0.499   12.985  1.00 68.15  ? 38  A   B "C2'" 1 
ATOM   735 O "O2'" . A   B 1 15 ? -1.601  -0.700  13.702  1.00 67.79  ? 38  A   B "O2'" 1 
ATOM   736 C "C1'" . A   B 1 15 ? -2.180  0.137   11.541  1.00 64.40  ? 38  A   B "C1'" 1 
ATOM   737 N N9    . A   B 1 15 ? -1.768  1.120   10.536  1.00 56.57  ? 38  A   B N9    1 
ATOM   738 C C8    . A   B 1 15 ? -2.580  1.990   9.860   1.00 56.24  ? 38  A   B C8    1 
ATOM   739 N N7    . A   B 1 15 ? -1.948  2.743   8.991   1.00 53.94  ? 38  A   B N7    1 
ATOM   740 C C5    . A   B 1 15 ? -0.624  2.348   9.109   1.00 50.98  ? 38  A   B C5    1 
ATOM   741 C C6    . A   B 1 15 ? 0.557   2.770   8.447   1.00 49.97  ? 38  A   B C6    1 
ATOM   742 N N6    . A   B 1 15 ? 0.587   3.738   7.516   1.00 42.17  ? 38  A   B N6    1 
ATOM   743 N N1    . A   B 1 15 ? 1.717   2.155   8.784   1.00 49.85  ? 38  A   B N1    1 
ATOM   744 C C2    . A   B 1 15 ? 1.679   1.196   9.728   1.00 51.39  ? 38  A   B C2    1 
ATOM   745 N N3    . A   B 1 15 ? 0.631   0.725   10.425  1.00 50.46  ? 38  A   B N3    1 
ATOM   746 C C4    . A   B 1 15 ? -0.499  1.348   10.059  1.00 51.92  ? 38  A   B C4    1 
ATOM   747 P P     . A   B 1 16 ? -2.937  2.600   15.620  1.00 77.12  ? 39  A   B P     1 
ATOM   748 O OP1   . A   B 1 16 ? -3.303  2.335   17.030  1.00 77.23  ? 39  A   B OP1   1 
ATOM   749 O OP2   . A   B 1 16 ? -3.530  3.775   14.922  1.00 72.64  ? 39  A   B OP2   1 
ATOM   750 O "O5'" . A   B 1 16 ? -1.346  2.691   15.506  1.00 75.97  ? 39  A   B "O5'" 1 
ATOM   751 C "C5'" . A   B 1 16 ? -0.513  1.659   16.040  1.00 74.73  ? 39  A   B "C5'" 1 
ATOM   752 C "C4'" . A   B 1 16 ? 0.929   1.891   15.646  1.00 75.65  ? 39  A   B "C4'" 1 
ATOM   753 O "O4'" . A   B 1 16 ? 1.103   1.621   14.227  1.00 75.26  ? 39  A   B "O4'" 1 
ATOM   754 C "C3'" . A   B 1 16 ? 1.415   3.316   15.844  1.00 76.27  ? 39  A   B "C3'" 1 
ATOM   755 O "O3'" . A   B 1 16 ? 1.893   3.503   17.172  1.00 77.12  ? 39  A   B "O3'" 1 
ATOM   756 C "C2'" . A   B 1 16 ? 2.517   3.434   14.798  1.00 74.96  ? 39  A   B "C2'" 1 
ATOM   757 O "O2'" . A   B 1 16 ? 3.725   2.849   15.240  1.00 74.14  ? 39  A   B "O2'" 1 
ATOM   758 C "C1'" . A   B 1 16 ? 1.918   2.623   13.639  1.00 73.09  ? 39  A   B "C1'" 1 
ATOM   759 N N9    . A   B 1 16 ? 1.057   3.415   12.760  1.00 69.65  ? 39  A   B N9    1 
ATOM   760 C C8    . A   B 1 16 ? -0.293  3.611   12.922  1.00 69.55  ? 39  A   B C8    1 
ATOM   761 N N7    . A   B 1 16 ? -0.828  4.396   12.021  1.00 68.45  ? 39  A   B N7    1 
ATOM   762 C C5    . A   B 1 16 ? 0.239   4.734   11.202  1.00 66.82  ? 39  A   B C5    1 
ATOM   763 C C6    . A   B 1 16 ? 0.325   5.556   10.070  1.00 64.39  ? 39  A   B C6    1 
ATOM   764 N N6    . A   B 1 16 ? -0.718  6.201   9.562   1.00 64.08  ? 39  A   B N6    1 
ATOM   765 N N1    . A   B 1 16 ? 1.528   5.694   9.478   1.00 62.47  ? 39  A   B N1    1 
ATOM   766 C C2    . A   B 1 16 ? 2.573   5.043   10.004  1.00 65.02  ? 39  A   B C2    1 
ATOM   767 N N3    . A   B 1 16 ? 2.620   4.240   11.072  1.00 67.31  ? 39  A   B N3    1 
ATOM   768 C C4    . A   B 1 16 ? 1.404   4.127   11.635  1.00 67.80  ? 39  A   B C4    1 
ATOM   769 P P     . A   B 1 17 ? 1.141   4.544   18.143  1.00 79.25  ? 40  A   B P     1 
ATOM   770 O OP1   . A   B 1 17 ? 0.427   3.745   19.183  1.00 78.39  ? 40  A   B OP1   1 
ATOM   771 O OP2   . A   B 1 17 ? 0.381   5.511   17.301  1.00 78.14  ? 40  A   B OP2   1 
ATOM   772 O "O5'" . A   B 1 17 ? 2.324   5.362   18.827  1.00 75.69  ? 40  A   B "O5'" 1 
ATOM   773 C "C5'" . A   B 1 17 ? 3.050   6.334   18.087  1.00 71.16  ? 40  A   B "C5'" 1 
ATOM   774 C "C4'" . A   B 1 17 ? 4.352   6.649   18.774  1.00 68.00  ? 40  A   B "C4'" 1 
ATOM   775 O "O4'" . A   B 1 17 ? 5.186   5.473   18.788  1.00 66.93  ? 40  A   B "O4'" 1 
ATOM   776 C "C3'" . A   B 1 17 ? 5.205   7.661   18.044  1.00 67.30  ? 40  A   B "C3'" 1 
ATOM   777 O "O3'" . A   B 1 17 ? 4.798   8.962   18.387  1.00 65.76  ? 40  A   B "O3'" 1 
ATOM   778 C "C2'" . A   B 1 17 ? 6.603   7.375   18.557  1.00 66.72  ? 40  A   B "C2'" 1 
ATOM   779 O "O2'" . A   B 1 17 ? 6.880   8.022   19.774  1.00 66.97  ? 40  A   B "O2'" 1 
ATOM   780 C "C1'" . A   B 1 17 ? 6.541   5.867   18.763  1.00 67.07  ? 40  A   B "C1'" 1 
ATOM   781 N N9    . A   B 1 17 ? 7.231   5.109   17.729  1.00 67.51  ? 40  A   B N9    1 
ATOM   782 C C8    . A   B 1 17 ? 6.772   4.065   16.971  1.00 67.93  ? 40  A   B C8    1 
ATOM   783 N N7    . A   B 1 17 ? 7.687   3.535   16.198  1.00 68.68  ? 40  A   B N7    1 
ATOM   784 C C5    . A   B 1 17 ? 8.815   4.300   16.451  1.00 68.07  ? 40  A   B C5    1 
ATOM   785 C C6    . A   B 1 17 ? 10.124  4.235   15.967  1.00 68.25  ? 40  A   B C6    1 
ATOM   786 N N6    . A   B 1 17 ? 10.547  3.320   15.094  1.00 67.83  ? 40  A   B N6    1 
ATOM   787 N N1    . A   B 1 17 ? 11.004  5.149   16.424  1.00 68.58  ? 40  A   B N1    1 
ATOM   788 C C2    . A   B 1 17 ? 10.585  6.054   17.313  1.00 67.78  ? 40  A   B C2    1 
ATOM   789 N N3    . A   B 1 17 ? 9.386   6.210   17.847  1.00 67.00  ? 40  A   B N3    1 
ATOM   790 C C4    . A   B 1 17 ? 8.539   5.288   17.371  1.00 67.53  ? 40  A   B C4    1 
ATOM   791 P P     . A   B 1 18 ? 4.590   10.028  17.226  1.00 65.20  ? 41  A   B P     1 
ATOM   792 O OP1   . A   B 1 18 ? 3.893   11.204  17.807  1.00 66.44  ? 41  A   B OP1   1 
ATOM   793 O OP2   . A   B 1 18 ? 3.964   9.278   16.107  1.00 65.41  ? 41  A   B OP2   1 
ATOM   794 O "O5'" . A   B 1 18 ? 6.083   10.429  16.831  1.00 62.21  ? 41  A   B "O5'" 1 
ATOM   795 C "C5'" . A   B 1 18 ? 6.883   11.194  17.722  1.00 59.74  ? 41  A   B "C5'" 1 
ATOM   796 C "C4'" . A   B 1 18 ? 8.332   11.105  17.328  1.00 60.05  ? 41  A   B "C4'" 1 
ATOM   797 O "O4'" . A   B 1 18 ? 8.693   9.711   17.252  1.00 57.51  ? 41  A   B "O4'" 1 
ATOM   798 C "C3'" . A   B 1 18 ? 8.696   11.675  15.964  1.00 60.36  ? 41  A   B "C3'" 1 
ATOM   799 O "O3'" . A   B 1 18 ? 9.001   13.067  16.117  1.00 63.22  ? 41  A   B "O3'" 1 
ATOM   800 C "C2'" . A   B 1 18 ? 9.946   10.875  15.602  1.00 56.46  ? 41  A   B "C2'" 1 
ATOM   801 O "O2'" . A   B 1 18 ? 11.093  11.350  16.254  1.00 59.02  ? 41  A   B "O2'" 1 
ATOM   802 C "C1'" . A   B 1 18 ? 9.657   9.526   16.241  1.00 54.57  ? 41  A   B "C1'" 1 
ATOM   803 N N9    . A   B 1 18 ? 9.174   8.488   15.344  1.00 52.34  ? 41  A   B N9    1 
ATOM   804 C C8    . A   B 1 18 ? 7.880   8.179   15.025  1.00 51.28  ? 41  A   B C8    1 
ATOM   805 N N7    . A   B 1 18 ? 7.769   7.134   14.244  1.00 51.10  ? 41  A   B N7    1 
ATOM   806 C C5    . A   B 1 18 ? 9.081   6.746   14.023  1.00 50.45  ? 41  A   B C5    1 
ATOM   807 C C6    . A   B 1 18 ? 9.646   5.703   13.265  1.00 50.83  ? 41  A   B C6    1 
ATOM   808 N N6    . A   B 1 18 ? 8.930   4.839   12.552  1.00 49.00  ? 41  A   B N6    1 
ATOM   809 N N1    . A   B 1 18 ? 10.994  5.589   13.254  1.00 50.53  ? 41  A   B N1    1 
ATOM   810 C C2    . A   B 1 18 ? 11.711  6.481   13.950  1.00 50.94  ? 41  A   B C2    1 
ATOM   811 N N3    . A   B 1 18 ? 11.290  7.513   14.689  1.00 50.89  ? 41  A   B N3    1 
ATOM   812 C C4    . A   B 1 18 ? 9.953   7.584   14.682  1.00 49.99  ? 41  A   B C4    1 
ATOM   813 P P     . G   B 1 19 ? 8.126   14.180  15.344  1.00 67.58  ? 42  G   B P     1 
ATOM   814 O OP1   . G   B 1 19 ? 8.312   15.472  16.050  1.00 69.08  ? 42  G   B OP1   1 
ATOM   815 O OP2   . G   B 1 19 ? 6.748   13.644  15.146  1.00 66.00  ? 42  G   B OP2   1 
ATOM   816 O "O5'" . G   B 1 19 ? 8.866   14.332  13.944  1.00 65.33  ? 42  G   B "O5'" 1 
ATOM   817 C "C5'" . G   B 1 19 ? 10.276  14.538  13.909  1.00 61.45  ? 42  G   B "C5'" 1 
ATOM   818 C "C4'" . G   B 1 19 ? 10.801  14.353  12.509  1.00 60.84  ? 42  G   B "C4'" 1 
ATOM   819 O "O4'" . G   B 1 19 ? 10.500  13.009  12.029  1.00 55.42  ? 42  G   B "O4'" 1 
ATOM   820 C "C3'" . G   B 1 19 ? 10.175  15.259  11.471  1.00 61.02  ? 42  G   B "C3'" 1 
ATOM   821 O "O3'" . G   B 1 19 ? 10.811  16.518  11.488  1.00 66.24  ? 42  G   B "O3'" 1 
ATOM   822 C "C2'" . G   B 1 19 ? 10.435  14.482  10.192  1.00 57.31  ? 42  G   B "C2'" 1 
ATOM   823 O "O2'" . G   B 1 19 ? 11.789  14.559  9.799   1.00 59.31  ? 42  G   B "O2'" 1 
ATOM   824 C "C1'" . G   B 1 19 ? 10.131  13.064  10.665  1.00 53.79  ? 42  G   B "C1'" 1 
ATOM   825 N N9    . G   B 1 19 ? 8.708   12.762  10.602  1.00 52.26  ? 42  G   B N9    1 
ATOM   826 C C8    . G   B 1 19 ? 7.946   12.194  11.595  1.00 51.20  ? 42  G   B C8    1 
ATOM   827 N N7    . G   B 1 19 ? 6.696   12.030  11.249  1.00 50.78  ? 42  G   B N7    1 
ATOM   828 C C5    . G   B 1 19 ? 6.628   12.530  9.956   1.00 47.95  ? 42  G   B C5    1 
ATOM   829 C C6    . G   B 1 19 ? 5.535   12.617  9.070   1.00 48.98  ? 42  G   B C6    1 
ATOM   830 O O6    . G   B 1 19 ? 4.364   12.252  9.256   1.00 53.04  ? 42  G   B O6    1 
ATOM   831 N N1    . G   B 1 19 ? 5.899   13.191  7.855   1.00 45.91  ? 42  G   B N1    1 
ATOM   832 C C2    . G   B 1 19 ? 7.156   13.615  7.537   1.00 46.43  ? 42  G   B C2    1 
ATOM   833 N N2    . G   B 1 19 ? 7.304   14.134  6.322   1.00 45.58  ? 42  G   B N2    1 
ATOM   834 N N3    . G   B 1 19 ? 8.195   13.537  8.355   1.00 47.37  ? 42  G   B N3    1 
ATOM   835 C C4    . G   B 1 19 ? 7.858   12.985  9.540   1.00 49.42  ? 42  G   B C4    1 
ATOM   836 P P     . U   B 1 20 ? 9.919   17.845  11.584  1.00 73.56  ? 43  U   B P     1 
ATOM   837 O OP1   . U   B 1 20 ? 10.847  18.962  11.941  1.00 72.86  ? 43  U   B OP1   1 
ATOM   838 O OP2   . U   B 1 20 ? 8.744   17.553  12.446  1.00 74.75  ? 43  U   B OP2   1 
ATOM   839 O "O5'" . U   B 1 20 ? 9.355   18.056  10.110  1.00 70.30  ? 43  U   B "O5'" 1 
ATOM   840 C "C5'" . U   B 1 20 ? 10.243  18.217  9.024   1.00 67.79  ? 43  U   B "C5'" 1 
ATOM   841 C "C4'" . U   B 1 20 ? 9.471   18.383  7.752   1.00 67.02  ? 43  U   B "C4'" 1 
ATOM   842 O "O4'" . U   B 1 20 ? 8.663   17.210  7.526   1.00 64.41  ? 43  U   B "O4'" 1 
ATOM   843 C "C3'" . U   B 1 20 ? 8.442   19.488  7.745   1.00 68.26  ? 43  U   B "C3'" 1 
ATOM   844 O "O3'" . U   B 1 20 ? 9.075   20.740  7.536   1.00 74.83  ? 43  U   B "O3'" 1 
ATOM   845 C "C2'" . U   B 1 20 ? 7.556   19.072  6.573   1.00 65.49  ? 43  U   B "C2'" 1 
ATOM   846 O "O2'" . U   B 1 20 ? 8.070   19.370  5.297   1.00 67.97  ? 43  U   B "O2'" 1 
ATOM   847 C "C1'" . U   B 1 20 ? 7.569   17.557  6.708   1.00 61.00  ? 43  U   B "C1'" 1 
ATOM   848 N N1    . U   B 1 20 ? 6.346   17.048  7.322   1.00 57.37  ? 43  U   B N1    1 
ATOM   849 C C2    . U   B 1 20 ? 5.184   17.202  6.604   1.00 55.88  ? 43  U   B C2    1 
ATOM   850 O O2    . U   B 1 20 ? 5.151   17.768  5.516   1.00 54.69  ? 43  U   B O2    1 
ATOM   851 N N3    . U   B 1 20 ? 4.068   16.684  7.204   1.00 53.94  ? 43  U   B N3    1 
ATOM   852 C C4    . U   B 1 20 ? 4.012   16.054  8.431   1.00 53.77  ? 43  U   B C4    1 
ATOM   853 O O4    . U   B 1 20 ? 2.933   15.619  8.833   1.00 55.90  ? 43  U   B O4    1 
ATOM   854 C C5    . U   B 1 20 ? 5.262   15.953  9.113   1.00 51.84  ? 43  U   B C5    1 
ATOM   855 C C6    . U   B 1 20 ? 6.357   16.440  8.550   1.00 54.21  ? 43  U   B C6    1 
ATOM   856 P P     . C   B 1 21 ? 8.657   21.998  8.437   1.00 79.56  ? 44  C   B P     1 
ATOM   857 O OP1   . C   B 1 21 ? 9.703   23.029  8.208   1.00 79.57  ? 44  C   B OP1   1 
ATOM   858 O OP2   . C   B 1 21 ? 8.375   21.535  9.819   1.00 80.38  ? 44  C   B OP2   1 
ATOM   859 O "O5'" . C   B 1 21 ? 7.276   22.472  7.803   1.00 80.48  ? 44  C   B "O5'" 1 
ATOM   860 C "C5'" . C   B 1 21 ? 7.221   22.941  6.463   1.00 84.61  ? 44  C   B "C5'" 1 
ATOM   861 C "C4'" . C   B 1 21 ? 5.822   22.807  5.915   1.00 87.48  ? 44  C   B "C4'" 1 
ATOM   862 O "O4'" . C   B 1 21 ? 5.442   21.409  5.935   1.00 85.95  ? 44  C   B "O4'" 1 
ATOM   863 C "C3'" . C   B 1 21 ? 4.718   23.481  6.715   1.00 90.76  ? 44  C   B "C3'" 1 
ATOM   864 O "O3'" . C   B 1 21 ? 4.610   24.875  6.442   1.00 96.58  ? 44  C   B "O3'" 1 
ATOM   865 C "C2'" . C   B 1 21 ? 3.486   22.723  6.243   1.00 89.30  ? 44  C   B "C2'" 1 
ATOM   866 O "O2'" . C   B 1 21 ? 2.998   23.170  4.996   1.00 90.51  ? 44  C   B "O2'" 1 
ATOM   867 C "C1'" . C   B 1 21 ? 4.042   21.305  6.115   1.00 86.30  ? 44  C   B "C1'" 1 
ATOM   868 N N1    . C   B 1 21 ? 3.767   20.509  7.319   1.00 84.03  ? 44  C   B N1    1 
ATOM   869 C C2    . C   B 1 21 ? 2.552   19.842  7.381   1.00 82.62  ? 44  C   B C2    1 
ATOM   870 O O2    . C   B 1 21 ? 1.784   19.933  6.411   1.00 83.10  ? 44  C   B O2    1 
ATOM   871 N N3    . C   B 1 21 ? 2.243   19.113  8.479   1.00 80.39  ? 44  C   B N3    1 
ATOM   872 C C4    . C   B 1 21 ? 3.112   19.032  9.489   1.00 79.67  ? 44  C   B C4    1 
ATOM   873 N N4    . C   B 1 21 ? 2.766   18.287  10.551  1.00 77.28  ? 44  C   B N4    1 
ATOM   874 C C5    . C   B 1 21 ? 4.372   19.703  9.454   1.00 79.82  ? 44  C   B C5    1 
ATOM   875 C C6    . C   B 1 21 ? 4.656   20.427  8.358   1.00 82.14  ? 44  C   B C6    1 
ATOM   876 P P     . G   B 1 22 ? 3.894   25.837  7.512   1.00 101.21 ? 45  G   B P     1 
ATOM   877 O OP1   . G   B 1 22 ? 3.978   27.221  6.991   1.00 101.06 ? 45  G   B OP1   1 
ATOM   878 O OP2   . G   B 1 22 ? 4.432   25.527  8.858   1.00 100.66 ? 45  G   B OP2   1 
ATOM   879 O "O5'" . G   B 1 22 ? 2.373   25.376  7.463   1.00 105.15 ? 45  G   B "O5'" 1 
ATOM   880 C "C5'" . G   B 1 22 ? 1.598   25.591  6.295   1.00 113.74 ? 45  G   B "C5'" 1 
ATOM   881 C "C4'" . G   B 1 22 ? 0.135   25.403  6.598   1.00 120.11 ? 45  G   B "C4'" 1 
ATOM   882 O "O4'" . G   B 1 22 ? -0.190  23.990  6.662   1.00 121.22 ? 45  G   B "O4'" 1 
ATOM   883 C "C3'" . G   B 1 22 ? -0.330  25.935  7.942   1.00 123.25 ? 45  G   B "C3'" 1 
ATOM   884 O "O3'" . G   B 1 22 ? -0.516  27.343  7.940   1.00 128.31 ? 45  G   B "O3'" 1 
ATOM   885 C "C2'" . G   B 1 22 ? -1.631  25.174  8.136   1.00 122.93 ? 45  G   B "C2'" 1 
ATOM   886 O "O2'" . G   B 1 22 ? -2.709  25.723  7.403   1.00 122.38 ? 45  G   B "O2'" 1 
ATOM   887 C "C1'" . G   B 1 22 ? -1.252  23.799  7.583   1.00 122.43 ? 45  G   B "C1'" 1 
ATOM   888 N N9    . G   B 1 22 ? -0.797  22.907  8.642   1.00 122.92 ? 45  G   B N9    1 
ATOM   889 C C8    . G   B 1 22 ? 0.425   22.888  9.272   1.00 123.06 ? 45  G   B C8    1 
ATOM   890 N N7    . G   B 1 22 ? 0.505   21.980  10.208  1.00 122.66 ? 45  G   B N7    1 
ATOM   891 C C5    . G   B 1 22 ? -0.736  21.360  10.186  1.00 123.04 ? 45  G   B C5    1 
ATOM   892 C C6    . G   B 1 22 ? -1.253  20.297  10.972  1.00 123.20 ? 45  G   B C6    1 
ATOM   893 O O6    . G   B 1 22 ? -0.698  19.659  11.886  1.00 123.23 ? 45  G   B O6    1 
ATOM   894 N N1    . G   B 1 22 ? -2.558  19.987  10.604  1.00 123.04 ? 45  G   B N1    1 
ATOM   895 C C2    . G   B 1 22 ? -3.273  20.617  9.613   1.00 122.95 ? 45  G   B C2    1 
ATOM   896 N N2    . G   B 1 22 ? -4.517  20.179  9.396   1.00 124.09 ? 45  G   B N2    1 
ATOM   897 N N3    . G   B 1 22 ? -2.806  21.603  8.885   1.00 122.62 ? 45  G   B N3    1 
ATOM   898 C C4    . G   B 1 22 ? -1.544  21.921  9.220   1.00 122.91 ? 45  G   B C4    1 
ATOM   899 P P     . C   B 1 23 ? -0.334  28.164  9.309   1.00 132.05 ? 46  C   B P     1 
ATOM   900 O OP1   . C   B 1 23 ? 0.095   29.541  8.942   1.00 131.57 ? 46  C   B OP1   1 
ATOM   901 O OP2   . C   B 1 23 ? 0.508   27.355  10.229  1.00 131.24 ? 46  C   B OP2   1 
ATOM   902 O "O5'" . C   B 1 23 ? -1.807  28.213  9.911   1.00 133.32 ? 46  C   B "O5'" 1 
ATOM   903 C "C5'" . C   B 1 23 ? -2.908  28.610  9.099   1.00 137.42 ? 46  C   B "C5'" 1 
ATOM   904 C "C4'" . C   B 1 23 ? -4.167  27.914  9.554   1.00 139.89 ? 46  C   B "C4'" 1 
ATOM   905 O "O4'" . C   B 1 23 ? -3.988  26.482  9.407   1.00 140.99 ? 46  C   B "O4'" 1 
ATOM   906 C "C3'" . C   B 1 23 ? -4.515  28.093  11.023  1.00 140.89 ? 46  C   B "C3'" 1 
ATOM   907 O "O3'" . C   B 1 23 ? -5.123  29.357  11.320  1.00 141.16 ? 46  C   B "O3'" 1 
ATOM   908 C "C2'" . C   B 1 23 ? -5.383  26.871  11.295  1.00 141.51 ? 46  C   B "C2'" 1 
ATOM   909 O "O2'" . C   B 1 23 ? -6.713  27.030  10.841  1.00 141.94 ? 46  C   B "O2'" 1 
ATOM   910 C "C1'" . C   B 1 23 ? -4.664  25.809  10.458  1.00 141.68 ? 46  C   B "C1'" 1 
ATOM   911 N N1    . C   B 1 23 ? -3.670  25.047  11.228  1.00 141.69 ? 46  C   B N1    1 
ATOM   912 C C2    . C   B 1 23 ? -4.070  23.866  11.834  1.00 141.16 ? 46  C   B C2    1 
ATOM   913 O O2    . C   B 1 23 ? -5.248  23.506  11.707  1.00 140.23 ? 46  C   B O2    1 
ATOM   914 N N3    . C   B 1 23 ? -3.168  23.149  12.544  1.00 141.37 ? 46  C   B N3    1 
ATOM   915 C C4    . C   B 1 23 ? -1.916  23.583  12.666  1.00 141.50 ? 46  C   B C4    1 
ATOM   916 N N4    . C   B 1 23 ? -1.072  22.844  13.387  1.00 141.19 ? 46  C   B N4    1 
ATOM   917 C C5    . C   B 1 23 ? -1.478  24.794  12.056  1.00 141.84 ? 46  C   B C5    1 
ATOM   918 C C6    . C   B 1 23 ? -2.381  25.488  11.351  1.00 142.12 ? 46  C   B C6    1 
HETATM 919 C C11   . N33 C 2 .  ? -6.307  -12.387 -9.738  1.00 92.16  ? 50  N33 A C11   1 
HETATM 920 O O11   . N33 C 2 .  ? -5.152  -11.593 -9.329  1.00 85.28  ? 50  N33 A O11   1 
HETATM 921 C C21   . N33 C 2 .  ? -7.106  -12.562 -8.407  1.00 96.11  ? 50  N33 A C21   1 
HETATM 922 N N21   . N33 C 2 .  ? -7.484  -11.249 -7.833  1.00 96.32  ? 50  N33 A N21   1 
HETATM 923 C C31   . N33 C 2 .  ? -6.280  -13.399 -7.336  1.00 99.01  ? 50  N33 A C31   1 
HETATM 924 O O31   . N33 C 2 .  ? -7.039  -13.516 -6.064  1.00 102.61 ? 50  N33 A O31   1 
HETATM 925 C C41   . N33 C 2 .  ? -5.910  -14.795 -8.005  1.00 98.17  ? 50  N33 A C41   1 
HETATM 926 O O41   . N33 C 2 .  ? -5.148  -15.605 -7.128  1.00 99.18  ? 50  N33 A O41   1 
HETATM 927 C C51   . N33 C 2 .  ? -5.120  -14.572 -9.350  1.00 97.52  ? 50  N33 A C51   1 
HETATM 928 O O51   . N33 C 2 .  ? -5.915  -13.724 -10.263 1.00 94.07  ? 50  N33 A O51   1 
HETATM 929 C C61   . N33 C 2 .  ? -4.784  -15.897 -10.033 1.00 98.55  ? 50  N33 A C61   1 
HETATM 930 O O61   . N33 C 2 .  ? -4.080  -15.686 -11.232 1.00 100.66 ? 50  N33 A O61   1 
HETATM 931 C C12   . N33 C 2 .  ? -1.941  -9.167  -10.981 1.00 75.12  ? 50  N33 A C12   1 
HETATM 932 N N12   . N33 C 2 .  ? -0.824  -8.714  -11.864 1.00 74.10  ? 50  N33 A N12   1 
HETATM 933 C C22   . N33 C 2 .  ? -1.557  -10.537 -10.273 1.00 76.49  ? 50  N33 A C22   1 
HETATM 934 C C32   . N33 C 2 .  ? -2.765  -11.002 -9.349  1.00 78.49  ? 50  N33 A C32   1 
HETATM 935 N N32   . N33 C 2 .  ? -2.433  -12.283 -8.690  1.00 78.66  ? 50  N33 A N32   1 
HETATM 936 C C42   . N33 C 2 .  ? -4.078  -11.167 -10.220 1.00 79.72  ? 50  N33 A C42   1 
HETATM 937 C C52   . N33 C 2 .  ? -4.442  -9.825  -10.914 1.00 76.74  ? 50  N33 A C52   1 
HETATM 938 O O52   . N33 C 2 .  ? -5.629  -10.062 -11.724 1.00 76.82  ? 50  N33 A O52   1 
HETATM 939 C C62   . N33 C 2 .  ? -3.268  -9.367  -11.810 1.00 74.44  ? 50  N33 A C62   1 
HETATM 940 O O62   . N33 C 2 .  ? -3.622  -8.145  -12.423 1.00 74.36  ? 50  N33 A O62   1 
HETATM 941 C C13   . N33 C 2 .  ? -10.930 -17.655 -4.271  1.00 113.26 ? 50  N33 A C13   1 
HETATM 942 O O13   . N33 C 2 .  ? -10.143 -18.696 -4.889  1.00 139.57 ? 50  N33 A O13   1 
HETATM 943 C C23   . N33 C 2 .  ? -10.330 -16.279 -4.723  1.00 113.32 ? 50  N33 A C23   1 
HETATM 944 N N23   . N33 C 2 .  ? -10.328 -16.159 -6.203  1.00 113.24 ? 50  N33 A N23   1 
HETATM 945 C C33   . N33 C 2 .  ? -8.861  -16.064 -4.148  1.00 111.64 ? 50  N33 A C33   1 
HETATM 946 O O33   . N33 C 2 .  ? -8.293  -14.782 -4.524  1.00 109.57 ? 50  N33 A O33   1 
HETATM 947 C C43   . N33 C 2 .  ? -8.915  -16.184 -2.592  1.00 111.96 ? 50  N33 A C43   1 
HETATM 948 O O43   . N33 C 2 .  ? -7.631  -16.011 -2.025  1.00 110.80 ? 50  N33 A O43   1 
HETATM 949 C C53   . N33 C 2 .  ? -9.529  -17.581 -2.180  1.00 113.11 ? 50  N33 A C53   1 
HETATM 950 O O53   . N33 C 2 .  ? -10.869 -17.752 -2.787  1.00 114.24 ? 50  N33 A O53   1 
HETATM 951 C C63   . N33 C 2 .  ? -9.643  -17.727 -0.670  1.00 113.91 ? 50  N33 A C63   1 
HETATM 952 O O63   . N33 C 2 .  ? -10.201 -18.975 -0.338  1.00 114.38 ? 50  N33 A O63   1 
HETATM 953 C C77   . N33 C 2 .  ? -7.593  -14.896 -5.798  1.00 106.13 ? 50  N33 A C77   1 
HETATM 954 O O     . HOH D 3 .  ? 0.097   -2.223  -13.968 1.00 59.10  ? 101 HOH A O     1 
HETATM 955 O O     . HOH D 3 .  ? 0.931   8.990   11.584  1.00 52.29  ? 103 HOH A O     1 
HETATM 956 O O     . HOH D 3 .  ? 1.068   13.565  10.977  1.00 77.69  ? 104 HOH A O     1 
HETATM 957 O O     . HOH D 3 .  ? 0.743   11.694  13.189  1.00 56.65  ? 106 HOH A O     1 
HETATM 958 O O     . HOH D 3 .  ? -1.752  11.631  11.550  1.00 94.40  ? 107 HOH A O     1 
HETATM 959 O O     . HOH D 3 .  ? -2.864  10.267  14.312  1.00 86.63  ? 108 HOH A O     1 
HETATM 960 O O     . HOH D 3 .  ? 0.265   -0.622  0.694   1.00 63.13  ? 112 HOH A O     1 
HETATM 961 O O     . HOH D 3 .  ? 0.794   -4.583  0.754   1.00 41.34  ? 113 HOH A O     1 
HETATM 962 O O     . HOH D 3 .  ? 0.452   -6.946  -1.648  1.00 66.31  ? 114 HOH A O     1 
HETATM 963 O O     . HOH D 3 .  ? -10.586 -11.796 -6.480  1.00 62.53  ? 115 HOH A O     1 
HETATM 964 O O     . HOH D 3 .  ? 2.455   -21.500 -16.745 1.00 59.71  ? 116 HOH A O     1 
HETATM 965 O O     . HOH D 3 .  ? 3.433   -5.355  -0.569  1.00 70.38  ? 119 HOH A O     1 
HETATM 966 O O     . HOH D 3 .  ? 1.538   -11.469 0.531   1.00 68.61  ? 120 HOH A O     1 
HETATM 967 O O     . HOH D 3 .  ? 8.204   -2.414  -0.236  1.00 79.51  ? 121 HOH A O     1 
HETATM 968 O O     . HOH D 3 .  ? 12.190  -4.957  2.337   1.00 77.95  ? 122 HOH A O     1 
HETATM 969 O O     . HOH D 3 .  ? -5.571  -13.222 -0.765  1.00 61.83  ? 123 HOH A O     1 
HETATM 970 O O     . HOH D 3 .  ? -6.664  -15.461 1.938   1.00 77.58  ? 124 HOH A O     1 
HETATM 971 O O     . HOH D 3 .  ? -11.048 -12.489 -2.281  1.00 61.96  ? 125 HOH A O     1 
HETATM 972 O O     . HOH D 3 .  ? -1.465  -5.663  -0.907  1.00 70.99  ? 126 HOH A O     1 
HETATM 973 O O     . HOH D 3 .  ? 3.749   2.818   -1.514  1.00 73.57  ? 127 HOH A O     1 
HETATM 974 O O     . HOH D 3 .  ? 1.318   -4.001  10.374  1.00 62.94  ? 128 HOH A O     1 
HETATM 975 O O     . HOH D 3 .  ? -0.765  8.154   13.735  1.00 58.80  ? 130 HOH A O     1 
HETATM 976 O O     . HOH D 3 .  ? -5.674  -9.172  -15.942 1.00 82.43  ? 136 HOH A O     1 
HETATM 977 O O     . HOH D 3 .  ? 1.890   19.298  1.010   1.00 63.02  ? 137 HOH A O     1 
HETATM 978 O O     . HOH D 3 .  ? -2.770  22.998  0.028   1.00 88.32  ? 138 HOH A O     1 
HETATM 979 O O     . HOH D 3 .  ? 0.727   15.695  12.296  1.00 93.45  ? 141 HOH A O     1 
HETATM 980 O O     . HOH E 3 .  ? 0.155   -12.960 -12.979 1.00 46.11  ? 102 HOH B O     1 
HETATM 981 O O     . HOH E 3 .  ? -7.293  7.109   9.034   1.00 81.15  ? 105 HOH B O     1 
HETATM 982 O O     . HOH E 3 .  ? -6.531  7.442   13.350  1.00 93.01  ? 109 HOH B O     1 
HETATM 983 O O     . HOH E 3 .  ? -7.568  10.376  -0.386  1.00 61.40  ? 110 HOH B O     1 
HETATM 984 O O     . HOH E 3 .  ? -2.940  3.618   3.757   1.00 60.41  ? 111 HOH B O     1 
HETATM 985 O O     . HOH E 3 .  ? -1.887  9.462   8.173   1.00 107.45 ? 117 HOH B O     1 
HETATM 986 O O     . HOH E 3 .  ? -9.883  9.372   1.806   1.00 82.89  ? 118 HOH B O     1 
HETATM 987 O O     . HOH E 3 .  ? 10.679  19.979  16.041  1.00 80.63  ? 129 HOH B O     1 
HETATM 988 O O     . HOH E 3 .  ? -2.025  4.555   7.045   1.00 57.98  ? 131 HOH B O     1 
HETATM 989 O O     . HOH E 3 .  ? 3.873   14.656  10.992  1.00 42.53  ? 132 HOH B O     1 
HETATM 990 O O     . HOH E 3 .  ? 13.122  9.194   15.085  1.00 73.25  ? 133 HOH B O     1 
HETATM 991 O O     . HOH E 3 .  ? 2.299   5.620   -2.824  1.00 86.10  ? 134 HOH B O     1 
HETATM 992 O O     . HOH E 3 .  ? 8.001   0.535   -3.304  1.00 82.25  ? 135 HOH B O     1 
HETATM 993 O O     . HOH E 3 .  ? -0.975  26.408  -1.232  1.00 89.41  ? 139 HOH B O     1 
HETATM 994 O O     . HOH E 3 .  ? -8.315  -26.090 -10.198 1.00 85.62  ? 140 HOH B O     1 
# 
